data_7MTR
#
_entry.id   7MTR
#
_cell.length_a   1.00
_cell.length_b   1.00
_cell.length_c   1.00
_cell.angle_alpha   90.00
_cell.angle_beta   90.00
_cell.angle_gamma   90.00
#
_symmetry.space_group_name_H-M   'P 1'
#
loop_
_entity.id
_entity.type
_entity.pdbx_description
1 polymer 'Metabotropic glutamate receptor 2'
2 non-polymer 'GLUTAMIC ACID'
3 non-polymer 2-acetamido-2-deoxy-beta-D-glucopyranose
4 non-polymer 2-methoxy-6-propyl-N-(2-{4-[(1H-tetrazol-5-yl)methoxy]phenyl}ethyl)thieno[2,3-d]pyrimidin-4-amine
#
_entity_poly.entity_id   1
_entity_poly.type   'polypeptide(L)'
_entity_poly.pdbx_seq_one_letter_code
;AEGPAKKVLTLEGDLVLGGLFPVHQKGGPAEDCGPVNEHRGIQRLEAMLFALDRINRDPHLLPGVRLGAHILDSCSKDTH
ALEQALDFVRASLSRGADGSRHICPDGSYATHGDAPTAITGVIGGSYSDVSIQVANLLRLFQIPQISYASTSAKLSDKSR
YDYFARTVPPDFFQAKAMAEILRFFNWTYVSTVASEGDYGETGIEAFELEARARNICVATSEKVGRAMSRAAFEGVVRAL
LQKPSARVAVLFTRSEDARELLAASQRLNASFTWVASDGWGALESVVAGSEGAAEGAITIELASYPISDFASYFQSLDPW
NNSRNPWFREFWEQRFRCSFRQRDCAAHSLRAVPFEQESKIMFVVNAVYAMAHALHNMHRALCPNTTRLCDAMRPVNGRR
LYKDFVLNVKFDAPFRPADTHNEVRFDRFGDGIGRYNIFTYLRAGSGRYRYQKVGYWAEGLTLDTSLIPWASPSAGPLPA
SRCSEPCLQNEVKSVQPGEVCCWLCIPCQPYEYRLDEFTCADCGLGYWPNASLTGCFELPQEYIRWGDAWAVGPVTIACL
GALATLFVLGVFVRHNATPVVKASGRELCYILLGGVFLCYCMTFIFIAKPSTAVCTLRRLGLGTAFSVCYSALLTKTNRI
ARIFGGAREGAQRPRFISPASQVAICLALISGQLLIVVAWLVVEAPGTGKETAPERREVVTLRCNHRDASMLGSLAYNVL
LIALCTLYAFKTRKCPENFNEAKFIGFTMYTTCIIWLAFLPIFYVTSSDYRVQTTTMCVSVSLSGSVVLGCLFAPKLHII
LFQPQKNVVSHRAPTSRFGSAAARASSSLGQGSGSQFVPTVCNGREVVDSTTSSL
;
_entity_poly.pdbx_strand_id   B,A
#
loop_
_chem_comp.id
_chem_comp.type
_chem_comp.name
_chem_comp.formula
NAG D-saccharide, beta linking 2-acetamido-2-deoxy-beta-D-glucopyranose 'C8 H15 N O6'
ZQY non-polymer 2-methoxy-6-propyl-N-(2-{4-[(1H-tetrazol-5-yl)methoxy]phenyl}ethyl)thieno[2,3-d]pyrimidin-4-amine 'C20 H23 N7 O2 S'
#
# COMPACT_ATOMS: atom_id res chain seq x y z
N LYS A 6 -43.79 36.03 -19.65
CA LYS A 6 -44.46 37.31 -19.87
C LYS A 6 -45.97 37.16 -19.73
N LYS A 7 -46.43 35.92 -19.60
CA LYS A 7 -47.84 35.60 -19.49
C LYS A 7 -48.14 35.12 -18.08
N VAL A 8 -49.31 35.48 -17.56
CA VAL A 8 -49.70 35.15 -16.20
C VAL A 8 -51.11 34.58 -16.20
N LEU A 9 -51.33 33.57 -15.35
CA LEU A 9 -52.65 32.96 -15.19
C LEU A 9 -53.31 33.55 -13.95
N THR A 10 -54.51 34.12 -14.14
CA THR A 10 -55.20 34.85 -13.09
C THR A 10 -56.63 34.35 -12.95
N LEU A 11 -57.02 34.03 -11.72
CA LEU A 11 -58.40 33.68 -11.39
C LEU A 11 -58.82 34.50 -10.18
N GLU A 12 -59.97 35.14 -10.27
CA GLU A 12 -60.40 36.04 -9.20
C GLU A 12 -60.88 35.24 -7.99
N GLY A 13 -60.78 35.87 -6.83
CA GLY A 13 -61.24 35.25 -5.60
C GLY A 13 -61.11 36.20 -4.44
N ASP A 14 -61.60 35.75 -3.28
CA ASP A 14 -61.45 36.53 -2.06
C ASP A 14 -60.03 36.48 -1.54
N LEU A 15 -59.40 35.32 -1.59
CA LEU A 15 -57.99 35.15 -1.26
C LEU A 15 -57.25 34.54 -2.43
N VAL A 16 -55.99 34.93 -2.60
CA VAL A 16 -55.20 34.56 -3.77
C VAL A 16 -54.00 33.75 -3.32
N LEU A 17 -53.77 32.61 -3.97
CA LEU A 17 -52.60 31.78 -3.75
C LEU A 17 -51.69 31.86 -4.97
N GLY A 18 -50.39 32.03 -4.73
CA GLY A 18 -49.44 32.05 -5.81
C GLY A 18 -49.00 30.66 -6.24
N GLY A 19 -48.33 30.60 -7.39
CA GLY A 19 -47.82 29.36 -7.91
C GLY A 19 -46.57 29.57 -8.72
N LEU A 20 -45.77 28.51 -8.84
CA LEU A 20 -44.50 28.57 -9.55
C LEU A 20 -44.21 27.19 -10.12
N PHE A 21 -44.32 27.05 -11.43
CA PHE A 21 -44.13 25.78 -12.12
C PHE A 21 -43.15 25.94 -13.28
N PRO A 22 -42.39 24.89 -13.60
CA PRO A 22 -41.47 24.92 -14.76
C PRO A 22 -42.16 24.52 -16.06
N VAL A 23 -42.98 25.42 -16.58
CA VAL A 23 -43.78 25.10 -17.76
C VAL A 23 -42.88 24.94 -18.99
N HIS A 24 -41.81 25.73 -19.09
CA HIS A 24 -40.93 25.71 -20.25
C HIS A 24 -39.55 25.20 -19.87
N GLN A 25 -38.93 24.46 -20.77
CA GLN A 25 -37.56 24.00 -20.58
C GLN A 25 -36.58 25.17 -20.70
N LYS A 26 -35.40 24.98 -20.13
CA LYS A 26 -34.36 26.01 -20.19
C LYS A 26 -33.90 26.22 -21.62
N GLY A 27 -33.90 27.49 -22.05
CA GLY A 27 -33.45 27.81 -23.38
C GLY A 27 -31.93 27.88 -23.45
N GLY A 28 -31.42 27.90 -24.69
CA GLY A 28 -30.00 28.01 -24.91
C GLY A 28 -29.50 29.43 -24.84
N PRO A 29 -28.22 29.63 -25.18
CA PRO A 29 -27.68 30.99 -25.26
C PRO A 29 -28.51 31.95 -26.11
N ALA A 30 -29.20 31.44 -27.14
CA ALA A 30 -29.90 32.30 -28.08
C ALA A 30 -31.13 32.94 -27.45
N GLU A 31 -31.95 32.16 -26.77
CA GLU A 31 -33.23 32.64 -26.27
C GLU A 31 -33.41 32.33 -24.80
N ASP A 32 -34.32 33.08 -24.17
CA ASP A 32 -34.56 32.95 -22.74
C ASP A 32 -35.31 31.66 -22.41
N CYS A 33 -36.33 31.33 -23.18
CA CYS A 33 -37.21 30.21 -22.88
C CYS A 33 -37.22 29.23 -24.05
N GLY A 34 -37.12 27.93 -23.73
CA GLY A 34 -37.09 26.92 -24.76
C GLY A 34 -38.44 26.27 -25.02
N PRO A 35 -38.42 24.97 -25.32
CA PRO A 35 -39.67 24.25 -25.61
C PRO A 35 -40.46 23.96 -24.34
N VAL A 36 -41.74 23.65 -24.54
CA VAL A 36 -42.63 23.44 -23.41
C VAL A 36 -42.32 22.10 -22.74
N ASN A 37 -42.43 22.08 -21.41
CA ASN A 37 -42.23 20.88 -20.61
C ASN A 37 -43.60 20.29 -20.31
N GLU A 38 -43.82 19.04 -20.70
CA GLU A 38 -45.18 18.52 -20.71
C GLU A 38 -45.60 17.86 -19.39
N HIS A 39 -44.73 17.05 -18.78
CA HIS A 39 -45.10 16.24 -17.62
C HIS A 39 -44.91 16.98 -16.31
N ARG A 40 -43.72 17.49 -16.06
CA ARG A 40 -43.50 18.29 -14.87
C ARG A 40 -44.00 19.72 -15.05
N GLY A 41 -44.68 19.96 -16.15
CA GLY A 41 -45.27 21.23 -16.51
C GLY A 41 -46.79 21.23 -16.48
N ILE A 42 -47.37 20.97 -17.67
CA ILE A 42 -48.80 21.09 -17.85
C ILE A 42 -49.57 20.22 -16.87
N GLN A 43 -49.09 19.00 -16.63
CA GLN A 43 -49.84 18.08 -15.79
C GLN A 43 -49.94 18.59 -14.35
N ARG A 44 -48.84 19.10 -13.81
CA ARG A 44 -48.86 19.62 -12.44
C ARG A 44 -49.68 20.90 -12.34
N LEU A 45 -49.58 21.77 -13.35
CA LEU A 45 -50.41 22.98 -13.33
C LEU A 45 -51.89 22.65 -13.38
N GLU A 46 -52.28 21.68 -14.21
CA GLU A 46 -53.68 21.29 -14.26
C GLU A 46 -54.12 20.60 -12.99
N ALA A 47 -53.21 19.88 -12.33
CA ALA A 47 -53.54 19.29 -11.03
C ALA A 47 -53.83 20.36 -9.99
N MET A 48 -53.03 21.42 -9.96
CA MET A 48 -53.30 22.52 -9.04
C MET A 48 -54.65 23.17 -9.35
N LEU A 49 -54.95 23.41 -10.63
CA LEU A 49 -56.23 24.04 -10.98
C LEU A 49 -57.40 23.14 -10.59
N PHE A 50 -57.26 21.84 -10.79
CA PHE A 50 -58.30 20.88 -10.43
C PHE A 50 -58.53 20.86 -8.92
N ALA A 51 -57.44 20.91 -8.14
CA ALA A 51 -57.57 20.97 -6.69
C ALA A 51 -58.28 22.24 -6.24
N LEU A 52 -57.93 23.39 -6.84
CA LEU A 52 -58.62 24.62 -6.46
C LEU A 52 -60.10 24.56 -6.78
N ASP A 53 -60.47 24.04 -7.95
CA ASP A 53 -61.90 23.98 -8.27
C ASP A 53 -62.66 23.02 -7.35
N ARG A 54 -62.02 21.91 -6.97
CA ARG A 54 -62.69 20.98 -6.07
C ARG A 54 -62.83 21.59 -4.67
N ILE A 55 -61.83 22.34 -4.21
CA ILE A 55 -61.95 23.01 -2.93
C ILE A 55 -63.05 24.07 -3.00
N ASN A 56 -63.11 24.80 -4.13
CA ASN A 56 -64.10 25.85 -4.26
C ASN A 56 -65.51 25.29 -4.38
N ARG A 57 -65.73 23.99 -4.28
CA ARG A 57 -67.13 23.47 -4.22
C ARG A 57 -67.26 22.39 -3.12
N ASP A 58 -66.87 22.68 -1.87
CA ASP A 58 -66.93 21.72 -0.74
C ASP A 58 -67.75 22.30 0.40
N PRO A 59 -68.71 21.54 1.00
CA PRO A 59 -69.47 22.01 2.15
C PRO A 59 -68.62 22.25 3.41
N HIS A 60 -67.58 21.45 3.64
CA HIS A 60 -66.80 21.55 4.90
C HIS A 60 -65.49 22.38 4.85
N LEU A 61 -64.96 22.82 3.68
CA LEU A 61 -63.69 23.54 3.76
C LEU A 61 -63.89 24.90 3.09
N LEU A 62 -63.82 25.96 3.87
CA LEU A 62 -64.05 27.33 3.40
C LEU A 62 -65.37 27.47 2.65
N PRO A 63 -66.51 27.24 3.31
CA PRO A 63 -67.79 27.30 2.60
C PRO A 63 -68.14 28.68 2.06
N GLY A 64 -67.56 29.75 2.61
CA GLY A 64 -67.92 31.08 2.18
C GLY A 64 -66.84 31.90 1.51
N VAL A 65 -65.64 31.34 1.36
CA VAL A 65 -64.52 32.05 0.77
C VAL A 65 -64.08 31.32 -0.50
N ARG A 66 -63.93 32.08 -1.59
CA ARG A 66 -63.51 31.56 -2.88
C ARG A 66 -62.03 31.86 -3.07
N LEU A 67 -61.24 30.81 -3.32
CA LEU A 67 -59.81 30.95 -3.50
C LEU A 67 -59.45 31.28 -4.95
N GLY A 68 -58.52 32.21 -5.11
CA GLY A 68 -58.00 32.59 -6.41
C GLY A 68 -56.61 32.03 -6.65
N ALA A 69 -56.06 32.39 -7.81
CA ALA A 69 -54.75 31.88 -8.21
C ALA A 69 -54.02 32.92 -9.05
N HIS A 70 -52.71 32.99 -8.85
CA HIS A 70 -51.80 33.85 -9.62
C HIS A 70 -50.57 33.00 -9.91
N ILE A 71 -50.57 32.30 -11.03
CA ILE A 71 -49.57 31.29 -11.34
C ILE A 71 -48.59 31.83 -12.36
N LEU A 72 -47.30 31.60 -12.12
CA LEU A 72 -46.21 32.09 -12.94
C LEU A 72 -45.39 30.91 -13.48
N ASP A 73 -44.43 31.24 -14.33
CA ASP A 73 -43.52 30.27 -14.95
C ASP A 73 -42.09 30.56 -14.53
N SER A 74 -41.34 29.51 -14.19
CA SER A 74 -39.97 29.69 -13.76
C SER A 74 -38.95 29.41 -14.86
N CYS A 75 -39.33 28.65 -15.88
CA CYS A 75 -38.48 28.31 -17.02
C CYS A 75 -37.16 27.68 -16.60
N SER A 76 -37.17 26.92 -15.50
CA SER A 76 -36.04 26.12 -15.07
C SER A 76 -34.80 26.95 -14.72
N LYS A 77 -34.99 28.23 -14.42
CA LYS A 77 -33.89 29.14 -14.14
C LYS A 77 -34.22 29.95 -12.89
N ASP A 78 -33.22 30.14 -12.04
CA ASP A 78 -33.46 30.86 -10.78
C ASP A 78 -33.57 32.36 -11.00
N THR A 79 -32.77 32.92 -11.90
CA THR A 79 -32.83 34.35 -12.15
C THR A 79 -34.17 34.75 -12.76
N HIS A 80 -34.67 33.96 -13.70
CA HIS A 80 -35.99 34.19 -14.28
C HIS A 80 -37.07 33.99 -13.22
N ALA A 81 -36.91 32.97 -12.38
CA ALA A 81 -37.93 32.70 -11.37
C ALA A 81 -38.04 33.85 -10.38
N LEU A 82 -36.89 34.43 -9.99
CA LEU A 82 -36.91 35.56 -9.05
C LEU A 82 -37.49 36.81 -9.70
N GLU A 83 -37.12 37.07 -10.96
CA GLU A 83 -37.69 38.20 -11.67
C GLU A 83 -39.20 38.07 -11.78
N GLN A 84 -39.70 36.86 -12.01
CA GLN A 84 -41.16 36.67 -12.05
C GLN A 84 -41.76 36.78 -10.66
N ALA A 85 -41.06 36.27 -9.64
CA ALA A 85 -41.58 36.25 -8.27
C ALA A 85 -41.62 37.62 -7.64
N LEU A 86 -41.01 38.63 -8.29
CA LEU A 86 -41.20 39.99 -7.81
C LEU A 86 -42.67 40.40 -7.79
N ASP A 87 -43.52 39.75 -8.59
CA ASP A 87 -44.95 40.08 -8.62
C ASP A 87 -45.62 39.77 -7.29
N PHE A 88 -45.13 38.79 -6.55
CA PHE A 88 -45.77 38.42 -5.29
C PHE A 88 -45.63 39.51 -4.24
N VAL A 89 -44.50 40.22 -4.24
CA VAL A 89 -44.19 41.17 -3.17
C VAL A 89 -44.42 42.61 -3.59
N ARG A 90 -44.85 42.85 -4.82
CA ARG A 90 -45.07 44.21 -5.29
C ARG A 90 -46.27 44.87 -4.61
N ALA A 91 -47.16 44.08 -4.03
CA ALA A 91 -48.32 44.65 -3.33
C ALA A 91 -47.89 45.41 -2.08
N SER A 92 -46.89 44.92 -1.37
CA SER A 92 -46.39 45.58 -0.17
C SER A 92 -45.63 46.84 -0.52
N THR A 117 -52.55 42.62 -6.25
CA THR A 117 -53.37 42.06 -5.20
C THR A 117 -52.49 41.41 -4.13
N ALA A 118 -53.08 41.14 -2.96
CA ALA A 118 -52.33 40.51 -1.88
C ALA A 118 -52.23 39.01 -2.10
N ILE A 119 -51.06 38.45 -1.81
CA ILE A 119 -50.78 37.03 -1.98
C ILE A 119 -50.81 36.37 -0.61
N THR A 120 -51.73 35.42 -0.42
CA THR A 120 -51.87 34.76 0.87
C THR A 120 -50.74 33.76 1.11
N GLY A 121 -50.38 32.98 0.08
CA GLY A 121 -49.34 31.99 0.20
C GLY A 121 -48.71 31.77 -1.15
N VAL A 122 -47.66 30.94 -1.18
CA VAL A 122 -47.00 30.61 -2.43
C VAL A 122 -46.64 29.14 -2.58
N ILE A 123 -47.38 28.40 -3.40
CA ILE A 123 -47.09 26.99 -3.62
C ILE A 123 -45.91 27.02 -4.59
N GLY A 124 -44.74 26.66 -4.10
CA GLY A 124 -43.51 27.16 -4.70
C GLY A 124 -42.81 26.23 -5.65
N GLY A 125 -41.48 26.21 -5.53
CA GLY A 125 -40.63 25.62 -6.55
C GLY A 125 -40.65 24.11 -6.62
N SER A 126 -40.22 23.64 -7.79
CA SER A 126 -39.92 22.24 -8.04
C SER A 126 -38.43 21.99 -7.79
N TYR A 127 -37.56 22.60 -8.60
CA TYR A 127 -36.14 22.50 -8.37
C TYR A 127 -35.72 23.27 -7.11
N SER A 128 -34.72 22.73 -6.43
CA SER A 128 -34.26 23.30 -5.17
C SER A 128 -33.68 24.71 -5.31
N ASP A 129 -32.97 24.99 -6.39
CA ASP A 129 -32.39 26.32 -6.57
C ASP A 129 -33.46 27.40 -6.61
N VAL A 130 -34.53 27.16 -7.38
CA VAL A 130 -35.61 28.13 -7.48
C VAL A 130 -36.26 28.33 -6.12
N SER A 131 -36.49 27.25 -5.38
CA SER A 131 -37.12 27.35 -4.07
C SER A 131 -36.26 28.15 -3.11
N ILE A 132 -34.95 27.92 -3.10
CA ILE A 132 -34.06 28.65 -2.20
C ILE A 132 -34.04 30.13 -2.55
N GLN A 133 -33.92 30.44 -3.84
CA GLN A 133 -33.87 31.84 -4.26
C GLN A 133 -35.17 32.56 -3.92
N VAL A 134 -36.31 31.90 -4.12
CA VAL A 134 -37.60 32.54 -3.81
C VAL A 134 -37.78 32.70 -2.31
N ALA A 135 -37.36 31.70 -1.52
CA ALA A 135 -37.52 31.78 -0.07
C ALA A 135 -36.69 32.91 0.53
N ASN A 136 -35.47 33.10 0.01
CA ASN A 136 -34.63 34.20 0.50
C ASN A 136 -35.35 35.54 0.37
N LEU A 137 -36.07 35.75 -0.73
CA LEU A 137 -36.80 37.00 -0.90
C LEU A 137 -38.08 37.02 -0.09
N LEU A 138 -38.79 35.90 0.00
CA LEU A 138 -40.11 35.90 0.62
C LEU A 138 -40.02 36.02 2.14
N ARG A 139 -38.93 35.58 2.75
CA ARG A 139 -38.85 35.68 4.21
C ARG A 139 -38.82 37.13 4.68
N LEU A 140 -38.47 38.07 3.80
CA LEU A 140 -38.41 39.47 4.18
C LEU A 140 -39.81 40.05 4.38
N PHE A 141 -40.78 39.61 3.61
CA PHE A 141 -42.13 40.16 3.63
C PHE A 141 -43.13 39.25 4.36
N GLN A 142 -42.66 38.17 4.97
CA GLN A 142 -43.49 37.27 5.77
C GLN A 142 -44.63 36.66 4.96
N ILE A 143 -44.26 35.89 3.94
CA ILE A 143 -45.23 35.19 3.09
C ILE A 143 -44.94 33.70 3.18
N PRO A 144 -45.89 32.88 3.63
CA PRO A 144 -45.64 31.44 3.75
C PRO A 144 -45.47 30.78 2.39
N GLN A 145 -44.73 29.69 2.39
CA GLN A 145 -44.45 28.93 1.18
C GLN A 145 -44.45 27.44 1.48
N ILE A 146 -45.12 26.66 0.64
CA ILE A 146 -45.11 25.20 0.72
C ILE A 146 -44.66 24.70 -0.65
N SER A 147 -43.61 23.89 -0.66
CA SER A 147 -43.09 23.34 -1.91
C SER A 147 -43.50 21.89 -2.13
N TYR A 148 -43.29 21.47 -3.38
CA TYR A 148 -43.52 20.13 -3.87
C TYR A 148 -42.28 19.73 -4.66
N ALA A 149 -41.88 18.48 -4.53
CA ALA A 149 -40.72 17.93 -5.23
C ALA A 149 -39.37 18.54 -4.86
N SER A 150 -39.32 19.47 -3.91
CA SER A 150 -38.05 20.08 -3.53
C SER A 150 -37.44 19.23 -2.43
N THR A 151 -36.31 18.59 -2.71
CA THR A 151 -35.75 17.62 -1.78
C THR A 151 -34.36 18.01 -1.24
N SER A 152 -33.94 19.26 -1.39
CA SER A 152 -32.62 19.63 -0.88
C SER A 152 -32.60 19.64 0.64
N ALA A 153 -31.46 19.26 1.21
CA ALA A 153 -31.34 19.19 2.66
C ALA A 153 -31.14 20.56 3.30
N LYS A 154 -30.56 21.52 2.59
CA LYS A 154 -30.29 22.82 3.17
C LYS A 154 -31.54 23.51 3.68
N LEU A 155 -32.69 23.22 3.08
CA LEU A 155 -33.93 23.88 3.46
C LEU A 155 -34.45 23.48 4.82
N SER A 156 -33.86 22.47 5.46
CA SER A 156 -34.29 22.04 6.78
C SER A 156 -33.75 22.92 7.89
N ASP A 157 -32.89 23.88 7.58
CA ASP A 157 -32.30 24.79 8.56
C ASP A 157 -33.24 25.98 8.76
N LYS A 158 -33.99 25.96 9.86
CA LYS A 158 -35.00 26.96 10.13
C LYS A 158 -34.45 28.29 10.65
N SER A 159 -33.14 28.37 10.90
CA SER A 159 -32.56 29.66 11.25
C SER A 159 -32.48 30.61 10.06
N ARG A 160 -32.55 30.08 8.84
CA ARG A 160 -32.42 30.87 7.62
C ARG A 160 -33.70 30.90 6.80
N TYR A 161 -34.31 29.74 6.58
CA TYR A 161 -35.58 29.62 5.86
C TYR A 161 -36.69 29.35 6.87
N ASP A 162 -37.12 30.39 7.56
CA ASP A 162 -38.09 30.28 8.63
C ASP A 162 -39.54 30.48 8.15
N TYR A 163 -39.78 30.36 6.85
CA TYR A 163 -41.15 30.44 6.33
C TYR A 163 -41.39 29.39 5.24
N PHE A 164 -40.63 28.30 5.26
CA PHE A 164 -40.65 27.31 4.20
C PHE A 164 -41.12 25.98 4.76
N ALA A 165 -41.97 25.28 3.99
CA ALA A 165 -42.40 23.94 4.32
C ALA A 165 -42.49 23.13 3.03
N ARG A 166 -42.53 21.81 3.18
CA ARG A 166 -42.64 20.93 2.03
C ARG A 166 -43.33 19.64 2.43
N THR A 167 -43.89 18.96 1.43
CA THR A 167 -44.56 17.68 1.63
C THR A 167 -43.72 16.49 1.17
N VAL A 168 -42.41 16.68 1.02
CA VAL A 168 -41.53 15.60 0.56
C VAL A 168 -40.37 15.46 1.53
N PRO A 169 -39.80 14.27 1.69
CA PRO A 169 -38.67 14.09 2.61
C PRO A 169 -37.40 14.71 2.04
N PRO A 170 -36.43 15.01 2.89
CA PRO A 170 -35.14 15.54 2.40
C PRO A 170 -34.27 14.48 1.75
N ASP A 171 -33.16 14.96 1.18
CA ASP A 171 -32.17 14.13 0.49
C ASP A 171 -31.24 13.40 1.43
N PHE A 172 -31.55 13.40 2.73
CA PHE A 172 -30.72 12.73 3.71
C PHE A 172 -30.92 11.22 3.67
N PHE A 173 -32.06 10.75 3.16
CA PHE A 173 -32.39 9.33 3.14
C PHE A 173 -32.10 8.64 1.81
N GLN A 174 -32.08 9.36 0.69
CA GLN A 174 -31.77 8.71 -0.58
C GLN A 174 -30.33 8.21 -0.59
N ALA A 175 -29.42 8.95 0.06
CA ALA A 175 -28.05 8.47 0.15
C ALA A 175 -27.98 7.16 0.91
N LYS A 176 -28.74 7.03 2.00
CA LYS A 176 -28.81 5.77 2.72
C LYS A 176 -29.35 4.65 1.83
N ALA A 177 -30.43 4.94 1.10
CA ALA A 177 -31.02 3.93 0.23
C ALA A 177 -30.03 3.47 -0.83
N MET A 178 -29.34 4.42 -1.47
CA MET A 178 -28.37 4.05 -2.49
C MET A 178 -27.21 3.27 -1.89
N ALA A 179 -26.70 3.70 -0.73
CA ALA A 179 -25.61 2.98 -0.10
C ALA A 179 -25.99 1.57 0.33
N GLU A 180 -27.29 1.31 0.52
CA GLU A 180 -27.70 -0.05 0.84
C GLU A 180 -28.02 -0.89 -0.40
N ILE A 181 -28.44 -0.26 -1.49
CA ILE A 181 -28.56 -0.98 -2.75
C ILE A 181 -27.19 -1.33 -3.29
N LEU A 182 -26.22 -0.44 -3.11
CA LEU A 182 -24.84 -0.70 -3.47
C LEU A 182 -24.08 -1.47 -2.40
N ARG A 183 -24.79 -2.17 -1.52
CA ARG A 183 -24.17 -3.13 -0.61
C ARG A 183 -24.89 -4.47 -0.64
N PHE A 184 -26.16 -4.52 -1.04
CA PHE A 184 -26.86 -5.79 -1.19
C PHE A 184 -26.16 -6.60 -2.28
N PHE A 185 -25.69 -5.90 -3.31
CA PHE A 185 -24.91 -6.45 -4.40
C PHE A 185 -23.53 -5.89 -4.09
N ASN A 186 -22.49 -6.69 -4.27
CA ASN A 186 -21.22 -6.32 -3.66
C ASN A 186 -20.41 -5.47 -4.61
N TRP A 187 -20.55 -4.15 -4.45
CA TRP A 187 -19.92 -3.15 -5.29
C TRP A 187 -19.08 -2.27 -4.37
N THR A 188 -17.81 -2.03 -4.72
CA THR A 188 -16.96 -1.31 -3.79
C THR A 188 -16.04 -0.29 -4.44
N TYR A 189 -15.79 -0.37 -5.73
CA TYR A 189 -15.10 0.65 -6.50
C TYR A 189 -16.16 1.30 -7.38
N VAL A 190 -16.60 2.51 -7.02
CA VAL A 190 -17.71 3.11 -7.75
C VAL A 190 -17.33 4.52 -8.18
N SER A 191 -18.08 5.04 -9.15
CA SER A 191 -17.93 6.40 -9.63
C SER A 191 -19.20 7.21 -9.42
N THR A 192 -19.03 8.52 -9.23
CA THR A 192 -20.13 9.43 -8.95
C THR A 192 -20.14 10.54 -9.99
N VAL A 193 -21.35 10.98 -10.35
CA VAL A 193 -21.53 12.13 -11.25
C VAL A 193 -22.55 13.05 -10.59
N ALA A 194 -22.26 14.35 -10.59
CA ALA A 194 -23.10 15.33 -9.91
C ALA A 194 -23.41 16.50 -10.84
N SER A 195 -24.48 17.20 -10.50
CA SER A 195 -24.87 18.44 -11.16
C SER A 195 -24.49 19.62 -10.28
N GLU A 196 -24.01 20.69 -10.91
CA GLU A 196 -23.64 21.87 -10.15
C GLU A 196 -24.88 22.51 -9.53
N GLY A 197 -24.80 22.85 -8.26
CA GLY A 197 -25.91 23.43 -7.54
C GLY A 197 -26.06 22.86 -6.15
N ASP A 198 -27.12 23.29 -5.45
CA ASP A 198 -27.34 22.81 -4.08
C ASP A 198 -27.70 21.33 -4.06
N TYR A 199 -28.63 20.93 -4.92
CA TYR A 199 -29.17 19.57 -4.90
C TYR A 199 -28.08 18.54 -5.09
N GLY A 200 -27.40 18.59 -6.24
CA GLY A 200 -26.42 17.55 -6.55
C GLY A 200 -25.25 17.53 -5.59
N GLU A 201 -24.73 18.70 -5.23
CA GLU A 201 -23.55 18.74 -4.35
C GLU A 201 -23.87 18.21 -2.96
N THR A 202 -24.99 18.67 -2.37
CA THR A 202 -25.35 18.17 -1.05
C THR A 202 -25.63 16.68 -1.08
N GLY A 203 -26.32 16.21 -2.13
CA GLY A 203 -26.59 14.78 -2.23
C GLY A 203 -25.32 13.95 -2.33
N ILE A 204 -24.36 14.40 -3.14
CA ILE A 204 -23.13 13.64 -3.28
C ILE A 204 -22.31 13.66 -2.00
N GLU A 205 -22.32 14.78 -1.26
CA GLU A 205 -21.62 14.79 0.03
C GLU A 205 -22.23 13.79 1.00
N ALA A 206 -23.56 13.76 1.07
CA ALA A 206 -24.22 12.79 1.96
C ALA A 206 -23.94 11.36 1.51
N PHE A 207 -23.97 11.11 0.20
CA PHE A 207 -23.72 9.77 -0.30
C PHE A 207 -22.29 9.32 0.01
N GLU A 208 -21.33 10.22 -0.15
CA GLU A 208 -19.95 9.88 0.15
C GLU A 208 -19.76 9.55 1.63
N LEU A 209 -20.39 10.31 2.52
CA LEU A 209 -20.33 9.98 3.94
C LEU A 209 -20.93 8.60 4.21
N GLU A 210 -22.12 8.35 3.67
CA GLU A 210 -22.79 7.07 3.90
C GLU A 210 -21.99 5.91 3.32
N ALA A 211 -21.32 6.14 2.20
CA ALA A 211 -20.51 5.08 1.59
C ALA A 211 -19.27 4.80 2.41
N ARG A 212 -18.58 5.84 2.88
CA ARG A 212 -17.45 5.61 3.77
C ARG A 212 -17.88 4.81 4.99
N ALA A 213 -19.06 5.13 5.53
CA ALA A 213 -19.56 4.42 6.71
C ALA A 213 -19.67 2.92 6.49
N ARG A 214 -19.85 2.48 5.24
CA ARG A 214 -20.11 1.08 4.92
C ARG A 214 -18.97 0.37 4.19
N ASN A 215 -17.82 1.01 4.00
CA ASN A 215 -16.71 0.45 3.21
C ASN A 215 -17.05 0.37 1.71
N ILE A 216 -17.53 1.47 1.18
CA ILE A 216 -17.77 1.64 -0.25
C ILE A 216 -16.88 2.80 -0.67
N CYS A 217 -16.14 2.63 -1.76
CA CYS A 217 -15.11 3.61 -2.09
C CYS A 217 -15.38 4.24 -3.44
N VAL A 218 -15.16 5.55 -3.53
CA VAL A 218 -15.47 6.31 -4.74
C VAL A 218 -14.26 6.34 -5.67
N ALA A 219 -14.42 5.81 -6.88
CA ALA A 219 -13.29 5.74 -7.80
C ALA A 219 -12.88 7.14 -8.25
N THR A 220 -13.78 7.83 -8.92
CA THR A 220 -13.56 9.16 -9.48
C THR A 220 -14.82 9.98 -9.28
N SER A 221 -14.66 11.31 -9.29
CA SER A 221 -15.79 12.20 -9.09
C SER A 221 -15.84 13.22 -10.22
N GLU A 222 -17.02 13.38 -10.82
CA GLU A 222 -17.23 14.30 -11.92
C GLU A 222 -18.34 15.29 -11.59
N LYS A 223 -18.28 16.46 -12.22
CA LYS A 223 -19.28 17.50 -12.05
C LYS A 223 -19.74 17.99 -13.42
N VAL A 224 -21.02 18.38 -13.49
CA VAL A 224 -21.65 18.86 -14.71
C VAL A 224 -22.09 20.29 -14.50
N GLY A 225 -21.66 21.20 -15.38
CA GLY A 225 -21.96 22.60 -15.24
C GLY A 225 -23.34 22.98 -15.77
N ARG A 226 -23.67 24.25 -15.59
CA ARG A 226 -24.97 24.76 -16.03
C ARG A 226 -25.07 24.83 -17.56
N ALA A 227 -23.97 25.17 -18.22
CA ALA A 227 -23.91 25.24 -19.68
C ALA A 227 -22.80 24.30 -20.14
N MET A 228 -23.19 23.13 -20.65
CA MET A 228 -22.24 22.11 -21.07
C MET A 228 -22.52 21.72 -22.51
N SER A 229 -21.47 21.68 -23.32
CA SER A 229 -21.55 21.26 -24.71
C SER A 229 -21.41 19.74 -24.83
N ARG A 230 -21.61 19.24 -26.05
CA ARG A 230 -21.54 17.81 -26.31
C ARG A 230 -20.13 17.27 -26.06
N ALA A 231 -19.11 18.03 -26.44
CA ALA A 231 -17.74 17.59 -26.21
C ALA A 231 -17.42 17.44 -24.73
N ALA A 232 -18.00 18.30 -23.88
CA ALA A 232 -17.79 18.16 -22.44
C ALA A 232 -18.42 16.87 -21.90
N PHE A 233 -19.62 16.53 -22.37
CA PHE A 233 -20.25 15.28 -21.94
C PHE A 233 -19.43 14.08 -22.40
N GLU A 234 -18.92 14.12 -23.63
CA GLU A 234 -18.07 13.04 -24.11
C GLU A 234 -16.78 12.94 -23.30
N GLY A 235 -16.23 14.08 -22.89
CA GLY A 235 -15.06 14.07 -22.03
C GLY A 235 -15.35 13.46 -20.67
N VAL A 236 -16.54 13.75 -20.12
CA VAL A 236 -16.93 13.15 -18.86
C VAL A 236 -17.04 11.64 -18.99
N VAL A 237 -17.64 11.17 -20.10
CA VAL A 237 -17.75 9.74 -20.33
C VAL A 237 -16.37 9.10 -20.42
N ARG A 238 -15.46 9.72 -21.17
CA ARG A 238 -14.11 9.17 -21.30
C ARG A 238 -13.38 9.15 -19.96
N ALA A 239 -13.56 10.20 -19.15
CA ALA A 239 -12.94 10.22 -17.83
C ALA A 239 -13.49 9.10 -16.96
N LEU A 240 -14.78 8.79 -17.11
CA LEU A 240 -15.33 7.62 -16.42
C LEU A 240 -14.68 6.34 -16.94
N LEU A 241 -14.44 6.28 -18.24
CA LEU A 241 -13.90 5.09 -18.87
C LEU A 241 -12.40 4.89 -18.63
N GLN A 242 -11.73 5.81 -17.92
CA GLN A 242 -10.27 5.68 -17.74
C GLN A 242 -9.95 4.64 -16.66
N LYS A 243 -10.65 4.63 -15.52
CA LYS A 243 -10.40 3.56 -14.51
C LYS A 243 -11.35 2.42 -14.85
N PRO A 244 -10.89 1.21 -15.25
CA PRO A 244 -11.79 0.18 -15.75
C PRO A 244 -12.33 -0.87 -14.80
N SER A 245 -11.93 -0.80 -13.54
CA SER A 245 -12.54 -1.73 -12.56
C SER A 245 -13.92 -1.19 -12.18
N ALA A 246 -14.15 0.13 -12.24
CA ALA A 246 -15.44 0.62 -11.77
C ALA A 246 -16.43 0.66 -12.94
N ARG A 247 -17.28 -0.35 -13.04
CA ARG A 247 -18.24 -0.45 -14.13
C ARG A 247 -19.63 0.06 -13.74
N VAL A 248 -19.78 0.61 -12.54
CA VAL A 248 -21.05 1.11 -12.05
C VAL A 248 -20.94 2.61 -11.81
N ALA A 249 -21.88 3.37 -12.36
CA ALA A 249 -21.89 4.83 -12.25
C ALA A 249 -23.09 5.26 -11.42
N VAL A 250 -22.85 6.07 -10.40
CA VAL A 250 -23.88 6.58 -9.52
C VAL A 250 -24.15 8.03 -9.90
N LEU A 251 -25.33 8.29 -10.47
CA LEU A 251 -25.72 9.62 -10.90
C LEU A 251 -26.70 10.22 -9.91
N PHE A 252 -26.42 11.44 -9.47
CA PHE A 252 -27.33 12.21 -8.64
C PHE A 252 -27.42 13.58 -9.32
N THR A 253 -28.28 13.66 -10.34
CA THR A 253 -28.25 14.75 -11.32
C THR A 253 -29.66 15.10 -11.75
N ARG A 254 -29.79 16.24 -12.43
CA ARG A 254 -31.05 16.64 -13.04
C ARG A 254 -31.35 15.79 -14.27
N SER A 255 -32.61 15.90 -14.74
CA SER A 255 -33.07 15.03 -15.82
C SER A 255 -32.37 15.33 -17.15
N GLU A 256 -32.21 16.62 -17.48
CA GLU A 256 -31.60 16.97 -18.77
C GLU A 256 -30.14 16.53 -18.84
N ASP A 257 -29.40 16.69 -17.74
CA ASP A 257 -28.01 16.22 -17.72
C ASP A 257 -27.94 14.72 -17.89
N ALA A 258 -28.85 13.99 -17.24
CA ALA A 258 -28.89 12.53 -17.39
C ALA A 258 -29.19 12.14 -18.83
N ARG A 259 -30.14 12.81 -19.47
CA ARG A 259 -30.47 12.51 -20.85
C ARG A 259 -29.27 12.75 -21.77
N GLU A 260 -28.59 13.89 -21.58
CA GLU A 260 -27.45 14.20 -22.44
C GLU A 260 -26.32 13.22 -22.22
N LEU A 261 -26.08 12.83 -20.96
CA LEU A 261 -25.03 11.86 -20.67
C LEU A 261 -25.35 10.50 -21.28
N LEU A 262 -26.62 10.09 -21.22
CA LEU A 262 -27.01 8.83 -21.85
C LEU A 262 -26.81 8.88 -23.35
N ALA A 263 -27.16 10.00 -23.99
CA ALA A 263 -26.93 10.12 -25.43
C ALA A 263 -25.45 10.06 -25.76
N ALA A 264 -24.61 10.73 -24.97
CA ALA A 264 -23.18 10.69 -25.19
C ALA A 264 -22.63 9.28 -25.02
N SER A 265 -23.09 8.56 -24.01
CA SER A 265 -22.66 7.18 -23.81
C SER A 265 -23.08 6.28 -24.97
N GLN A 266 -24.29 6.50 -25.50
CA GLN A 266 -24.71 5.73 -26.66
C GLN A 266 -23.86 6.03 -27.88
N ARG A 267 -23.47 7.29 -28.07
CA ARG A 267 -22.67 7.65 -29.24
C ARG A 267 -21.29 7.00 -29.20
N LEU A 268 -20.66 6.96 -28.04
CA LEU A 268 -19.31 6.43 -27.89
C LEU A 268 -19.27 4.94 -27.62
N ASN A 269 -20.42 4.26 -27.64
CA ASN A 269 -20.50 2.81 -27.45
C ASN A 269 -19.89 2.38 -26.12
N ALA A 270 -20.34 2.99 -25.03
CA ALA A 270 -19.87 2.69 -23.69
C ALA A 270 -20.99 2.05 -22.88
N SER A 271 -20.62 1.15 -21.97
CA SER A 271 -21.58 0.39 -21.18
C SER A 271 -21.27 0.54 -19.71
N PHE A 272 -22.24 1.05 -18.95
CA PHE A 272 -22.18 1.13 -17.49
C PHE A 272 -23.45 0.60 -16.88
N THR A 273 -23.44 0.43 -15.56
CA THR A 273 -24.63 0.12 -14.78
C THR A 273 -25.03 1.38 -14.01
N TRP A 274 -26.21 1.91 -14.32
CA TRP A 274 -26.63 3.20 -13.81
C TRP A 274 -27.40 3.02 -12.50
N VAL A 275 -27.09 3.87 -11.52
CA VAL A 275 -27.88 4.01 -10.30
C VAL A 275 -28.21 5.49 -10.16
N ALA A 276 -29.49 5.84 -10.26
CA ALA A 276 -29.92 7.23 -10.35
C ALA A 276 -30.89 7.59 -9.23
N SER A 277 -31.00 8.89 -8.98
CA SER A 277 -31.87 9.43 -7.96
C SER A 277 -33.23 9.78 -8.57
N ASP A 278 -34.03 10.56 -7.83
CA ASP A 278 -35.37 10.91 -8.28
C ASP A 278 -35.37 11.96 -9.38
N GLY A 279 -34.23 12.56 -9.69
CA GLY A 279 -34.16 13.44 -10.85
C GLY A 279 -34.46 12.70 -12.14
N TRP A 280 -33.83 11.54 -12.33
CA TRP A 280 -34.22 10.65 -13.42
C TRP A 280 -35.61 10.09 -13.17
N GLY A 281 -35.84 9.53 -11.99
CA GLY A 281 -37.17 9.02 -11.66
C GLY A 281 -37.60 7.92 -12.60
N ALA A 282 -38.79 8.07 -13.17
CA ALA A 282 -39.35 7.13 -14.13
C ALA A 282 -39.90 7.88 -15.33
N LEU A 283 -39.13 8.84 -15.84
CA LEU A 283 -39.55 9.60 -17.01
C LEU A 283 -39.22 8.86 -18.29
N GLU A 284 -40.16 8.86 -19.22
CA GLU A 284 -39.90 8.28 -20.54
C GLU A 284 -39.06 9.21 -21.41
N SER A 285 -39.06 10.51 -21.11
CA SER A 285 -38.32 11.47 -21.93
C SER A 285 -36.81 11.29 -21.79
N VAL A 286 -36.34 10.86 -20.62
CA VAL A 286 -34.91 10.72 -20.39
C VAL A 286 -34.35 9.60 -21.27
N VAL A 287 -35.11 8.53 -21.47
CA VAL A 287 -34.63 7.34 -22.15
C VAL A 287 -35.20 7.24 -23.56
N ALA A 288 -35.59 8.37 -24.16
CA ALA A 288 -36.14 8.34 -25.51
C ALA A 288 -35.00 8.28 -26.52
N GLY A 289 -34.92 7.18 -27.26
CA GLY A 289 -33.89 7.00 -28.26
C GLY A 289 -32.56 6.46 -27.76
N SER A 290 -32.38 6.35 -26.46
CA SER A 290 -31.16 5.80 -25.86
C SER A 290 -31.46 4.55 -25.05
N GLU A 291 -32.32 3.69 -25.57
CA GLU A 291 -32.73 2.50 -24.83
C GLU A 291 -31.57 1.54 -24.60
N GLY A 292 -30.69 1.41 -25.59
CA GLY A 292 -29.58 0.47 -25.46
C GLY A 292 -28.63 0.79 -24.33
N ALA A 293 -28.31 2.07 -24.13
CA ALA A 293 -27.38 2.44 -23.07
C ALA A 293 -28.02 2.37 -21.69
N ALA A 294 -29.32 2.65 -21.59
CA ALA A 294 -30.00 2.74 -20.31
C ALA A 294 -30.50 1.40 -19.77
N GLU A 295 -30.49 0.35 -20.59
CA GLU A 295 -31.05 -0.93 -20.17
C GLU A 295 -30.32 -1.47 -18.94
N GLY A 296 -31.09 -1.98 -18.00
CA GLY A 296 -30.53 -2.54 -16.78
C GLY A 296 -30.30 -1.56 -15.67
N ALA A 297 -30.73 -0.31 -15.81
CA ALA A 297 -30.49 0.69 -14.80
C ALA A 297 -31.43 0.49 -13.61
N ILE A 298 -31.04 1.09 -12.48
CA ILE A 298 -31.82 1.07 -11.26
C ILE A 298 -32.03 2.51 -10.80
N THR A 299 -33.28 2.89 -10.57
CA THR A 299 -33.62 4.25 -10.19
C THR A 299 -34.51 4.24 -8.95
N ILE A 300 -34.58 5.39 -8.30
CA ILE A 300 -35.34 5.56 -7.07
C ILE A 300 -36.38 6.65 -7.29
N GLU A 301 -37.61 6.41 -6.83
CA GLU A 301 -38.67 7.39 -6.91
C GLU A 301 -39.40 7.47 -5.58
N LEU A 302 -40.00 8.61 -5.30
CA LEU A 302 -40.84 8.78 -4.12
C LEU A 302 -42.07 7.89 -4.23
N ALA A 303 -42.49 7.35 -3.09
CA ALA A 303 -43.65 6.47 -3.04
C ALA A 303 -44.94 7.27 -3.21
N SER A 304 -45.81 6.82 -4.10
CA SER A 304 -47.01 7.55 -4.44
C SER A 304 -48.05 6.59 -5.01
N TYR A 305 -49.24 7.12 -5.28
CA TYR A 305 -50.34 6.39 -5.88
C TYR A 305 -50.99 7.27 -6.93
N PRO A 306 -51.69 6.68 -7.89
CA PRO A 306 -52.39 7.49 -8.90
C PRO A 306 -53.83 7.81 -8.51
N ILE A 307 -54.24 9.05 -8.80
CA ILE A 307 -55.60 9.50 -8.53
C ILE A 307 -56.43 9.33 -9.79
N SER A 308 -57.69 8.93 -9.63
CA SER A 308 -58.48 8.51 -10.77
C SER A 308 -59.34 9.61 -11.37
N ASP A 309 -59.67 10.64 -10.58
CA ASP A 309 -60.45 11.76 -11.12
C ASP A 309 -59.60 12.61 -12.05
N PHE A 310 -58.31 12.74 -11.75
CA PHE A 310 -57.42 13.58 -12.53
C PHE A 310 -57.24 13.04 -13.94
N ALA A 311 -57.28 11.73 -14.11
CA ALA A 311 -57.13 11.16 -15.45
C ALA A 311 -58.26 11.61 -16.36
N SER A 312 -59.51 11.45 -15.91
CA SER A 312 -60.64 11.87 -16.74
C SER A 312 -60.71 13.38 -16.88
N TYR A 313 -60.25 14.12 -15.87
CA TYR A 313 -60.21 15.58 -15.97
C TYR A 313 -59.24 16.00 -17.05
N PHE A 314 -58.02 15.48 -17.03
CA PHE A 314 -57.04 15.89 -18.01
C PHE A 314 -57.47 15.42 -19.40
N GLN A 315 -57.96 14.18 -19.50
CA GLN A 315 -58.30 13.60 -20.80
C GLN A 315 -59.54 14.26 -21.40
N SER A 316 -60.28 15.06 -20.64
CA SER A 316 -61.46 15.71 -21.20
C SER A 316 -61.17 17.11 -21.73
N LEU A 317 -59.93 17.58 -21.63
CA LEU A 317 -59.55 18.92 -22.04
C LEU A 317 -59.31 19.00 -23.55
N ASP A 318 -59.74 20.11 -24.14
CA ASP A 318 -59.47 20.45 -25.53
C ASP A 318 -59.22 21.95 -25.62
N PRO A 319 -58.48 22.42 -26.63
CA PRO A 319 -58.07 23.83 -26.65
C PRO A 319 -59.21 24.83 -26.83
N TRP A 320 -60.38 24.40 -27.31
CA TRP A 320 -61.44 25.36 -27.57
C TRP A 320 -62.18 25.78 -26.31
N ASN A 321 -62.24 24.92 -25.30
CA ASN A 321 -62.92 25.25 -24.05
C ASN A 321 -61.96 25.57 -22.92
N ASN A 322 -60.74 25.04 -22.95
CA ASN A 322 -59.74 25.29 -21.91
C ASN A 322 -59.01 26.60 -22.24
N SER A 323 -59.76 27.69 -22.14
CA SER A 323 -59.23 29.00 -22.50
C SER A 323 -58.56 29.70 -21.33
N ARG A 324 -58.76 29.22 -20.11
CA ARG A 324 -58.17 29.86 -18.94
C ARG A 324 -56.69 29.54 -18.78
N ASN A 325 -56.20 28.50 -19.44
CA ASN A 325 -54.78 28.16 -19.39
C ASN A 325 -54.11 28.78 -20.61
N PRO A 326 -53.22 29.77 -20.45
CA PRO A 326 -52.61 30.42 -21.61
C PRO A 326 -51.59 29.57 -22.34
N TRP A 327 -51.07 28.52 -21.75
CA TRP A 327 -50.00 27.71 -22.33
C TRP A 327 -50.51 26.44 -23.00
N PHE A 328 -51.82 26.28 -23.15
CA PHE A 328 -52.33 24.99 -23.61
C PHE A 328 -52.13 24.79 -25.12
N ARG A 329 -52.24 25.86 -25.92
CA ARG A 329 -52.14 25.69 -27.37
C ARG A 329 -50.72 25.33 -27.79
N GLU A 330 -49.71 25.91 -27.15
CA GLU A 330 -48.33 25.53 -27.45
C GLU A 330 -48.09 24.05 -27.15
N PHE A 331 -48.62 23.58 -26.01
CA PHE A 331 -48.50 22.17 -25.68
C PHE A 331 -49.23 21.29 -26.71
N TRP A 332 -50.41 21.73 -27.15
CA TRP A 332 -51.15 20.99 -28.16
C TRP A 332 -50.35 20.88 -29.45
N GLU A 333 -49.77 22.00 -29.90
CA GLU A 333 -48.97 22.01 -31.12
C GLU A 333 -47.76 21.10 -31.00
N GLN A 334 -47.04 21.19 -29.89
CA GLN A 334 -45.86 20.33 -29.71
C GLN A 334 -46.25 18.85 -29.64
N ARG A 335 -47.36 18.55 -28.96
CA ARG A 335 -47.75 17.16 -28.74
C ARG A 335 -48.23 16.50 -30.01
N PHE A 336 -49.12 17.14 -30.76
CA PHE A 336 -49.72 16.50 -31.92
C PHE A 336 -49.08 16.91 -33.24
N ARG A 337 -48.11 17.82 -33.24
CA ARG A 337 -47.40 18.25 -34.45
C ARG A 337 -48.39 18.78 -35.48
N CYS A 338 -49.07 19.87 -35.11
CA CYS A 338 -50.01 20.52 -36.01
C CYS A 338 -49.92 22.02 -35.82
N SER A 339 -50.56 22.75 -36.73
CA SER A 339 -50.53 24.21 -36.74
C SER A 339 -51.96 24.74 -36.88
N PHE A 340 -52.34 25.64 -35.97
CA PHE A 340 -53.69 26.19 -35.98
C PHE A 340 -53.95 27.12 -37.16
N ARG A 341 -52.92 27.49 -37.91
CA ARG A 341 -53.09 28.45 -39.00
C ARG A 341 -53.40 27.75 -40.32
N ASP A 344 -56.56 22.26 -39.25
CA ASP A 344 -56.32 20.82 -39.23
C ASP A 344 -55.79 20.37 -37.88
N CYS A 345 -56.36 20.92 -36.81
CA CYS A 345 -56.02 20.56 -35.45
C CYS A 345 -57.12 19.82 -34.71
N ALA A 346 -58.35 19.81 -35.25
CA ALA A 346 -59.50 19.29 -34.55
C ALA A 346 -59.68 17.78 -34.73
N ALA A 347 -58.88 17.14 -35.59
CA ALA A 347 -59.03 15.71 -35.78
C ALA A 347 -58.49 14.92 -34.58
N HIS A 348 -57.48 15.45 -33.90
CA HIS A 348 -56.85 14.75 -32.79
C HIS A 348 -57.67 14.90 -31.53
N SER A 349 -57.51 13.94 -30.62
CA SER A 349 -58.16 14.00 -29.32
C SER A 349 -57.27 13.33 -28.29
N LEU A 350 -57.38 13.80 -27.05
CA LEU A 350 -56.56 13.27 -25.96
C LEU A 350 -57.14 11.98 -25.38
N ARG A 351 -58.41 11.68 -25.67
CA ARG A 351 -59.02 10.45 -25.16
C ARG A 351 -58.47 9.22 -25.85
N ALA A 352 -58.20 9.32 -27.16
CA ALA A 352 -57.75 8.17 -27.94
C ALA A 352 -56.37 7.70 -27.53
N VAL A 353 -55.46 8.62 -27.22
CA VAL A 353 -54.10 8.27 -26.82
C VAL A 353 -54.09 7.81 -25.37
N PRO A 354 -53.14 6.97 -24.97
CA PRO A 354 -53.05 6.59 -23.56
C PRO A 354 -52.54 7.73 -22.69
N PHE A 355 -52.86 7.65 -21.41
CA PHE A 355 -52.52 8.67 -20.44
C PHE A 355 -51.67 8.05 -19.34
N GLU A 356 -50.51 8.65 -19.07
CA GLU A 356 -49.62 8.20 -18.01
C GLU A 356 -49.43 9.32 -16.99
N GLN A 357 -49.92 9.12 -15.77
CA GLN A 357 -49.87 10.15 -14.75
C GLN A 357 -48.46 10.33 -14.20
N GLU A 358 -48.10 11.57 -13.93
CA GLU A 358 -46.78 11.84 -13.38
C GLU A 358 -46.80 11.51 -11.89
N SER A 359 -45.61 11.29 -11.33
CA SER A 359 -45.52 10.68 -10.01
C SER A 359 -46.03 11.62 -8.92
N LYS A 360 -45.66 12.90 -8.99
CA LYS A 360 -45.85 13.84 -7.89
C LYS A 360 -47.09 14.70 -8.02
N ILE A 361 -48.18 14.18 -8.61
CA ILE A 361 -49.44 14.91 -8.59
C ILE A 361 -50.03 14.96 -7.18
N MET A 362 -49.90 13.86 -6.44
CA MET A 362 -50.48 13.80 -5.11
C MET A 362 -49.90 14.88 -4.21
N PHE A 363 -48.59 15.12 -4.33
CA PHE A 363 -47.95 16.10 -3.46
C PHE A 363 -48.46 17.51 -3.73
N VAL A 364 -48.70 17.84 -5.00
CA VAL A 364 -49.27 19.15 -5.34
C VAL A 364 -50.66 19.29 -4.74
N VAL A 365 -51.49 18.24 -4.91
CA VAL A 365 -52.84 18.28 -4.34
C VAL A 365 -52.77 18.42 -2.82
N ASN A 366 -51.87 17.68 -2.18
CA ASN A 366 -51.73 17.75 -0.73
C ASN A 366 -51.29 19.13 -0.27
N ALA A 367 -50.37 19.77 -0.99
CA ALA A 367 -49.93 21.10 -0.59
C ALA A 367 -51.07 22.10 -0.68
N VAL A 368 -51.84 22.05 -1.78
CA VAL A 368 -52.96 22.98 -1.92
C VAL A 368 -53.99 22.75 -0.82
N TYR A 369 -54.29 21.48 -0.52
CA TYR A 369 -55.26 21.19 0.52
C TYR A 369 -54.76 21.57 1.90
N ALA A 370 -53.45 21.44 2.15
CA ALA A 370 -52.89 21.87 3.42
C ALA A 370 -53.03 23.37 3.62
N MET A 371 -52.74 24.16 2.59
CA MET A 371 -52.94 25.60 2.70
C MET A 371 -54.41 25.93 2.92
N ALA A 372 -55.31 25.25 2.21
CA ALA A 372 -56.74 25.49 2.38
C ALA A 372 -57.19 25.17 3.80
N HIS A 373 -56.71 24.06 4.36
CA HIS A 373 -57.10 23.68 5.72
C HIS A 373 -56.56 24.66 6.74
N ALA A 374 -55.33 25.14 6.55
CA ALA A 374 -54.78 26.15 7.44
C ALA A 374 -55.62 27.43 7.42
N LEU A 375 -56.00 27.89 6.23
CA LEU A 375 -56.83 29.08 6.15
C LEU A 375 -58.19 28.86 6.78
N HIS A 376 -58.78 27.66 6.59
CA HIS A 376 -60.08 27.38 7.20
C HIS A 376 -60.00 27.40 8.72
N ASN A 377 -58.97 26.78 9.29
CA ASN A 377 -58.83 26.79 10.74
C ASN A 377 -58.59 28.20 11.27
N MET A 378 -57.78 28.99 10.57
CA MET A 378 -57.57 30.37 10.99
C MET A 378 -58.87 31.16 10.96
N HIS A 379 -59.69 30.96 9.92
CA HIS A 379 -60.96 31.64 9.82
C HIS A 379 -61.89 31.24 10.95
N ARG A 380 -61.91 29.95 11.29
CA ARG A 380 -62.75 29.51 12.41
C ARG A 380 -62.26 30.10 13.73
N ALA A 381 -60.94 30.29 13.88
CA ALA A 381 -60.42 30.88 15.11
C ALA A 381 -60.72 32.37 15.22
N LEU A 382 -60.57 33.12 14.13
CA LEU A 382 -60.61 34.58 14.22
C LEU A 382 -61.96 35.21 13.91
N CYS A 383 -62.80 34.54 13.11
CA CYS A 383 -64.11 35.06 12.72
C CYS A 383 -65.13 34.00 13.10
N PRO A 384 -65.46 33.90 14.40
CA PRO A 384 -66.29 32.76 14.85
C PRO A 384 -67.75 32.85 14.45
N ASN A 385 -68.29 34.04 14.20
CA ASN A 385 -69.73 34.20 14.06
C ASN A 385 -70.18 34.38 12.62
N THR A 386 -69.27 34.32 11.65
CA THR A 386 -69.59 34.55 10.25
C THR A 386 -68.80 33.59 9.38
N THR A 387 -69.33 33.31 8.19
CA THR A 387 -68.61 32.46 7.25
C THR A 387 -67.80 33.27 6.26
N ARG A 388 -68.20 34.51 5.99
CA ARG A 388 -67.44 35.40 5.13
C ARG A 388 -66.28 35.99 5.90
N LEU A 389 -65.28 36.47 5.16
CA LEU A 389 -64.11 37.08 5.79
C LEU A 389 -64.54 38.22 6.70
N CYS A 390 -63.92 38.30 7.88
CA CYS A 390 -64.24 39.38 8.79
C CYS A 390 -63.12 40.43 8.77
N ASP A 391 -63.34 41.52 9.50
CA ASP A 391 -62.40 42.64 9.45
C ASP A 391 -61.07 42.29 10.10
N ALA A 392 -61.06 41.36 11.05
CA ALA A 392 -59.81 41.02 11.73
C ALA A 392 -58.80 40.39 10.78
N MET A 393 -59.26 39.54 9.87
CA MET A 393 -58.38 38.81 8.97
C MET A 393 -58.06 39.56 7.68
N ARG A 394 -58.73 40.69 7.42
CA ARG A 394 -58.67 41.43 6.15
C ARG A 394 -57.23 41.40 5.60
N PRO A 395 -56.18 41.96 6.28
CA PRO A 395 -54.83 41.66 5.79
C PRO A 395 -54.28 40.47 6.57
N VAL A 396 -54.16 39.31 5.93
CA VAL A 396 -53.76 38.11 6.65
C VAL A 396 -52.35 38.28 7.21
N ASN A 397 -52.14 37.81 8.44
CA ASN A 397 -50.86 37.94 9.13
C ASN A 397 -50.02 36.71 8.83
N GLY A 398 -48.96 36.89 8.03
CA GLY A 398 -48.17 35.75 7.61
C GLY A 398 -47.53 34.99 8.75
N ARG A 399 -46.99 35.71 9.74
CA ARG A 399 -46.22 35.04 10.79
C ARG A 399 -47.10 34.23 11.73
N ARG A 400 -48.38 34.61 11.85
CA ARG A 400 -49.29 33.86 12.71
C ARG A 400 -49.78 32.61 11.99
N LEU A 401 -50.17 32.76 10.72
CA LEU A 401 -50.67 31.62 9.96
C LEU A 401 -49.62 30.53 9.87
N TYR A 402 -48.36 30.91 9.65
CA TYR A 402 -47.30 29.92 9.56
C TYR A 402 -46.91 29.38 10.92
N LYS A 403 -46.77 30.19 11.95
CA LYS A 403 -46.23 29.57 13.19
C LYS A 403 -47.23 28.68 13.90
N ASP A 404 -48.53 28.96 13.83
CA ASP A 404 -49.52 28.21 14.64
C ASP A 404 -50.48 27.35 13.83
N PHE A 405 -50.67 27.59 12.54
CA PHE A 405 -51.69 26.84 11.76
C PHE A 405 -51.07 25.89 10.72
N VAL A 406 -50.07 26.29 9.94
CA VAL A 406 -49.48 25.47 8.89
C VAL A 406 -48.80 24.24 9.47
N LEU A 407 -48.03 24.40 10.55
CA LEU A 407 -47.25 23.29 11.06
C LEU A 407 -48.07 22.34 11.91
N ASN A 408 -49.34 22.66 12.11
CA ASN A 408 -50.18 21.86 13.03
C ASN A 408 -51.40 21.35 12.30
N VAL A 409 -51.30 21.17 10.98
CA VAL A 409 -52.40 20.60 10.21
C VAL A 409 -52.32 19.09 10.28
N LYS A 410 -53.49 18.45 10.32
CA LYS A 410 -53.58 16.99 10.31
C LYS A 410 -54.96 16.62 9.80
N PHE A 411 -55.00 15.80 8.76
CA PHE A 411 -56.26 15.42 8.13
C PHE A 411 -56.02 14.22 7.22
N ASP A 412 -57.12 13.61 6.78
CA ASP A 412 -57.02 12.51 5.84
C ASP A 412 -56.62 13.04 4.47
N ALA A 413 -55.65 12.38 3.85
CA ALA A 413 -55.20 12.79 2.53
C ALA A 413 -56.32 12.60 1.51
N PRO A 414 -56.62 13.60 0.70
CA PRO A 414 -57.79 13.50 -0.19
C PRO A 414 -57.50 12.60 -1.39
N PHE A 415 -58.58 12.07 -1.96
CA PHE A 415 -58.51 11.25 -3.17
C PHE A 415 -57.61 10.04 -2.94
N ARG A 416 -57.86 9.35 -1.89
CA ARG A 416 -57.02 8.26 -1.42
C ARG A 416 -57.58 6.91 -1.84
N PRO A 417 -56.71 5.92 -2.01
CA PRO A 417 -57.17 4.57 -2.36
C PRO A 417 -58.12 4.01 -1.32
N ALA A 418 -58.82 2.95 -1.73
CA ALA A 418 -59.91 2.39 -0.92
C ALA A 418 -59.43 1.81 0.41
N ASP A 419 -58.23 1.22 0.47
CA ASP A 419 -57.78 0.57 1.70
C ASP A 419 -56.42 1.08 2.17
N THR A 420 -56.24 2.40 2.18
CA THR A 420 -54.96 2.99 2.54
C THR A 420 -55.16 3.91 3.74
N HIS A 421 -54.06 4.25 4.42
CA HIS A 421 -54.15 5.12 5.58
C HIS A 421 -53.23 6.33 5.52
N ASN A 422 -52.93 6.85 4.33
CA ASN A 422 -52.01 7.97 4.23
C ASN A 422 -52.56 9.21 4.92
N GLU A 423 -51.70 9.94 5.61
CA GLU A 423 -52.07 11.17 6.29
C GLU A 423 -51.08 12.27 5.95
N VAL A 424 -51.53 13.52 6.10
CA VAL A 424 -50.72 14.69 5.77
C VAL A 424 -50.35 15.40 7.07
N ARG A 425 -49.04 15.57 7.30
CA ARG A 425 -48.55 16.24 8.50
C ARG A 425 -47.11 16.66 8.28
N PHE A 426 -46.66 17.61 9.11
CA PHE A 426 -45.31 18.13 9.05
C PHE A 426 -44.60 17.86 10.37
N ASP A 427 -43.30 17.65 10.31
CA ASP A 427 -42.48 17.50 11.50
C ASP A 427 -41.97 18.86 11.98
N ARG A 428 -41.01 18.83 12.91
CA ARG A 428 -40.48 20.06 13.49
C ARG A 428 -39.81 20.95 12.44
N PHE A 429 -39.29 20.33 11.37
CA PHE A 429 -38.63 21.05 10.30
C PHE A 429 -39.54 21.27 9.09
N GLY A 430 -40.81 20.91 9.19
CA GLY A 430 -41.71 21.05 8.06
C GLY A 430 -41.34 20.14 6.93
N ASP A 431 -41.12 18.86 7.23
CA ASP A 431 -40.73 17.87 6.25
C ASP A 431 -41.76 16.75 6.23
N GLY A 432 -41.57 15.83 5.29
CA GLY A 432 -42.42 14.66 5.14
C GLY A 432 -41.77 13.40 5.68
N ILE A 433 -42.40 12.28 5.38
CA ILE A 433 -41.96 10.97 5.83
C ILE A 433 -41.16 10.34 4.69
N GLY A 434 -40.16 9.56 5.05
CA GLY A 434 -39.26 9.01 4.04
C GLY A 434 -39.59 7.60 3.62
N ARG A 435 -40.21 7.46 2.46
CA ARG A 435 -40.47 6.17 1.85
C ARG A 435 -40.21 6.27 0.36
N TYR A 436 -39.58 5.24 -0.20
CA TYR A 436 -39.13 5.27 -1.59
C TYR A 436 -39.45 3.94 -2.28
N ASN A 437 -39.59 4.01 -3.58
CA ASN A 437 -39.74 2.85 -4.45
C ASN A 437 -38.53 2.72 -5.37
N ILE A 438 -38.25 1.50 -5.80
CA ILE A 438 -37.08 1.19 -6.62
C ILE A 438 -37.55 0.54 -7.91
N PHE A 439 -37.04 1.02 -9.03
CA PHE A 439 -37.45 0.56 -10.35
C PHE A 439 -36.26 0.04 -11.14
N THR A 440 -36.54 -0.83 -12.10
CA THR A 440 -35.55 -1.29 -13.06
C THR A 440 -36.10 -1.11 -14.45
N TYR A 441 -35.21 -0.93 -15.42
CA TYR A 441 -35.57 -0.72 -16.81
C TYR A 441 -35.21 -1.96 -17.62
N LEU A 442 -36.19 -2.51 -18.34
CA LEU A 442 -35.99 -3.77 -19.03
C LEU A 442 -36.72 -3.75 -20.37
N ARG A 443 -36.44 -4.78 -21.18
CA ARG A 443 -37.08 -4.98 -22.47
C ARG A 443 -38.04 -6.15 -22.39
N ALA A 444 -39.26 -5.95 -22.86
CA ALA A 444 -40.28 -7.00 -22.83
C ALA A 444 -40.25 -7.82 -24.11
N GLY A 447 -41.81 -6.32 -27.82
CA GLY A 447 -40.47 -5.80 -27.73
C GLY A 447 -40.39 -4.42 -27.11
N ARG A 448 -41.50 -3.98 -26.52
CA ARG A 448 -41.54 -2.67 -25.91
C ARG A 448 -40.74 -2.65 -24.61
N TYR A 449 -40.33 -1.45 -24.20
CA TYR A 449 -39.60 -1.24 -22.97
C TYR A 449 -40.53 -0.70 -21.89
N ARG A 450 -40.19 -0.98 -20.63
CA ARG A 450 -41.02 -0.54 -19.52
C ARG A 450 -40.22 -0.54 -18.23
N TYR A 451 -40.76 0.19 -17.25
CA TYR A 451 -40.21 0.26 -15.90
C TYR A 451 -40.92 -0.75 -15.01
N GLN A 452 -40.17 -1.38 -14.12
CA GLN A 452 -40.70 -2.43 -13.25
C GLN A 452 -40.28 -2.17 -11.81
N LYS A 453 -41.25 -2.25 -10.90
CA LYS A 453 -40.98 -2.03 -9.48
C LYS A 453 -40.45 -3.31 -8.84
N VAL A 454 -39.38 -3.18 -8.06
CA VAL A 454 -38.71 -4.36 -7.52
C VAL A 454 -38.60 -4.33 -6.01
N GLY A 455 -38.97 -3.20 -5.38
CA GLY A 455 -38.90 -3.12 -3.94
C GLY A 455 -39.15 -1.71 -3.46
N TYR A 456 -38.97 -1.53 -2.15
CA TYR A 456 -39.23 -0.25 -1.52
C TYR A 456 -38.26 -0.06 -0.35
N TRP A 457 -38.20 1.18 0.14
CA TRP A 457 -37.35 1.52 1.28
C TRP A 457 -38.11 2.48 2.18
N ALA A 458 -38.31 2.07 3.44
CA ALA A 458 -38.85 2.96 4.46
C ALA A 458 -37.83 3.15 5.58
N GLU A 459 -37.38 2.05 6.19
CA GLU A 459 -36.47 2.05 7.33
C GLU A 459 -35.48 0.91 7.20
N GLY A 460 -35.71 0.00 6.27
CA GLY A 460 -34.92 -1.18 5.98
C GLY A 460 -35.17 -1.52 4.52
N LEU A 461 -34.14 -1.97 3.80
CA LEU A 461 -34.27 -2.17 2.37
C LEU A 461 -34.83 -3.57 2.10
N THR A 462 -35.81 -3.63 1.20
CA THR A 462 -36.36 -4.87 0.69
C THR A 462 -36.48 -4.80 -0.82
N LEU A 463 -36.02 -5.84 -1.50
CA LEU A 463 -36.12 -5.90 -2.95
C LEU A 463 -36.13 -7.35 -3.42
N ASP A 464 -36.86 -7.60 -4.51
CA ASP A 464 -36.97 -8.93 -5.09
C ASP A 464 -36.02 -9.03 -6.28
N THR A 465 -35.02 -9.91 -6.15
CA THR A 465 -34.04 -10.09 -7.22
C THR A 465 -34.54 -10.99 -8.33
N SER A 466 -35.71 -11.60 -8.17
CA SER A 466 -36.26 -12.43 -9.24
C SER A 466 -36.72 -11.60 -10.43
N LEU A 467 -37.21 -10.38 -10.18
CA LEU A 467 -37.75 -9.57 -11.27
C LEU A 467 -36.64 -8.98 -12.13
N ILE A 468 -35.48 -8.73 -11.56
CA ILE A 468 -34.36 -8.16 -12.32
C ILE A 468 -33.81 -9.23 -13.25
N PRO A 469 -33.66 -8.96 -14.55
CA PRO A 469 -33.20 -10.00 -15.47
C PRO A 469 -31.77 -10.46 -15.20
N TRP A 470 -30.82 -9.53 -15.10
CA TRP A 470 -29.44 -9.95 -14.91
C TRP A 470 -29.16 -10.43 -13.50
N ALA A 471 -30.01 -10.10 -12.54
CA ALA A 471 -29.88 -10.59 -11.17
C ALA A 471 -30.54 -11.95 -10.95
N SER A 472 -31.30 -12.43 -11.93
CA SER A 472 -31.97 -13.71 -11.78
C SER A 472 -30.95 -14.85 -11.91
N PRO A 473 -31.22 -16.00 -11.29
CA PRO A 473 -30.32 -17.13 -11.47
C PRO A 473 -30.40 -17.68 -12.89
N SER A 474 -29.36 -18.42 -13.26
CA SER A 474 -29.18 -19.03 -14.57
C SER A 474 -28.92 -18.00 -15.66
N ALA A 475 -28.97 -16.70 -15.35
CA ALA A 475 -28.55 -15.68 -16.30
C ALA A 475 -27.04 -15.55 -16.36
N GLY A 476 -26.36 -15.79 -15.23
CA GLY A 476 -24.93 -15.67 -15.15
C GLY A 476 -24.47 -14.93 -13.90
N PRO A 477 -23.17 -14.69 -13.79
CA PRO A 477 -22.66 -13.93 -12.64
C PRO A 477 -23.08 -12.47 -12.65
N LEU A 478 -23.19 -11.92 -11.45
CA LEU A 478 -23.55 -10.51 -11.28
C LEU A 478 -22.41 -9.62 -11.79
N PRO A 479 -22.73 -8.44 -12.30
CA PRO A 479 -21.67 -7.47 -12.64
C PRO A 479 -20.83 -7.13 -11.41
N ALA A 480 -19.53 -7.01 -11.62
CA ALA A 480 -18.57 -6.84 -10.53
C ALA A 480 -17.85 -5.50 -10.65
N SER A 481 -17.51 -4.93 -9.50
CA SER A 481 -16.68 -3.73 -9.44
C SER A 481 -15.92 -3.74 -8.11
N ARG A 482 -14.64 -4.08 -8.15
CA ARG A 482 -13.83 -4.02 -6.93
C ARG A 482 -12.38 -3.70 -7.28
N CYS A 483 -11.68 -3.16 -6.28
CA CYS A 483 -10.26 -2.80 -6.43
C CYS A 483 -9.36 -4.01 -6.64
N SER A 484 -9.54 -5.06 -5.84
CA SER A 484 -8.69 -6.23 -5.93
C SER A 484 -9.48 -7.52 -5.72
N GLU A 485 -9.14 -8.55 -6.50
CA GLU A 485 -9.85 -9.80 -6.45
C GLU A 485 -9.45 -10.49 -5.14
N PRO A 486 -10.14 -11.55 -4.72
CA PRO A 486 -9.80 -12.17 -3.44
C PRO A 486 -8.46 -12.87 -3.47
N CYS A 487 -7.79 -12.86 -2.31
CA CYS A 487 -6.49 -13.48 -2.17
C CYS A 487 -6.60 -15.01 -2.23
N LEU A 488 -5.50 -15.65 -2.63
CA LEU A 488 -5.51 -17.10 -2.72
C LEU A 488 -5.51 -17.71 -1.32
N GLN A 489 -5.79 -19.01 -1.25
CA GLN A 489 -5.72 -19.73 0.02
C GLN A 489 -4.40 -19.50 0.73
N ASN A 490 -3.29 -19.80 0.05
CA ASN A 490 -1.97 -19.71 0.67
C ASN A 490 -1.46 -18.28 0.82
N GLU A 491 -2.13 -17.29 0.25
CA GLU A 491 -1.63 -15.92 0.27
C GLU A 491 -2.24 -15.11 1.41
N VAL A 492 -1.58 -13.99 1.70
CA VAL A 492 -2.04 -13.06 2.73
C VAL A 492 -2.09 -11.67 2.11
N LYS A 493 -3.00 -10.84 2.61
CA LYS A 493 -3.14 -9.47 2.12
C LYS A 493 -2.46 -8.50 3.07
N SER A 494 -1.69 -7.57 2.51
CA SER A 494 -1.10 -6.49 3.27
C SER A 494 -1.49 -5.18 2.60
N VAL A 495 -1.87 -4.18 3.40
CA VAL A 495 -2.33 -2.93 2.84
C VAL A 495 -1.75 -1.76 3.63
N GLN A 496 -1.72 -0.58 3.01
CA GLN A 496 -1.31 0.62 3.70
C GLN A 496 -2.36 1.00 4.75
N PRO A 497 -1.96 1.72 5.80
CA PRO A 497 -2.95 2.05 6.84
C PRO A 497 -4.00 3.00 6.30
N GLY A 498 -5.24 2.75 6.72
CA GLY A 498 -6.41 3.51 6.30
C GLY A 498 -6.94 3.14 4.94
N GLU A 499 -6.35 2.14 4.28
CA GLU A 499 -6.81 1.66 2.97
C GLU A 499 -7.80 0.55 3.25
N VAL A 500 -9.07 0.93 3.40
CA VAL A 500 -10.09 -0.05 3.73
C VAL A 500 -10.63 -0.82 2.52
N CYS A 501 -10.66 -0.24 1.32
CA CYS A 501 -11.20 -1.07 0.26
C CYS A 501 -10.18 -1.94 -0.48
N CYS A 502 -9.03 -1.38 -0.88
CA CYS A 502 -8.06 -2.15 -1.65
C CYS A 502 -7.24 -3.10 -0.78
N TRP A 503 -6.79 -4.21 -1.38
CA TRP A 503 -6.03 -5.23 -0.67
C TRP A 503 -4.96 -5.79 -1.60
N LEU A 504 -3.70 -5.78 -1.15
CA LEU A 504 -2.58 -6.36 -1.89
C LEU A 504 -2.22 -7.73 -1.32
N CYS A 505 -2.47 -8.78 -2.11
CA CYS A 505 -2.14 -10.14 -1.69
C CYS A 505 -0.65 -10.41 -1.77
N ILE A 506 -0.17 -11.25 -0.85
CA ILE A 506 1.25 -11.59 -0.75
C ILE A 506 1.37 -13.06 -0.37
N PRO A 507 2.24 -13.83 -1.03
CA PRO A 507 2.45 -15.24 -0.67
C PRO A 507 3.20 -15.39 0.65
N CYS A 508 2.67 -16.24 1.54
CA CYS A 508 3.39 -16.53 2.77
C CYS A 508 4.51 -17.52 2.45
N GLN A 509 5.46 -17.66 3.37
CA GLN A 509 6.54 -18.61 3.13
C GLN A 509 6.04 -20.06 3.26
N PRO A 510 6.56 -20.98 2.41
CA PRO A 510 6.10 -22.38 2.41
C PRO A 510 6.05 -23.07 3.76
N TYR A 511 6.75 -22.52 4.75
CA TYR A 511 6.83 -23.09 6.09
C TYR A 511 6.20 -22.22 7.17
N GLU A 512 5.27 -21.34 6.80
CA GLU A 512 4.72 -20.40 7.76
C GLU A 512 3.21 -20.60 7.92
N TYR A 513 2.75 -20.41 9.15
CA TYR A 513 1.34 -20.53 9.51
C TYR A 513 0.78 -19.12 9.66
N ARG A 514 -0.29 -18.83 8.92
CA ARG A 514 -0.82 -17.47 8.91
C ARG A 514 -1.76 -17.26 10.09
N LEU A 515 -1.43 -16.28 10.93
CA LEU A 515 -2.23 -16.00 12.13
C LEU A 515 -3.62 -15.52 11.73
N ASP A 516 -3.68 -14.62 10.77
CA ASP A 516 -4.89 -13.99 10.28
C ASP A 516 -4.57 -13.52 8.88
N GLU A 517 -5.59 -13.02 8.18
CA GLU A 517 -5.39 -12.67 6.77
C GLU A 517 -4.27 -11.65 6.58
N PHE A 518 -4.19 -10.65 7.45
CA PHE A 518 -3.18 -9.60 7.26
C PHE A 518 -1.74 -10.09 7.45
N THR A 519 -1.47 -10.90 8.47
CA THR A 519 -0.09 -11.30 8.77
C THR A 519 0.15 -12.80 8.86
N CYS A 520 1.09 -13.31 8.06
CA CYS A 520 1.49 -14.70 8.18
C CYS A 520 2.47 -14.83 9.35
N ALA A 521 2.64 -16.05 9.86
CA ALA A 521 3.56 -16.23 10.98
C ALA A 521 4.18 -17.62 10.93
N ASP A 522 5.16 -17.84 11.80
CA ASP A 522 5.78 -19.16 11.94
C ASP A 522 4.80 -20.16 12.53
N CYS A 523 4.89 -21.42 12.09
CA CYS A 523 4.05 -22.44 12.70
C CYS A 523 4.70 -23.07 13.93
N GLY A 524 5.93 -23.56 13.80
CA GLY A 524 6.60 -24.15 14.92
C GLY A 524 7.68 -25.15 14.51
N LEU A 525 8.84 -25.06 15.16
CA LEU A 525 9.96 -25.95 14.87
C LEU A 525 9.53 -27.40 14.78
N GLY A 526 9.95 -28.07 13.71
CA GLY A 526 9.56 -29.43 13.42
C GLY A 526 8.13 -29.65 12.98
N TYR A 527 7.41 -28.60 12.61
CA TYR A 527 6.01 -28.71 12.20
C TYR A 527 5.86 -28.17 10.78
N TRP A 528 4.90 -28.71 10.04
CA TRP A 528 4.63 -28.26 8.70
C TRP A 528 3.17 -27.83 8.55
N PRO A 529 2.89 -26.75 7.81
CA PRO A 529 1.49 -26.32 7.64
C PRO A 529 0.64 -27.37 6.94
N ASN A 530 -0.61 -27.48 7.39
CA ASN A 530 -1.57 -28.42 6.84
C ASN A 530 -1.93 -28.06 5.40
N ALA A 531 -2.72 -28.95 4.78
CA ALA A 531 -3.20 -28.73 3.42
C ALA A 531 -4.08 -27.48 3.34
N SER A 532 -4.89 -27.24 4.37
CA SER A 532 -5.78 -26.09 4.43
C SER A 532 -5.05 -24.79 4.75
N LEU A 533 -3.74 -24.85 5.01
CA LEU A 533 -2.91 -23.69 5.34
C LEU A 533 -3.33 -23.00 6.63
N THR A 534 -4.08 -23.68 7.51
CA THR A 534 -4.34 -23.12 8.82
C THR A 534 -3.95 -24.14 9.88
N GLY A 535 -4.15 -25.42 9.59
CA GLY A 535 -3.67 -26.45 10.48
C GLY A 535 -2.17 -26.63 10.36
N CYS A 536 -1.57 -27.28 11.35
CA CYS A 536 -0.16 -27.59 11.27
C CYS A 536 0.04 -28.99 11.86
N PHE A 537 1.03 -29.72 11.34
CA PHE A 537 1.25 -31.10 11.73
C PHE A 537 2.73 -31.38 11.98
N GLU A 538 3.01 -32.06 13.08
CA GLU A 538 4.40 -32.37 13.43
C GLU A 538 4.98 -33.33 12.41
N LEU A 539 6.17 -33.03 11.92
CA LEU A 539 6.77 -33.82 10.86
C LEU A 539 7.10 -35.23 11.34
N PRO A 540 7.11 -36.20 10.44
CA PRO A 540 7.52 -37.56 10.81
C PRO A 540 9.02 -37.62 11.06
N GLN A 541 9.44 -38.65 11.77
CA GLN A 541 10.85 -38.78 12.12
C GLN A 541 11.58 -39.47 10.96
N GLU A 542 12.87 -39.72 11.15
CA GLU A 542 13.62 -40.41 10.10
C GLU A 542 14.74 -41.25 10.69
N TYR A 543 14.92 -42.43 10.11
CA TYR A 543 15.99 -43.35 10.47
C TYR A 543 16.22 -44.23 9.25
N ILE A 544 17.39 -44.87 9.20
CA ILE A 544 17.80 -45.58 8.00
C ILE A 544 16.75 -46.61 7.62
N ARG A 545 16.32 -46.58 6.36
CA ARG A 545 15.43 -47.61 5.85
C ARG A 545 16.17 -48.93 5.77
N TRP A 546 15.51 -50.01 6.19
CA TRP A 546 16.22 -51.28 6.26
C TRP A 546 16.63 -51.81 4.90
N GLY A 547 16.22 -51.17 3.80
CA GLY A 547 16.49 -51.73 2.49
C GLY A 547 17.49 -50.94 1.67
N ASP A 548 17.93 -49.78 2.18
CA ASP A 548 18.98 -49.01 1.52
C ASP A 548 20.21 -49.89 1.33
N ALA A 549 20.74 -49.93 0.11
CA ALA A 549 21.81 -50.90 -0.14
C ALA A 549 23.05 -50.63 0.70
N TRP A 550 23.25 -49.37 1.12
CA TRP A 550 24.47 -49.04 1.86
C TRP A 550 24.54 -49.83 3.15
N ALA A 551 23.40 -49.96 3.83
CA ALA A 551 23.28 -50.74 5.05
C ALA A 551 23.07 -52.22 4.74
N VAL A 552 22.43 -52.54 3.61
CA VAL A 552 22.23 -53.93 3.25
C VAL A 552 23.56 -54.64 3.04
N GLY A 553 24.52 -53.97 2.40
CA GLY A 553 25.75 -54.64 2.06
C GLY A 553 26.39 -55.27 3.29
N PRO A 554 26.54 -54.48 4.36
CA PRO A 554 27.09 -55.08 5.57
C PRO A 554 26.16 -56.07 6.28
N VAL A 555 24.83 -55.90 6.28
CA VAL A 555 24.08 -56.93 7.00
C VAL A 555 24.52 -58.29 6.49
N THR A 556 24.80 -58.35 5.18
CA THR A 556 25.21 -59.58 4.51
C THR A 556 26.62 -59.95 4.89
N ILE A 557 27.53 -58.96 4.94
CA ILE A 557 28.90 -59.27 5.33
C ILE A 557 28.91 -59.82 6.75
N ALA A 558 28.11 -59.22 7.63
CA ALA A 558 27.98 -59.69 9.00
C ALA A 558 27.42 -61.10 9.07
N CYS A 559 26.40 -61.40 8.25
CA CYS A 559 25.88 -62.77 8.25
C CYS A 559 26.95 -63.77 7.84
N LEU A 560 27.71 -63.44 6.79
CA LEU A 560 28.78 -64.33 6.35
C LEU A 560 29.82 -64.50 7.45
N GLY A 561 30.19 -63.40 8.11
CA GLY A 561 31.16 -63.49 9.19
C GLY A 561 30.65 -64.32 10.35
N ALA A 562 29.37 -64.15 10.71
CA ALA A 562 28.76 -64.93 11.78
C ALA A 562 28.75 -66.40 11.43
N LEU A 563 28.41 -66.72 10.18
CA LEU A 563 28.42 -68.11 9.74
C LEU A 563 29.83 -68.69 9.87
N ALA A 564 30.85 -67.93 9.46
CA ALA A 564 32.21 -68.42 9.57
C ALA A 564 32.61 -68.63 11.03
N THR A 565 32.23 -67.71 11.92
CA THR A 565 32.55 -67.87 13.34
C THR A 565 31.86 -69.08 13.93
N LEU A 566 30.59 -69.32 13.56
CA LEU A 566 29.90 -70.50 14.05
C LEU A 566 30.57 -71.78 13.52
N PHE A 567 30.99 -71.75 12.26
CA PHE A 567 31.69 -72.90 11.68
C PHE A 567 32.97 -73.19 12.47
N VAL A 568 33.83 -72.18 12.60
CA VAL A 568 35.11 -72.36 13.28
C VAL A 568 34.88 -72.84 14.71
N LEU A 569 33.91 -72.24 15.41
CA LEU A 569 33.60 -72.65 16.77
C LEU A 569 33.16 -74.11 16.82
N GLY A 570 32.28 -74.53 15.91
CA GLY A 570 31.85 -75.92 15.89
C GLY A 570 32.98 -76.90 15.62
N VAL A 571 33.80 -76.59 14.61
CA VAL A 571 34.90 -77.51 14.27
C VAL A 571 35.89 -77.61 15.43
N PHE A 572 36.24 -76.47 16.04
CA PHE A 572 37.18 -76.52 17.15
C PHE A 572 36.57 -77.15 18.39
N VAL A 573 35.24 -77.06 18.55
CA VAL A 573 34.60 -77.69 19.69
C VAL A 573 34.59 -79.20 19.53
N ARG A 574 34.28 -79.69 18.32
CA ARG A 574 34.21 -81.12 18.10
C ARG A 574 35.57 -81.77 18.26
N HIS A 575 36.58 -81.21 17.58
CA HIS A 575 37.93 -81.80 17.57
C HIS A 575 38.79 -81.22 18.70
N ASN A 576 38.37 -81.47 19.94
CA ASN A 576 39.22 -81.07 21.04
C ASN A 576 40.37 -82.06 21.23
N ALA A 577 40.21 -83.27 20.70
CA ALA A 577 41.19 -84.34 20.84
C ALA A 577 42.36 -84.12 19.89
N THR A 578 42.11 -83.39 18.80
CA THR A 578 43.10 -83.18 17.75
C THR A 578 44.35 -82.49 18.30
N PRO A 579 45.53 -82.94 17.89
CA PRO A 579 46.77 -82.41 18.48
C PRO A 579 46.93 -80.91 18.34
N VAL A 580 46.36 -80.29 17.31
CA VAL A 580 46.48 -78.84 17.18
C VAL A 580 45.80 -78.15 18.36
N VAL A 581 44.70 -78.72 18.83
CA VAL A 581 44.04 -78.20 20.04
C VAL A 581 44.93 -78.45 21.26
N LYS A 582 45.56 -79.62 21.30
CA LYS A 582 46.36 -80.04 22.44
C LYS A 582 47.62 -79.21 22.60
N ALA A 583 48.15 -78.70 21.49
CA ALA A 583 49.43 -78.01 21.51
C ALA A 583 49.36 -76.68 22.26
N SER A 584 48.29 -75.91 22.07
CA SER A 584 48.27 -74.58 22.68
C SER A 584 47.82 -74.67 24.14
N GLY A 585 46.74 -75.40 24.41
CA GLY A 585 46.37 -75.67 25.79
C GLY A 585 45.83 -74.50 26.58
N ARG A 586 44.68 -73.96 26.18
CA ARG A 586 44.06 -72.86 26.91
C ARG A 586 42.63 -72.72 26.42
N GLU A 587 41.92 -71.75 26.99
CA GLU A 587 40.58 -71.40 26.53
C GLU A 587 40.46 -69.95 26.08
N LEU A 588 41.54 -69.18 26.11
CA LEU A 588 41.51 -67.82 25.56
C LEU A 588 41.13 -67.81 24.09
N CYS A 589 41.42 -68.87 23.34
CA CYS A 589 40.94 -68.99 21.97
C CYS A 589 39.42 -69.00 21.89
N TYR A 590 38.76 -69.76 22.76
CA TYR A 590 37.30 -69.78 22.75
C TYR A 590 36.74 -68.43 23.14
N ILE A 591 37.37 -67.75 24.10
CA ILE A 591 36.94 -66.41 24.49
C ILE A 591 37.05 -65.47 23.29
N LEU A 592 38.19 -65.57 22.66
CA LEU A 592 38.41 -64.59 21.58
C LEU A 592 37.30 -64.86 20.58
N LEU A 593 37.02 -66.13 20.31
CA LEU A 593 36.06 -66.39 19.23
C LEU A 593 34.75 -65.76 19.67
N GLY A 594 34.41 -65.99 20.93
CA GLY A 594 33.10 -65.51 21.38
C GLY A 594 33.04 -64.03 21.11
N GLY A 595 34.10 -63.33 21.51
CA GLY A 595 34.17 -61.92 21.26
C GLY A 595 33.96 -61.56 19.80
N VAL A 596 34.54 -62.33 18.90
CA VAL A 596 34.34 -62.07 17.47
C VAL A 596 32.86 -62.25 17.09
N PHE A 597 32.21 -63.29 17.60
CA PHE A 597 30.80 -63.46 17.29
C PHE A 597 29.99 -62.29 17.83
N LEU A 598 30.29 -61.86 19.05
CA LEU A 598 29.57 -60.72 19.63
C LEU A 598 29.84 -59.45 18.82
N CYS A 599 31.07 -59.24 18.35
CA CYS A 599 31.36 -58.05 17.54
C CYS A 599 30.47 -58.03 16.30
N TYR A 600 30.33 -59.19 15.64
CA TYR A 600 29.44 -59.19 14.47
C TYR A 600 28.00 -58.95 14.90
N CYS A 601 27.59 -59.49 16.06
CA CYS A 601 26.18 -59.26 16.39
C CYS A 601 26.00 -57.78 16.71
N MET A 602 27.09 -57.12 17.10
CA MET A 602 27.01 -55.71 17.42
C MET A 602 26.82 -54.94 16.14
N THR A 603 27.52 -55.37 15.07
CA THR A 603 27.33 -54.70 13.79
C THR A 603 25.96 -54.98 13.22
N PHE A 604 25.30 -56.04 13.70
CA PHE A 604 23.88 -56.24 13.44
C PHE A 604 23.05 -55.21 14.18
N ILE A 605 23.47 -54.88 15.40
CA ILE A 605 22.67 -54.02 16.28
C ILE A 605 22.90 -52.53 16.05
N PHE A 606 23.97 -52.15 15.33
CA PHE A 606 24.18 -50.74 15.04
C PHE A 606 23.17 -50.22 14.02
N ILE A 607 22.89 -51.00 12.98
CA ILE A 607 21.89 -50.61 11.99
C ILE A 607 20.52 -51.00 12.50
N ALA A 608 20.01 -50.26 13.48
CA ALA A 608 18.72 -50.54 14.08
C ALA A 608 18.03 -49.24 14.45
N LYS A 609 16.74 -49.35 14.73
CA LYS A 609 15.95 -48.17 15.15
C LYS A 609 16.38 -47.74 16.54
N PRO A 610 16.84 -46.50 16.71
CA PRO A 610 17.38 -46.09 18.02
C PRO A 610 16.32 -46.04 19.11
N SER A 611 16.78 -46.30 20.33
CA SER A 611 15.98 -46.16 21.55
C SER A 611 16.95 -45.91 22.70
N THR A 612 16.42 -45.94 23.92
CA THR A 612 17.30 -45.84 25.09
C THR A 612 18.09 -47.13 25.29
N ALA A 613 17.39 -48.26 25.21
CA ALA A 613 18.04 -49.56 25.36
C ALA A 613 19.02 -49.79 24.22
N VAL A 614 18.63 -49.43 23.00
CA VAL A 614 19.52 -49.61 21.86
C VAL A 614 20.77 -48.75 22.01
N CYS A 615 20.61 -47.53 22.53
CA CYS A 615 21.79 -46.68 22.73
C CYS A 615 22.73 -47.28 23.76
N THR A 616 22.19 -47.80 24.86
CA THR A 616 23.03 -48.45 25.87
C THR A 616 23.73 -49.68 25.29
N LEU A 617 22.98 -50.53 24.59
CA LEU A 617 23.57 -51.71 23.97
C LEU A 617 24.68 -51.35 22.98
N ARG A 618 24.49 -50.30 22.18
CA ARG A 618 25.53 -49.93 21.23
C ARG A 618 26.77 -49.38 21.92
N ARG A 619 26.55 -48.62 22.99
CA ARG A 619 27.59 -47.94 23.73
C ARG A 619 28.30 -48.87 24.69
N LEU A 620 27.76 -50.07 24.87
CA LEU A 620 28.42 -51.10 25.64
C LEU A 620 29.11 -52.06 24.69
N GLY A 621 28.38 -52.56 23.70
CA GLY A 621 28.87 -53.64 22.88
C GLY A 621 30.07 -53.28 22.04
N LEU A 622 30.16 -52.02 21.56
CA LEU A 622 31.31 -51.69 20.73
C LEU A 622 32.61 -51.84 21.52
N GLY A 623 32.70 -51.13 22.64
CA GLY A 623 33.85 -51.26 23.51
C GLY A 623 34.06 -52.67 24.03
N THR A 624 32.97 -53.33 24.41
CA THR A 624 33.08 -54.69 24.92
C THR A 624 33.73 -55.60 23.90
N ALA A 625 33.28 -55.55 22.65
CA ALA A 625 33.77 -56.48 21.64
C ALA A 625 35.23 -56.22 21.31
N PHE A 626 35.60 -54.95 21.15
CA PHE A 626 37.00 -54.68 20.85
C PHE A 626 37.88 -55.04 22.05
N SER A 627 37.44 -54.70 23.26
CA SER A 627 38.29 -54.95 24.42
C SER A 627 38.42 -56.45 24.65
N VAL A 628 37.35 -57.21 24.40
CA VAL A 628 37.40 -58.66 24.55
C VAL A 628 38.45 -59.24 23.60
N CYS A 629 38.38 -58.85 22.32
CA CYS A 629 39.32 -59.43 21.36
C CYS A 629 40.76 -59.06 21.72
N TYR A 630 41.00 -57.79 22.03
CA TYR A 630 42.36 -57.37 22.28
C TYR A 630 42.88 -57.88 23.63
N SER A 631 41.99 -58.06 24.61
CA SER A 631 42.37 -58.69 25.87
C SER A 631 42.75 -60.14 25.66
N ALA A 632 42.01 -60.83 24.79
CA ALA A 632 42.35 -62.21 24.46
C ALA A 632 43.76 -62.25 23.87
N LEU A 633 44.00 -61.46 22.81
CA LEU A 633 45.31 -61.58 22.21
C LEU A 633 46.39 -61.02 23.14
N LEU A 634 45.98 -60.21 24.13
CA LEU A 634 46.88 -59.74 25.17
C LEU A 634 47.28 -60.89 26.08
N THR A 635 46.33 -61.79 26.32
CA THR A 635 46.61 -62.97 27.12
C THR A 635 47.60 -63.85 26.39
N LYS A 636 47.33 -64.16 25.13
CA LYS A 636 48.20 -65.11 24.44
C LYS A 636 49.61 -64.55 24.25
N THR A 637 49.74 -63.26 23.94
CA THR A 637 51.08 -62.65 23.90
C THR A 637 51.76 -62.66 25.26
N ASN A 638 51.02 -62.41 26.34
CA ASN A 638 51.64 -62.51 27.66
C ASN A 638 52.08 -63.93 27.94
N ARG A 639 51.23 -64.91 27.64
CA ARG A 639 51.53 -66.29 28.00
C ARG A 639 52.81 -66.74 27.29
N ILE A 640 53.00 -66.32 26.04
CA ILE A 640 54.18 -66.75 25.31
C ILE A 640 55.37 -65.81 25.51
N ALA A 641 55.15 -64.64 26.14
CA ALA A 641 56.26 -63.75 26.44
C ALA A 641 57.27 -64.41 27.38
N ARG A 642 56.79 -65.16 28.37
CA ARG A 642 57.66 -65.86 29.30
C ARG A 642 57.61 -67.36 29.08
N PHE A 656 52.82 -66.14 37.67
CA PHE A 656 52.88 -67.55 37.25
C PHE A 656 51.78 -67.85 36.22
N ILE A 657 52.15 -68.56 35.16
CA ILE A 657 51.19 -68.91 34.12
C ILE A 657 50.44 -70.17 34.56
N SER A 658 49.13 -70.08 34.58
CA SER A 658 48.25 -71.17 34.99
C SER A 658 47.04 -71.19 34.08
N PRO A 659 46.33 -72.31 34.01
CA PRO A 659 45.08 -72.33 33.22
C PRO A 659 44.05 -71.34 33.74
N ALA A 660 44.13 -70.95 35.00
CA ALA A 660 43.16 -70.03 35.60
C ALA A 660 43.67 -68.60 35.65
N SER A 661 44.98 -68.42 35.77
CA SER A 661 45.55 -67.07 35.86
C SER A 661 45.32 -66.28 34.58
N GLN A 662 45.48 -66.93 33.42
CA GLN A 662 45.24 -66.25 32.15
C GLN A 662 43.77 -65.87 32.01
N VAL A 663 42.87 -66.76 32.40
CA VAL A 663 41.44 -66.47 32.33
C VAL A 663 41.09 -65.37 33.32
N ALA A 664 41.72 -65.41 34.50
CA ALA A 664 41.51 -64.36 35.48
C ALA A 664 41.97 -62.99 34.97
N ILE A 665 43.12 -62.95 34.30
CA ILE A 665 43.59 -61.68 33.73
C ILE A 665 42.63 -61.17 32.66
N CYS A 666 42.18 -62.08 31.78
CA CYS A 666 41.22 -61.68 30.75
C CYS A 666 39.94 -61.14 31.38
N LEU A 667 39.42 -61.84 32.38
CA LEU A 667 38.18 -61.44 33.01
C LEU A 667 38.35 -60.13 33.78
N ALA A 668 39.52 -59.93 34.38
CA ALA A 668 39.80 -58.67 35.07
C ALA A 668 39.80 -57.51 34.08
N LEU A 669 40.47 -57.67 32.94
CA LEU A 669 40.48 -56.61 31.94
C LEU A 669 39.07 -56.33 31.41
N ILE A 670 38.29 -57.39 31.20
CA ILE A 670 36.91 -57.20 30.75
C ILE A 670 36.11 -56.44 31.81
N SER A 671 36.21 -56.87 33.07
CA SER A 671 35.42 -56.21 34.10
C SER A 671 35.90 -54.78 34.32
N GLY A 672 37.18 -54.51 34.06
CA GLY A 672 37.66 -53.14 34.08
C GLY A 672 36.94 -52.29 33.05
N GLN A 673 36.82 -52.82 31.84
CA GLN A 673 36.12 -52.08 30.79
C GLN A 673 34.65 -51.92 31.13
N LEU A 674 34.03 -52.97 31.69
CA LEU A 674 32.65 -52.88 32.12
C LEU A 674 32.47 -51.83 33.21
N LEU A 675 33.38 -51.77 34.17
CA LEU A 675 33.37 -50.72 35.19
C LEU A 675 33.41 -49.34 34.54
N ILE A 676 34.36 -49.13 33.63
CA ILE A 676 34.50 -47.81 33.00
C ILE A 676 33.20 -47.44 32.28
N VAL A 677 32.66 -48.38 31.51
CA VAL A 677 31.51 -48.08 30.67
C VAL A 677 30.28 -47.86 31.53
N VAL A 678 30.12 -48.64 32.61
CA VAL A 678 28.98 -48.47 33.50
C VAL A 678 29.06 -47.14 34.23
N ALA A 679 30.25 -46.75 34.68
CA ALA A 679 30.41 -45.45 35.32
C ALA A 679 30.05 -44.32 34.36
N TRP A 680 30.55 -44.41 33.13
CA TRP A 680 30.28 -43.36 32.15
C TRP A 680 28.82 -43.35 31.72
N LEU A 681 28.15 -44.49 31.77
CA LEU A 681 26.72 -44.55 31.48
C LEU A 681 25.88 -44.02 32.63
N VAL A 682 26.34 -44.21 33.87
CA VAL A 682 25.65 -43.65 35.02
C VAL A 682 25.79 -42.14 35.04
N VAL A 683 26.98 -41.64 34.67
CA VAL A 683 27.20 -40.20 34.64
C VAL A 683 26.29 -39.53 33.60
N GLU A 684 26.23 -40.09 32.40
CA GLU A 684 25.44 -39.53 31.31
C GLU A 684 24.24 -40.43 31.04
N ALA A 685 23.07 -39.98 31.46
CA ALA A 685 21.86 -40.78 31.32
C ALA A 685 21.52 -40.98 29.85
N PRO A 686 21.01 -42.15 29.47
CA PRO A 686 20.65 -42.38 28.06
C PRO A 686 19.31 -41.72 27.72
N GLY A 687 19.29 -40.98 26.62
CA GLY A 687 18.07 -40.34 26.17
C GLY A 687 17.97 -40.34 24.66
N THR A 688 16.79 -39.99 24.18
CA THR A 688 16.50 -39.91 22.76
C THR A 688 16.11 -38.47 22.42
N GLY A 689 16.58 -37.98 21.26
CA GLY A 689 16.27 -36.64 20.83
C GLY A 689 15.86 -36.59 19.37
N LYS A 690 15.46 -35.38 18.97
CA LYS A 690 15.03 -35.06 17.61
C LYS A 690 15.88 -33.89 17.14
N GLU A 691 16.48 -34.01 15.96
CA GLU A 691 17.33 -32.94 15.45
C GLU A 691 16.63 -32.09 14.40
N THR A 692 17.09 -30.84 14.31
CA THR A 692 16.62 -29.82 13.39
C THR A 692 17.74 -28.79 13.30
N ALA A 693 17.66 -27.90 12.30
CA ALA A 693 18.82 -27.04 12.12
C ALA A 693 18.52 -25.81 11.26
N PRO A 694 19.53 -24.96 10.97
CA PRO A 694 19.22 -23.72 10.22
C PRO A 694 18.60 -23.90 8.85
N GLU A 695 19.11 -24.80 8.01
CA GLU A 695 18.50 -25.04 6.71
C GLU A 695 17.77 -26.37 6.60
N ARG A 696 17.33 -26.94 7.72
CA ARG A 696 16.49 -28.13 7.63
C ARG A 696 15.21 -27.78 6.88
N ARG A 697 14.91 -28.53 5.82
CA ARG A 697 13.73 -28.24 5.00
C ARG A 697 12.83 -29.47 5.01
N GLU A 698 12.01 -29.58 6.06
CA GLU A 698 11.12 -30.71 6.29
C GLU A 698 11.90 -31.98 6.61
N VAL A 699 13.07 -31.86 7.20
CA VAL A 699 13.94 -33.00 7.49
C VAL A 699 14.07 -33.17 9.00
N VAL A 700 13.64 -34.32 9.49
CA VAL A 700 13.62 -34.61 10.92
C VAL A 700 14.56 -35.79 11.16
N THR A 701 14.95 -35.98 12.41
CA THR A 701 15.93 -37.01 12.71
C THR A 701 15.72 -37.54 14.11
N LEU A 702 16.21 -38.75 14.34
CA LEU A 702 16.30 -39.36 15.66
C LEU A 702 17.76 -39.64 15.96
N ARG A 703 18.26 -39.15 17.09
CA ARG A 703 19.66 -39.28 17.43
C ARG A 703 19.80 -39.64 18.90
N CYS A 704 20.96 -40.22 19.23
CA CYS A 704 21.26 -40.56 20.61
C CYS A 704 21.75 -39.34 21.39
N ASN A 705 21.30 -39.24 22.64
CA ASN A 705 21.59 -38.05 23.44
C ASN A 705 23.08 -37.91 23.72
N HIS A 706 23.80 -39.04 23.79
CA HIS A 706 25.24 -38.99 24.02
C HIS A 706 25.96 -38.39 22.81
N ARG A 707 26.92 -37.51 23.09
CA ARG A 707 27.73 -36.92 22.05
C ARG A 707 28.81 -37.89 21.58
N ASP A 708 29.31 -37.64 20.37
CA ASP A 708 30.31 -38.52 19.78
C ASP A 708 31.62 -38.49 20.58
N ALA A 709 32.07 -37.29 20.95
CA ALA A 709 33.37 -37.15 21.59
C ALA A 709 33.44 -37.90 22.92
N SER A 710 32.31 -38.08 23.61
CA SER A 710 32.32 -38.79 24.88
C SER A 710 32.76 -40.25 24.74
N MET A 711 32.51 -40.87 23.59
CA MET A 711 33.01 -42.24 23.36
C MET A 711 34.54 -42.30 23.38
N LEU A 712 35.21 -41.19 23.04
CA LEU A 712 36.64 -41.20 22.77
C LEU A 712 37.45 -41.90 23.87
N GLY A 713 37.10 -41.66 25.13
CA GLY A 713 37.85 -42.24 26.23
C GLY A 713 38.01 -43.74 26.11
N SER A 714 36.89 -44.44 25.82
CA SER A 714 36.94 -45.88 25.69
C SER A 714 37.91 -46.30 24.60
N LEU A 715 37.80 -45.65 23.42
CA LEU A 715 38.73 -45.96 22.36
C LEU A 715 40.17 -45.72 22.79
N ALA A 716 40.40 -44.65 23.56
CA ALA A 716 41.74 -44.37 24.08
C ALA A 716 42.26 -45.57 24.88
N TYR A 717 41.42 -46.06 25.80
CA TYR A 717 41.71 -47.25 26.57
C TYR A 717 42.16 -48.37 25.65
N ASN A 718 41.29 -48.72 24.70
CA ASN A 718 41.60 -49.81 23.78
C ASN A 718 42.91 -49.56 23.04
N VAL A 719 43.15 -48.31 22.64
CA VAL A 719 44.40 -47.98 21.94
C VAL A 719 45.59 -48.36 22.78
N LEU A 720 45.56 -47.98 24.06
CA LEU A 720 46.67 -48.31 24.95
C LEU A 720 46.82 -49.83 25.05
N LEU A 721 45.68 -50.51 25.16
CA LEU A 721 45.68 -51.98 25.19
C LEU A 721 46.43 -52.52 23.97
N ILE A 722 46.09 -52.00 22.79
CA ILE A 722 46.75 -52.43 21.57
C ILE A 722 48.23 -52.15 21.63
N ALA A 723 48.61 -50.95 22.10
CA ALA A 723 50.02 -50.61 22.16
C ALA A 723 50.78 -51.55 23.08
N LEU A 724 50.08 -52.19 24.01
CA LEU A 724 50.72 -53.17 24.86
C LEU A 724 50.82 -54.49 24.13
N CYS A 725 49.70 -54.92 23.54
CA CYS A 725 49.70 -56.23 22.90
C CYS A 725 50.78 -56.24 21.83
N THR A 726 50.76 -55.23 20.95
CA THR A 726 51.78 -55.04 19.93
C THR A 726 53.19 -55.04 20.52
N LEU A 727 53.40 -54.30 21.62
CA LEU A 727 54.72 -54.27 22.25
C LEU A 727 55.21 -55.69 22.56
N TYR A 728 54.37 -56.46 23.24
CA TYR A 728 54.75 -57.83 23.60
C TYR A 728 54.93 -58.70 22.35
N ALA A 729 54.07 -58.53 21.35
CA ALA A 729 54.25 -59.27 20.11
C ALA A 729 55.54 -58.91 19.41
N PHE A 730 56.05 -57.70 19.66
CA PHE A 730 57.34 -57.29 19.12
C PHE A 730 58.49 -57.90 19.90
N LYS A 731 58.30 -58.11 21.21
CA LYS A 731 59.40 -58.59 22.03
C LYS A 731 59.62 -60.10 21.90
N THR A 732 58.65 -60.81 21.35
CA THR A 732 58.67 -62.27 21.23
C THR A 732 58.73 -62.70 19.77
N ARG A 733 59.53 -61.99 18.96
CA ARG A 733 59.56 -62.17 17.53
C ARG A 733 60.66 -63.13 17.06
N LYS A 734 61.06 -64.11 17.88
CA LYS A 734 62.06 -65.05 17.41
C LYS A 734 61.62 -66.52 17.40
N CYS A 735 61.68 -67.16 18.56
CA CYS A 735 61.39 -68.60 18.65
C CYS A 735 59.99 -69.08 18.31
N PRO A 736 59.90 -70.14 17.50
CA PRO A 736 58.59 -70.71 17.22
C PRO A 736 58.32 -71.81 18.23
N GLU A 737 57.60 -71.50 19.31
CA GLU A 737 57.38 -72.49 20.36
C GLU A 737 56.55 -73.68 19.89
N ASN A 738 55.46 -73.42 19.19
CA ASN A 738 54.67 -74.51 18.63
C ASN A 738 54.18 -74.14 17.26
N PHE A 739 54.65 -74.82 16.22
CA PHE A 739 54.20 -74.57 14.86
C PHE A 739 54.31 -73.09 14.49
N ASN A 740 55.40 -72.44 14.89
CA ASN A 740 55.62 -71.03 14.55
C ASN A 740 54.49 -70.08 14.93
N GLU A 741 53.95 -70.20 16.13
CA GLU A 741 52.83 -69.35 16.53
C GLU A 741 53.19 -67.99 17.15
N ALA A 742 54.25 -67.34 16.69
CA ALA A 742 54.56 -66.01 17.19
C ALA A 742 54.54 -64.95 16.10
N LYS A 743 55.09 -65.26 14.92
CA LYS A 743 55.10 -64.30 13.83
C LYS A 743 53.70 -64.05 13.29
N PHE A 744 52.83 -65.06 13.34
CA PHE A 744 51.44 -64.85 12.95
C PHE A 744 50.75 -63.91 13.92
N ILE A 745 51.03 -64.06 15.22
CA ILE A 745 50.51 -63.15 16.22
C ILE A 745 51.01 -61.73 15.98
N GLY A 746 52.29 -61.59 15.65
CA GLY A 746 52.83 -60.27 15.33
C GLY A 746 52.14 -59.64 14.13
N PHE A 747 51.93 -60.43 13.08
CA PHE A 747 51.23 -59.95 11.89
C PHE A 747 49.83 -59.47 12.24
N THR A 748 49.11 -60.26 13.05
CA THR A 748 47.77 -59.86 13.46
C THR A 748 47.79 -58.54 14.22
N MET A 749 48.76 -58.38 15.13
CA MET A 749 48.84 -57.14 15.89
C MET A 749 49.10 -55.94 14.98
N TYR A 750 50.03 -56.10 14.02
CA TYR A 750 50.31 -55.00 13.11
C TYR A 750 49.08 -54.65 12.28
N THR A 751 48.37 -55.66 11.80
CA THR A 751 47.20 -55.42 10.97
C THR A 751 46.11 -54.68 11.74
N THR A 752 45.86 -55.08 12.99
CA THR A 752 44.86 -54.37 13.79
C THR A 752 45.29 -52.92 14.04
N CYS A 753 46.58 -52.70 14.30
CA CYS A 753 47.07 -51.33 14.47
C CYS A 753 46.80 -50.50 13.21
N ILE A 754 47.06 -51.09 12.04
CA ILE A 754 46.82 -50.39 10.78
C ILE A 754 45.36 -50.03 10.63
N ILE A 755 44.46 -50.98 10.94
CA ILE A 755 43.03 -50.72 10.79
C ILE A 755 42.58 -49.60 11.71
N TRP A 756 43.02 -49.61 12.98
CA TRP A 756 42.60 -48.55 13.88
C TRP A 756 43.12 -47.19 13.45
N LEU A 757 44.39 -47.14 13.00
CA LEU A 757 44.94 -45.87 12.53
C LEU A 757 44.17 -45.36 11.33
N ALA A 758 43.80 -46.25 10.40
CA ALA A 758 43.02 -45.83 9.25
C ALA A 758 41.63 -45.36 9.66
N PHE A 759 41.00 -46.05 10.60
CA PHE A 759 39.59 -45.78 10.88
C PHE A 759 39.39 -44.49 11.67
N LEU A 760 40.22 -44.23 12.68
CA LEU A 760 39.88 -43.14 13.61
C LEU A 760 39.66 -41.79 12.93
N PRO A 761 40.54 -41.32 12.03
CA PRO A 761 40.29 -40.02 11.41
C PRO A 761 39.09 -40.05 10.50
N ILE A 762 38.75 -41.21 9.92
CA ILE A 762 37.62 -41.22 9.01
C ILE A 762 36.36 -40.92 9.80
N PHE A 763 36.30 -41.47 11.03
CA PHE A 763 35.19 -41.22 11.94
C PHE A 763 35.10 -39.74 12.29
N TYR A 764 36.23 -39.14 12.68
CA TYR A 764 36.18 -37.72 13.02
C TYR A 764 35.80 -36.86 11.82
N VAL A 765 36.35 -37.17 10.64
CA VAL A 765 36.03 -36.39 9.45
C VAL A 765 34.57 -36.55 9.06
N THR A 766 34.01 -37.74 9.25
CA THR A 766 32.64 -38.00 8.84
C THR A 766 31.64 -37.78 9.97
N SER A 767 32.06 -37.11 11.04
CA SER A 767 31.08 -36.75 12.07
C SER A 767 29.95 -35.90 11.49
N SER A 768 30.21 -35.17 10.40
CA SER A 768 29.23 -34.26 9.82
C SER A 768 28.00 -34.99 9.27
N ASP A 769 28.20 -36.12 8.61
CA ASP A 769 27.11 -36.86 7.95
C ASP A 769 26.89 -38.20 8.63
N TYR A 770 25.62 -38.49 8.94
CA TYR A 770 25.31 -39.67 9.74
C TYR A 770 25.26 -40.94 8.90
N ARG A 771 24.71 -40.87 7.69
CA ARG A 771 24.56 -42.09 6.89
C ARG A 771 25.91 -42.70 6.60
N VAL A 772 26.84 -41.89 6.10
CA VAL A 772 28.19 -42.36 5.83
C VAL A 772 28.84 -42.81 7.12
N GLN A 773 28.53 -42.15 8.23
CA GLN A 773 29.11 -42.54 9.50
C GLN A 773 28.72 -43.96 9.88
N THR A 774 27.42 -44.28 9.80
CA THR A 774 27.02 -45.65 10.13
C THR A 774 27.60 -46.66 9.15
N THR A 775 27.62 -46.34 7.85
CA THR A 775 28.19 -47.31 6.91
C THR A 775 29.67 -47.55 7.18
N THR A 776 30.44 -46.48 7.40
CA THR A 776 31.86 -46.63 7.67
C THR A 776 32.13 -47.31 9.00
N MET A 777 31.34 -47.00 10.03
CA MET A 777 31.52 -47.68 11.31
C MET A 777 31.27 -49.17 11.19
N CYS A 778 30.18 -49.55 10.51
CA CYS A 778 29.89 -50.96 10.33
C CYS A 778 30.98 -51.66 9.54
N VAL A 779 31.41 -51.04 8.43
CA VAL A 779 32.44 -51.67 7.60
C VAL A 779 33.74 -51.81 8.37
N SER A 780 34.15 -50.77 9.10
CA SER A 780 35.41 -50.83 9.84
C SER A 780 35.38 -51.87 10.94
N VAL A 781 34.29 -51.95 11.71
CA VAL A 781 34.23 -52.96 12.77
C VAL A 781 34.22 -54.37 12.18
N SER A 782 33.42 -54.58 11.13
CA SER A 782 33.38 -55.91 10.50
C SER A 782 34.74 -56.32 9.96
N LEU A 783 35.43 -55.39 9.30
CA LEU A 783 36.76 -55.69 8.77
C LEU A 783 37.75 -55.96 9.90
N SER A 784 37.64 -55.21 11.00
CA SER A 784 38.55 -55.42 12.12
C SER A 784 38.37 -56.80 12.73
N GLY A 785 37.13 -57.29 12.78
CA GLY A 785 36.91 -58.66 13.20
C GLY A 785 37.43 -59.66 12.20
N SER A 786 37.18 -59.42 10.92
CA SER A 786 37.59 -60.39 9.91
C SER A 786 39.10 -60.53 9.85
N VAL A 787 39.82 -59.43 10.11
CA VAL A 787 41.28 -59.50 10.09
C VAL A 787 41.79 -60.46 11.15
N VAL A 788 41.35 -60.28 12.40
CA VAL A 788 41.81 -61.16 13.47
C VAL A 788 41.44 -62.61 13.15
N LEU A 789 40.19 -62.83 12.74
CA LEU A 789 39.74 -64.19 12.41
C LEU A 789 40.65 -64.81 11.36
N GLY A 790 40.70 -64.21 10.18
CA GLY A 790 41.44 -64.81 9.07
C GLY A 790 42.92 -64.91 9.33
N CYS A 791 43.48 -63.96 10.07
CA CYS A 791 44.92 -63.93 10.30
C CYS A 791 45.34 -64.98 11.33
N LEU A 792 44.52 -65.22 12.34
CA LEU A 792 44.95 -66.09 13.43
C LEU A 792 44.40 -67.50 13.33
N PHE A 793 43.15 -67.67 12.92
CA PHE A 793 42.50 -68.97 12.99
C PHE A 793 42.60 -69.76 11.69
N ALA A 794 43.05 -69.11 10.60
CA ALA A 794 43.20 -69.83 9.33
C ALA A 794 44.30 -70.88 9.36
N PRO A 795 45.52 -70.59 9.85
CA PRO A 795 46.56 -71.64 9.84
C PRO A 795 46.19 -72.87 10.66
N LYS A 796 45.59 -72.69 11.83
CA LYS A 796 45.20 -73.83 12.64
C LYS A 796 44.14 -74.68 11.96
N LEU A 797 43.12 -74.04 11.40
CA LEU A 797 42.10 -74.79 10.65
C LEU A 797 42.70 -75.49 9.44
N HIS A 798 43.61 -74.83 8.73
CA HIS A 798 44.22 -75.43 7.55
C HIS A 798 45.04 -76.66 7.92
N ILE A 799 45.89 -76.54 8.94
CA ILE A 799 46.73 -77.67 9.33
C ILE A 799 45.91 -78.79 9.96
N ILE A 800 44.82 -78.46 10.65
CA ILE A 800 44.00 -79.51 11.25
C ILE A 800 43.22 -80.26 10.18
N LEU A 801 42.59 -79.54 9.26
CA LEU A 801 41.69 -80.15 8.29
C LEU A 801 42.35 -80.49 6.96
N PHE A 802 42.89 -79.48 6.27
CA PHE A 802 43.36 -79.71 4.91
C PHE A 802 44.61 -80.59 4.86
N GLN A 803 45.53 -80.44 5.81
CA GLN A 803 46.79 -81.18 5.80
C GLN A 803 47.05 -81.84 7.15
N PRO A 804 46.30 -82.90 7.49
CA PRO A 804 46.53 -83.55 8.79
C PRO A 804 47.92 -84.19 8.85
N GLN A 805 48.86 -83.56 9.55
CA GLN A 805 50.20 -84.11 9.64
C GLN A 805 50.83 -83.93 11.02
N LYS A 806 50.04 -83.77 12.07
CA LYS A 806 50.58 -83.53 13.39
C LYS A 806 50.77 -84.85 14.15
N LYS B 6 -29.68 48.92 13.88
CA LYS B 6 -30.82 49.83 13.90
C LYS B 6 -30.40 51.25 13.57
N LYS B 7 -29.09 51.49 13.55
CA LYS B 7 -28.53 52.79 13.25
C LYS B 7 -28.14 52.87 11.77
N VAL B 8 -28.16 54.08 11.24
CA VAL B 8 -27.76 54.36 9.86
C VAL B 8 -27.05 55.70 9.83
N LEU B 9 -26.00 55.78 9.00
CA LEU B 9 -25.22 57.00 8.85
C LEU B 9 -25.71 57.73 7.60
N THR B 10 -26.19 58.96 7.78
CA THR B 10 -26.83 59.72 6.72
C THR B 10 -26.10 61.05 6.55
N LEU B 11 -25.76 61.38 5.30
CA LEU B 11 -25.19 62.67 4.95
C LEU B 11 -25.92 63.21 3.74
N GLU B 12 -26.31 64.48 3.80
CA GLU B 12 -27.12 65.07 2.74
C GLU B 12 -26.26 65.37 1.52
N GLY B 13 -26.85 65.21 0.34
CA GLY B 13 -26.15 65.52 -0.89
C GLY B 13 -27.07 65.42 -2.08
N ASP B 14 -26.54 65.80 -3.24
CA ASP B 14 -27.31 65.68 -4.48
C ASP B 14 -27.44 64.24 -4.92
N LEU B 15 -26.35 63.48 -4.87
CA LEU B 15 -26.34 62.06 -5.19
C LEU B 15 -25.85 61.27 -3.98
N VAL B 16 -26.58 60.21 -3.63
CA VAL B 16 -26.32 59.44 -2.42
C VAL B 16 -25.73 58.10 -2.81
N LEU B 17 -24.60 57.74 -2.20
CA LEU B 17 -23.96 56.44 -2.39
C LEU B 17 -24.11 55.60 -1.14
N GLY B 18 -24.64 54.39 -1.30
CA GLY B 18 -24.78 53.51 -0.17
C GLY B 18 -23.51 52.76 0.17
N GLY B 19 -23.47 52.26 1.40
CA GLY B 19 -22.31 51.52 1.89
C GLY B 19 -22.74 50.37 2.76
N LEU B 20 -21.86 49.38 2.86
CA LEU B 20 -22.12 48.18 3.65
C LEU B 20 -20.80 47.72 4.25
N PHE B 21 -20.70 47.74 5.58
CA PHE B 21 -19.47 47.39 6.28
C PHE B 21 -19.77 46.47 7.46
N PRO B 22 -18.82 45.60 7.82
CA PRO B 22 -18.99 44.71 8.99
C PRO B 22 -18.50 45.31 10.31
N VAL B 23 -19.30 46.23 10.85
CA VAL B 23 -18.90 46.93 12.07
C VAL B 23 -18.90 45.98 13.26
N HIS B 24 -19.84 45.05 13.31
CA HIS B 24 -20.02 44.16 14.44
C HIS B 24 -19.75 42.73 14.03
N GLN B 25 -19.16 41.96 14.94
CA GLN B 25 -18.99 40.53 14.74
C GLN B 25 -20.31 39.80 14.96
N LYS B 26 -20.44 38.65 14.31
CA LYS B 26 -21.67 37.87 14.41
C LYS B 26 -21.91 37.36 15.83
N GLY B 27 -22.97 37.86 16.45
CA GLY B 27 -23.27 37.52 17.83
C GLY B 27 -23.62 36.06 18.03
N GLY B 28 -23.87 35.68 19.27
CA GLY B 28 -24.14 34.30 19.61
C GLY B 28 -25.61 33.97 19.50
N PRO B 29 -26.02 32.84 20.08
CA PRO B 29 -27.43 32.42 19.96
C PRO B 29 -28.39 33.40 20.62
N ALA B 30 -28.05 33.85 21.84
CA ALA B 30 -28.93 34.74 22.58
C ALA B 30 -29.08 36.10 21.89
N GLU B 31 -28.00 36.66 21.38
CA GLU B 31 -28.03 38.01 20.81
C GLU B 31 -27.48 38.00 19.40
N ASP B 32 -28.15 38.78 18.53
CA ASP B 32 -27.78 38.82 17.11
C ASP B 32 -26.38 39.36 16.88
N CYS B 33 -25.98 40.41 17.60
CA CYS B 33 -24.71 41.05 17.30
C CYS B 33 -23.95 41.37 18.59
N GLY B 34 -22.68 40.96 18.66
CA GLY B 34 -21.85 41.28 19.79
C GLY B 34 -20.82 42.38 19.63
N PRO B 35 -19.55 41.99 19.69
CA PRO B 35 -18.46 42.98 19.73
C PRO B 35 -18.20 43.66 18.39
N VAL B 36 -17.40 44.73 18.46
CA VAL B 36 -17.10 45.62 17.35
C VAL B 36 -15.81 45.18 16.68
N ASN B 37 -15.74 45.33 15.36
CA ASN B 37 -14.51 45.10 14.60
C ASN B 37 -13.68 46.38 14.60
N GLU B 38 -12.52 46.34 15.27
CA GLU B 38 -11.69 47.54 15.38
C GLU B 38 -10.83 47.81 14.16
N HIS B 39 -10.62 46.82 13.28
CA HIS B 39 -9.74 46.95 12.13
C HIS B 39 -10.47 46.87 10.81
N ARG B 40 -11.24 45.81 10.58
CA ARG B 40 -11.94 45.61 9.33
C ARG B 40 -13.31 46.28 9.30
N GLY B 41 -13.75 46.85 10.42
CA GLY B 41 -14.98 47.59 10.54
C GLY B 41 -14.71 49.09 10.50
N ILE B 42 -14.55 49.70 11.68
CA ILE B 42 -14.48 51.15 11.83
C ILE B 42 -13.48 51.80 10.87
N GLN B 43 -12.30 51.22 10.70
CA GLN B 43 -11.28 51.85 9.86
C GLN B 43 -11.73 51.97 8.41
N ARG B 44 -12.38 50.92 7.88
CA ARG B 44 -12.84 50.97 6.50
C ARG B 44 -13.92 52.03 6.30
N LEU B 45 -14.81 52.16 7.27
CA LEU B 45 -15.85 53.18 7.21
C LEU B 45 -15.26 54.57 7.25
N GLU B 46 -14.27 54.79 8.13
CA GLU B 46 -13.61 56.09 8.16
C GLU B 46 -12.85 56.36 6.88
N ALA B 47 -12.34 55.31 6.23
CA ALA B 47 -11.71 55.48 4.92
C ALA B 47 -12.72 55.97 3.87
N MET B 48 -13.90 55.37 3.86
CA MET B 48 -14.92 55.83 2.91
C MET B 48 -15.33 57.27 3.18
N LEU B 49 -15.49 57.63 4.46
CA LEU B 49 -15.84 59.01 4.80
C LEU B 49 -14.73 59.98 4.39
N PHE B 50 -13.48 59.57 4.58
CA PHE B 50 -12.33 60.39 4.19
C PHE B 50 -12.28 60.59 2.69
N ALA B 51 -12.53 59.54 1.91
CA ALA B 51 -12.58 59.69 0.46
C ALA B 51 -13.70 60.62 0.03
N LEU B 52 -14.88 60.52 0.65
CA LEU B 52 -15.97 61.41 0.29
C LEU B 52 -15.62 62.87 0.60
N ASP B 53 -15.00 63.11 1.76
CA ASP B 53 -14.59 64.47 2.10
C ASP B 53 -13.56 65.01 1.11
N ARG B 54 -12.58 64.18 0.75
CA ARG B 54 -11.56 64.63 -0.20
C ARG B 54 -12.17 64.95 -1.56
N ILE B 55 -13.14 64.15 -2.01
CA ILE B 55 -13.83 64.43 -3.26
C ILE B 55 -14.62 65.73 -3.18
N ASN B 56 -15.27 65.98 -2.05
CA ASN B 56 -16.13 67.15 -1.92
C ASN B 56 -15.38 68.48 -1.91
N ARG B 57 -14.06 68.50 -1.72
CA ARG B 57 -13.30 69.72 -1.95
C ARG B 57 -12.37 69.62 -3.15
N ASP B 58 -12.65 68.73 -4.09
CA ASP B 58 -11.86 68.62 -5.31
C ASP B 58 -12.52 69.44 -6.41
N PRO B 59 -11.83 70.40 -7.03
CA PRO B 59 -12.47 71.19 -8.08
C PRO B 59 -12.54 70.47 -9.42
N HIS B 60 -11.62 69.55 -9.67
CA HIS B 60 -11.59 68.87 -10.96
C HIS B 60 -12.58 67.71 -11.05
N LEU B 61 -12.98 67.14 -9.93
CA LEU B 61 -13.88 65.98 -9.88
C LEU B 61 -15.23 66.42 -9.33
N LEU B 62 -16.26 66.41 -10.18
CA LEU B 62 -17.61 66.82 -9.81
C LEU B 62 -17.62 68.21 -9.15
N PRO B 63 -17.27 69.27 -9.88
CA PRO B 63 -17.19 70.58 -9.25
C PRO B 63 -18.50 71.09 -8.68
N GLY B 64 -19.64 70.76 -9.29
CA GLY B 64 -20.90 71.31 -8.82
C GLY B 64 -21.87 70.33 -8.21
N VAL B 65 -21.49 69.06 -8.12
CA VAL B 65 -22.34 68.00 -7.56
C VAL B 65 -21.69 67.49 -6.28
N ARG B 66 -22.47 67.44 -5.20
CA ARG B 66 -22.00 66.96 -3.90
C ARG B 66 -22.56 65.58 -3.63
N LEU B 67 -21.70 64.65 -3.21
CA LEU B 67 -22.07 63.27 -3.01
C LEU B 67 -22.44 63.02 -1.56
N GLY B 68 -23.61 62.41 -1.36
CA GLY B 68 -24.07 61.99 -0.05
C GLY B 68 -23.65 60.56 0.26
N ALA B 69 -24.16 60.05 1.38
CA ALA B 69 -23.82 58.71 1.82
C ALA B 69 -24.93 58.15 2.69
N HIS B 70 -25.19 56.85 2.54
CA HIS B 70 -26.19 56.11 3.30
C HIS B 70 -25.54 54.77 3.65
N ILE B 71 -24.87 54.72 4.80
CA ILE B 71 -24.03 53.59 5.16
C ILE B 71 -24.74 52.73 6.21
N LEU B 72 -24.74 51.42 5.98
CA LEU B 72 -25.39 50.44 6.83
C LEU B 72 -24.33 49.48 7.37
N ASP B 73 -24.77 48.57 8.24
CA ASP B 73 -23.88 47.59 8.85
C ASP B 73 -24.43 46.21 8.57
N SER B 74 -23.54 45.28 8.20
CA SER B 74 -23.97 43.93 7.84
C SER B 74 -23.84 42.95 8.99
N CYS B 75 -23.00 43.27 9.98
CA CYS B 75 -22.76 42.42 11.15
C CYS B 75 -22.32 41.00 10.78
N SER B 76 -21.60 40.86 9.66
CA SER B 76 -20.98 39.59 9.29
C SER B 76 -21.99 38.47 9.09
N LYS B 77 -23.23 38.80 8.71
CA LYS B 77 -24.27 37.80 8.51
C LYS B 77 -25.03 38.13 7.25
N ASP B 78 -25.34 37.08 6.47
CA ASP B 78 -25.99 37.30 5.18
C ASP B 78 -27.46 37.65 5.34
N THR B 79 -28.16 37.00 6.27
CA THR B 79 -29.58 37.30 6.47
C THR B 79 -29.79 38.71 6.98
N HIS B 80 -28.96 39.14 7.95
CA HIS B 80 -29.07 40.50 8.46
C HIS B 80 -28.75 41.52 7.38
N ALA B 81 -27.71 41.25 6.57
CA ALA B 81 -27.37 42.16 5.49
C ALA B 81 -28.50 42.27 4.48
N LEU B 82 -29.11 41.14 4.12
CA LEU B 82 -30.21 41.17 3.15
C LEU B 82 -31.42 41.90 3.72
N GLU B 83 -31.70 41.71 5.01
CA GLU B 83 -32.79 42.45 5.65
C GLU B 83 -32.52 43.95 5.64
N GLN B 84 -31.27 44.34 5.89
CA GLN B 84 -30.92 45.76 5.90
C GLN B 84 -30.92 46.37 4.50
N ALA B 85 -30.63 45.57 3.47
CA ALA B 85 -30.44 46.10 2.13
C ALA B 85 -31.73 46.58 1.49
N LEU B 86 -32.88 46.33 2.09
CA LEU B 86 -34.14 46.81 1.52
C LEU B 86 -34.20 48.33 1.49
N ASP B 87 -33.40 49.02 2.32
CA ASP B 87 -33.40 50.48 2.31
C ASP B 87 -32.88 51.02 1.00
N PHE B 88 -32.04 50.27 0.30
CA PHE B 88 -31.50 50.74 -0.97
C PHE B 88 -32.54 50.72 -2.07
N VAL B 89 -33.46 49.76 -2.04
CA VAL B 89 -34.43 49.58 -3.13
C VAL B 89 -35.84 50.00 -2.74
N ARG B 90 -36.08 50.35 -1.48
CA ARG B 90 -37.43 50.75 -1.06
C ARG B 90 -37.86 52.07 -1.69
N ALA B 91 -36.91 52.91 -2.10
CA ALA B 91 -37.26 54.18 -2.71
C ALA B 91 -38.00 53.97 -4.03
N SER B 92 -37.57 52.99 -4.82
CA SER B 92 -38.22 52.70 -6.10
C SER B 92 -39.05 51.43 -6.01
N THR B 117 -33.30 59.00 0.02
CA THR B 117 -33.95 59.07 -1.28
C THR B 117 -33.46 57.94 -2.19
N ALA B 118 -33.22 58.26 -3.45
CA ALA B 118 -32.75 57.27 -4.40
C ALA B 118 -31.25 57.02 -4.22
N ILE B 119 -30.86 55.77 -4.43
CA ILE B 119 -29.47 55.35 -4.31
C ILE B 119 -28.95 55.06 -5.70
N THR B 120 -27.86 55.72 -6.08
CA THR B 120 -27.31 55.53 -7.40
C THR B 120 -26.50 54.24 -7.47
N GLY B 121 -25.62 54.02 -6.50
CA GLY B 121 -24.79 52.83 -6.44
C GLY B 121 -24.36 52.53 -5.04
N VAL B 122 -23.90 51.31 -4.84
CA VAL B 122 -23.57 50.81 -3.51
C VAL B 122 -22.11 50.39 -3.53
N ILE B 123 -21.32 50.96 -2.61
CA ILE B 123 -19.95 50.52 -2.36
C ILE B 123 -19.97 49.62 -1.13
N GLY B 124 -19.99 48.31 -1.35
CA GLY B 124 -20.12 47.42 -0.20
C GLY B 124 -19.54 46.07 -0.50
N GLY B 125 -19.65 45.20 0.51
CA GLY B 125 -19.12 43.86 0.42
C GLY B 125 -17.81 43.71 1.16
N SER B 126 -17.82 42.99 2.28
CA SER B 126 -16.60 42.56 2.94
C SER B 126 -16.51 41.05 3.05
N TYR B 127 -17.49 40.34 2.52
CA TYR B 127 -17.56 38.88 2.58
C TYR B 127 -18.20 38.43 1.28
N SER B 128 -18.10 37.14 1.00
CA SER B 128 -18.61 36.66 -0.27
C SER B 128 -20.09 36.33 -0.21
N ASP B 129 -20.56 35.74 0.89
CA ASP B 129 -21.97 35.42 1.02
C ASP B 129 -22.82 36.70 0.99
N VAL B 130 -22.40 37.71 1.75
CA VAL B 130 -23.12 38.99 1.78
C VAL B 130 -23.15 39.62 0.40
N SER B 131 -22.01 39.63 -0.29
CA SER B 131 -21.94 40.22 -1.62
C SER B 131 -22.86 39.51 -2.58
N ILE B 132 -22.86 38.17 -2.57
CA ILE B 132 -23.72 37.42 -3.49
C ILE B 132 -25.19 37.70 -3.23
N GLN B 133 -25.60 37.67 -1.94
CA GLN B 133 -27.01 37.91 -1.63
C GLN B 133 -27.44 39.32 -2.02
N VAL B 134 -26.57 40.31 -1.76
CA VAL B 134 -26.92 41.68 -2.09
C VAL B 134 -26.97 41.86 -3.61
N ALA B 135 -26.05 41.23 -4.34
CA ALA B 135 -26.08 41.39 -5.79
C ALA B 135 -27.34 40.75 -6.36
N ASN B 136 -27.73 39.59 -5.83
CA ASN B 136 -28.94 38.93 -6.27
C ASN B 136 -30.15 39.82 -6.08
N LEU B 137 -30.19 40.56 -4.96
CA LEU B 137 -31.32 41.46 -4.78
C LEU B 137 -31.23 42.70 -5.64
N LEU B 138 -30.03 43.27 -5.78
CA LEU B 138 -29.85 44.55 -6.45
C LEU B 138 -30.01 44.46 -7.95
N ARG B 139 -29.74 43.30 -8.55
CA ARG B 139 -29.84 43.20 -10.00
C ARG B 139 -31.28 43.38 -10.50
N LEU B 140 -32.27 43.17 -9.65
CA LEU B 140 -33.66 43.32 -10.06
C LEU B 140 -34.09 44.79 -10.17
N PHE B 141 -33.32 45.71 -9.61
CA PHE B 141 -33.65 47.13 -9.64
C PHE B 141 -32.60 47.98 -10.35
N GLN B 142 -31.59 47.34 -10.95
CA GLN B 142 -30.57 48.02 -11.76
C GLN B 142 -29.78 49.05 -10.95
N ILE B 143 -29.09 48.58 -9.92
CA ILE B 143 -28.25 49.42 -9.08
C ILE B 143 -26.81 48.89 -9.15
N PRO B 144 -25.85 49.66 -9.64
CA PRO B 144 -24.47 49.18 -9.72
C PRO B 144 -23.86 48.96 -8.34
N GLN B 145 -22.93 48.02 -8.28
CA GLN B 145 -22.27 47.67 -7.03
C GLN B 145 -20.79 47.42 -7.27
N ILE B 146 -19.93 48.02 -6.45
CA ILE B 146 -18.49 47.79 -6.49
C ILE B 146 -18.04 47.32 -5.12
N SER B 147 -17.32 46.20 -5.09
CA SER B 147 -16.82 45.62 -3.86
C SER B 147 -15.33 45.88 -3.69
N TYR B 148 -14.89 45.88 -2.43
CA TYR B 148 -13.50 46.17 -2.11
C TYR B 148 -12.76 44.99 -1.50
N ALA B 149 -13.46 43.93 -1.08
CA ALA B 149 -12.80 42.80 -0.46
C ALA B 149 -13.34 41.44 -0.85
N SER B 150 -14.31 41.35 -1.77
CA SER B 150 -14.89 40.07 -2.14
C SER B 150 -14.04 39.45 -3.25
N THR B 151 -13.53 38.24 -3.02
CA THR B 151 -12.61 37.62 -3.96
C THR B 151 -13.10 36.27 -4.48
N SER B 152 -14.37 35.93 -4.30
CA SER B 152 -14.87 34.65 -4.80
C SER B 152 -14.87 34.63 -6.32
N ALA B 153 -14.63 33.44 -6.88
CA ALA B 153 -14.59 33.28 -8.33
C ALA B 153 -15.98 33.25 -8.94
N LYS B 154 -16.99 32.83 -8.19
CA LYS B 154 -18.35 32.73 -8.71
C LYS B 154 -18.85 34.07 -9.26
N LEU B 155 -18.37 35.18 -8.71
CA LEU B 155 -18.85 36.49 -9.12
C LEU B 155 -18.35 36.93 -10.49
N SER B 156 -17.47 36.16 -11.13
CA SER B 156 -16.99 36.50 -12.47
C SER B 156 -17.94 36.03 -13.56
N ASP B 157 -19.02 35.34 -13.22
CA ASP B 157 -19.99 34.86 -14.20
C ASP B 157 -21.01 35.98 -14.42
N LYS B 158 -20.90 36.68 -15.54
CA LYS B 158 -21.75 37.83 -15.79
C LYS B 158 -23.16 37.46 -16.20
N SER B 159 -23.44 36.19 -16.47
CA SER B 159 -24.80 35.78 -16.76
C SER B 159 -25.67 35.74 -15.51
N ARG B 160 -25.06 35.49 -14.34
CA ARG B 160 -25.77 35.46 -13.08
C ARG B 160 -25.66 36.77 -12.30
N TYR B 161 -24.48 37.38 -12.28
CA TYR B 161 -24.23 38.63 -11.55
C TYR B 161 -23.81 39.66 -12.57
N ASP B 162 -24.79 40.35 -13.17
CA ASP B 162 -24.52 41.28 -14.26
C ASP B 162 -24.54 42.73 -13.81
N TYR B 163 -24.51 42.99 -12.50
CA TYR B 163 -24.36 44.34 -11.96
C TYR B 163 -23.35 44.23 -10.83
N PHE B 164 -22.06 44.23 -11.17
CA PHE B 164 -21.06 43.99 -10.14
C PHE B 164 -19.67 44.25 -10.71
N ALA B 165 -18.84 44.90 -9.90
CA ALA B 165 -17.44 45.11 -10.19
C ALA B 165 -16.68 45.04 -8.88
N ARG B 166 -15.36 44.87 -8.97
CA ARG B 166 -14.55 44.80 -7.77
C ARG B 166 -13.14 45.27 -8.10
N THR B 167 -12.44 45.75 -7.06
CA THR B 167 -11.06 46.17 -7.20
C THR B 167 -10.06 45.16 -6.67
N VAL B 168 -10.46 43.89 -6.56
CA VAL B 168 -9.57 42.85 -6.04
C VAL B 168 -9.56 41.66 -6.99
N PRO B 169 -8.47 40.91 -7.07
CA PRO B 169 -8.43 39.74 -7.95
C PRO B 169 -9.24 38.60 -7.37
N PRO B 170 -9.69 37.67 -8.22
CA PRO B 170 -10.40 36.48 -7.72
C PRO B 170 -9.48 35.46 -7.06
N ASP B 171 -10.07 34.39 -6.52
CA ASP B 171 -9.32 33.33 -5.84
C ASP B 171 -8.75 32.31 -6.80
N PHE B 172 -8.73 32.61 -8.10
CA PHE B 172 -8.16 31.68 -9.05
C PHE B 172 -6.65 31.64 -8.91
N PHE B 173 -6.04 32.74 -8.46
CA PHE B 173 -4.59 32.85 -8.39
C PHE B 173 -4.01 32.49 -7.02
N GLN B 174 -4.81 32.60 -5.95
CA GLN B 174 -4.29 32.24 -4.64
C GLN B 174 -3.98 30.76 -4.56
N ALA B 175 -4.82 29.92 -5.17
CA ALA B 175 -4.55 28.49 -5.20
C ALA B 175 -3.25 28.19 -5.94
N LYS B 176 -3.01 28.88 -7.06
CA LYS B 176 -1.74 28.69 -7.77
C LYS B 176 -0.55 29.09 -6.90
N ALA B 177 -0.66 30.24 -6.22
CA ALA B 177 0.45 30.69 -5.37
C ALA B 177 0.73 29.70 -4.25
N MET B 178 -0.33 29.23 -3.59
CA MET B 178 -0.17 28.27 -2.50
C MET B 178 0.40 26.95 -2.99
N ALA B 179 -0.07 26.46 -4.14
CA ALA B 179 0.47 25.22 -4.68
C ALA B 179 1.94 25.36 -5.01
N GLU B 180 2.35 26.51 -5.56
CA GLU B 180 3.76 26.69 -5.88
C GLU B 180 4.61 26.81 -4.62
N ILE B 181 4.07 27.44 -3.57
CA ILE B 181 4.78 27.50 -2.30
C ILE B 181 4.98 26.10 -1.73
N LEU B 182 3.95 25.27 -1.78
CA LEU B 182 4.09 23.89 -1.30
C LEU B 182 5.10 23.11 -2.15
N ARG B 183 5.07 23.29 -3.48
CA ARG B 183 5.99 22.58 -4.34
C ARG B 183 7.45 23.00 -4.12
N PHE B 184 7.66 24.23 -3.67
CA PHE B 184 9.02 24.73 -3.45
C PHE B 184 9.74 23.96 -2.35
N PHE B 185 9.04 23.62 -1.28
CA PHE B 185 9.59 22.99 -0.08
C PHE B 185 9.45 21.47 -0.06
N ASN B 186 9.07 20.86 -1.19
CA ASN B 186 8.91 19.41 -1.30
C ASN B 186 7.84 18.91 -0.32
N TRP B 187 6.72 19.61 -0.22
CA TRP B 187 5.60 19.16 0.59
C TRP B 187 4.57 18.49 -0.31
N THR B 188 4.48 17.16 -0.22
CA THR B 188 3.64 16.39 -1.13
C THR B 188 2.49 15.68 -0.43
N TYR B 189 2.47 15.67 0.91
CA TYR B 189 1.41 15.03 1.68
C TYR B 189 0.86 16.05 2.68
N VAL B 190 -0.30 16.63 2.38
CA VAL B 190 -0.82 17.75 3.14
C VAL B 190 -2.28 17.48 3.48
N SER B 191 -2.87 18.39 4.26
CA SER B 191 -4.25 18.29 4.71
C SER B 191 -4.91 19.64 4.53
N THR B 192 -6.16 19.65 4.08
CA THR B 192 -6.91 20.87 3.86
C THR B 192 -8.04 21.02 4.86
N VAL B 193 -8.08 22.17 5.55
CA VAL B 193 -9.20 22.58 6.36
C VAL B 193 -9.86 23.77 5.67
N ALA B 194 -11.17 23.68 5.42
CA ALA B 194 -11.90 24.71 4.71
C ALA B 194 -13.20 25.06 5.42
N SER B 195 -13.70 26.24 5.11
CA SER B 195 -14.89 26.80 5.74
C SER B 195 -16.07 26.58 4.81
N GLU B 196 -17.25 26.94 5.28
CA GLU B 196 -18.47 26.59 4.55
C GLU B 196 -19.10 27.84 3.94
N GLY B 197 -19.40 27.76 2.66
CA GLY B 197 -19.97 28.83 1.88
C GLY B 197 -19.44 28.88 0.47
N ASP B 198 -19.29 30.09 -0.10
CA ASP B 198 -18.73 30.25 -1.43
C ASP B 198 -17.24 30.61 -1.46
N TYR B 199 -16.69 31.16 -0.39
CA TYR B 199 -15.24 31.38 -0.35
C TYR B 199 -14.46 30.09 -0.14
N GLY B 200 -14.82 29.33 0.89
CA GLY B 200 -14.01 28.19 1.28
C GLY B 200 -14.02 27.00 0.34
N GLU B 201 -15.20 26.55 -0.07
CA GLU B 201 -15.28 25.46 -1.02
C GLU B 201 -14.84 25.83 -2.44
N THR B 202 -15.21 27.01 -2.92
CA THR B 202 -14.71 27.41 -4.24
C THR B 202 -13.19 27.54 -4.26
N GLY B 203 -12.59 28.11 -3.22
CA GLY B 203 -11.14 28.14 -3.15
C GLY B 203 -10.48 26.78 -3.05
N ILE B 204 -11.03 25.89 -2.21
CA ILE B 204 -10.44 24.56 -2.10
C ILE B 204 -10.59 23.71 -3.35
N GLU B 205 -11.64 23.90 -4.15
CA GLU B 205 -11.71 23.15 -5.40
C GLU B 205 -10.62 23.55 -6.39
N ALA B 206 -10.31 24.85 -6.47
CA ALA B 206 -9.18 25.30 -7.26
C ALA B 206 -7.84 24.87 -6.71
N PHE B 207 -7.65 24.90 -5.39
CA PHE B 207 -6.42 24.35 -4.84
C PHE B 207 -6.25 22.86 -5.12
N GLU B 208 -7.33 22.08 -5.02
CA GLU B 208 -7.26 20.65 -5.35
C GLU B 208 -6.92 20.40 -6.82
N LEU B 209 -7.50 21.18 -7.74
CA LEU B 209 -7.10 21.09 -9.13
C LEU B 209 -5.63 21.49 -9.34
N GLU B 210 -5.19 22.59 -8.73
CA GLU B 210 -3.80 22.98 -8.91
C GLU B 210 -2.82 21.98 -8.30
N ALA B 211 -3.18 21.37 -7.16
CA ALA B 211 -2.36 20.31 -6.60
C ALA B 211 -2.28 19.11 -7.55
N ARG B 212 -3.40 18.78 -8.21
CA ARG B 212 -3.38 17.69 -9.18
C ARG B 212 -2.39 17.96 -10.31
N ALA B 213 -2.20 19.22 -10.66
CA ALA B 213 -1.36 19.64 -11.78
C ALA B 213 0.11 19.83 -11.38
N ARG B 214 0.50 19.27 -10.23
CA ARG B 214 1.87 19.44 -9.73
C ARG B 214 2.25 18.22 -8.90
N ASN B 215 1.55 17.12 -9.11
CA ASN B 215 1.75 15.81 -8.49
C ASN B 215 1.78 15.87 -6.97
N ILE B 216 0.71 16.42 -6.39
CA ILE B 216 0.61 16.51 -4.95
C ILE B 216 -0.59 15.64 -4.56
N CYS B 217 -0.70 15.32 -3.28
CA CYS B 217 -1.75 14.43 -2.82
C CYS B 217 -2.25 14.84 -1.45
N VAL B 218 -3.55 14.74 -1.25
CA VAL B 218 -4.24 15.24 -0.07
C VAL B 218 -4.72 14.06 0.75
N ALA B 219 -4.67 14.20 2.07
CA ALA B 219 -4.96 13.08 2.97
C ALA B 219 -6.41 13.18 3.43
N THR B 220 -6.72 14.20 4.21
CA THR B 220 -8.07 14.33 4.77
C THR B 220 -8.58 15.74 4.49
N SER B 221 -9.90 15.88 4.52
CA SER B 221 -10.57 17.14 4.27
C SER B 221 -11.61 17.37 5.34
N GLU B 222 -11.62 18.57 5.91
CA GLU B 222 -12.57 18.92 6.96
C GLU B 222 -13.29 20.21 6.59
N LYS B 223 -14.44 20.42 7.20
CA LYS B 223 -15.26 21.59 6.96
C LYS B 223 -15.74 22.14 8.29
N VAL B 224 -15.88 23.46 8.36
CA VAL B 224 -16.32 24.15 9.57
C VAL B 224 -17.66 24.80 9.29
N GLY B 225 -18.65 24.52 10.15
CA GLY B 225 -19.97 25.05 9.97
C GLY B 225 -20.12 26.47 10.50
N ARG B 226 -21.26 27.07 10.17
CA ARG B 226 -21.53 28.43 10.63
C ARG B 226 -21.62 28.50 12.15
N ALA B 227 -22.27 27.52 12.77
CA ALA B 227 -22.40 27.44 14.22
C ALA B 227 -21.59 26.24 14.70
N MET B 228 -20.48 26.52 15.38
CA MET B 228 -19.58 25.46 15.84
C MET B 228 -19.08 25.81 17.23
N SER B 229 -19.02 24.80 18.10
CA SER B 229 -18.57 24.96 19.46
C SER B 229 -17.11 24.54 19.59
N ARG B 230 -16.58 24.66 20.82
CA ARG B 230 -15.19 24.32 21.06
C ARG B 230 -14.93 22.83 20.89
N ALA B 231 -15.90 21.99 21.28
CA ALA B 231 -15.73 20.55 21.15
C ALA B 231 -15.58 20.12 19.69
N ALA B 232 -16.33 20.75 18.79
CA ALA B 232 -16.20 20.41 17.37
C ALA B 232 -14.85 20.84 16.82
N PHE B 233 -14.34 21.97 17.29
CA PHE B 233 -13.00 22.39 16.90
C PHE B 233 -11.95 21.40 17.39
N GLU B 234 -12.09 20.91 18.62
CA GLU B 234 -11.19 19.89 19.12
C GLU B 234 -11.29 18.62 18.30
N GLY B 235 -12.50 18.29 17.86
CA GLY B 235 -12.67 17.14 16.98
C GLY B 235 -11.97 17.30 15.65
N VAL B 236 -12.03 18.51 15.07
CA VAL B 236 -11.31 18.79 13.84
C VAL B 236 -9.81 18.65 14.05
N VAL B 237 -9.31 19.17 15.18
CA VAL B 237 -7.88 19.04 15.48
C VAL B 237 -7.48 17.57 15.61
N ARG B 238 -8.30 16.77 16.29
CA ARG B 238 -8.00 15.35 16.42
C ARG B 238 -8.03 14.64 15.07
N ALA B 239 -9.00 14.99 14.22
CA ALA B 239 -9.07 14.40 12.89
C ALA B 239 -7.83 14.74 12.08
N LEU B 240 -7.32 15.96 12.22
CA LEU B 240 -6.04 16.30 11.59
C LEU B 240 -4.91 15.46 12.16
N LEU B 241 -4.90 15.27 13.48
CA LEU B 241 -3.86 14.48 14.15
C LEU B 241 -3.95 12.99 13.84
N GLN B 242 -5.05 12.53 13.24
CA GLN B 242 -5.20 11.10 12.94
C GLN B 242 -4.13 10.60 11.98
N LYS B 243 -3.75 11.40 10.99
CA LYS B 243 -2.66 11.06 10.09
C LYS B 243 -1.37 11.73 10.53
N PRO B 244 -0.37 10.99 11.01
CA PRO B 244 0.85 11.64 11.50
C PRO B 244 1.81 12.09 10.40
N SER B 245 1.71 11.51 9.20
CA SER B 245 2.65 11.87 8.14
C SER B 245 2.38 13.25 7.55
N ALA B 246 1.13 13.69 7.54
CA ALA B 246 0.76 15.00 6.99
C ALA B 246 0.91 16.05 8.07
N ARG B 247 1.99 16.84 7.98
CA ARG B 247 2.28 17.88 8.96
C ARG B 247 1.98 19.28 8.45
N VAL B 248 1.38 19.42 7.27
CA VAL B 248 1.05 20.72 6.69
C VAL B 248 -0.46 20.84 6.59
N ALA B 249 -0.99 21.95 7.10
CA ALA B 249 -2.42 22.22 7.08
C ALA B 249 -2.69 23.44 6.23
N VAL B 250 -3.56 23.29 5.24
CA VAL B 250 -3.92 24.37 4.32
C VAL B 250 -5.30 24.88 4.71
N LEU B 251 -5.43 26.19 4.90
CA LEU B 251 -6.65 26.79 5.40
C LEU B 251 -7.24 27.75 4.38
N PHE B 252 -8.51 27.55 4.03
CA PHE B 252 -9.36 28.55 3.39
C PHE B 252 -10.47 28.85 4.38
N THR B 253 -10.20 29.74 5.33
CA THR B 253 -11.11 29.93 6.45
C THR B 253 -11.29 31.41 6.73
N ARG B 254 -12.41 31.73 7.37
CA ARG B 254 -12.66 33.06 7.89
C ARG B 254 -11.80 33.30 9.14
N SER B 255 -11.71 34.56 9.53
CA SER B 255 -10.81 34.92 10.63
C SER B 255 -11.23 34.27 11.94
N GLU B 256 -12.54 34.26 12.23
CA GLU B 256 -13.01 33.66 13.48
C GLU B 256 -12.73 32.15 13.52
N ASP B 257 -12.95 31.45 12.41
CA ASP B 257 -12.67 30.02 12.38
C ASP B 257 -11.18 29.74 12.58
N ALA B 258 -10.32 30.53 11.94
CA ALA B 258 -8.89 30.36 12.12
C ALA B 258 -8.48 30.61 13.57
N ARG B 259 -9.04 31.65 14.18
CA ARG B 259 -8.72 31.96 15.57
C ARG B 259 -9.15 30.82 16.50
N GLU B 260 -10.35 30.29 16.31
CA GLU B 260 -10.81 29.20 17.17
C GLU B 260 -9.99 27.93 16.95
N LEU B 261 -9.64 27.62 15.69
CA LEU B 261 -8.83 26.44 15.43
C LEU B 261 -7.45 26.56 16.05
N LEU B 262 -6.83 27.74 15.95
CA LEU B 262 -5.53 27.96 16.57
C LEU B 262 -5.61 27.86 18.09
N ALA B 263 -6.67 28.42 18.69
CA ALA B 263 -6.83 28.32 20.13
C ALA B 263 -7.00 26.87 20.58
N ALA B 264 -7.80 26.10 19.83
CA ALA B 264 -7.97 24.68 20.16
C ALA B 264 -6.66 23.93 20.04
N SER B 265 -5.88 24.21 19.00
CA SER B 265 -4.60 23.53 18.83
C SER B 265 -3.65 23.88 19.98
N GLN B 266 -3.64 25.14 20.41
CA GLN B 266 -2.85 25.50 21.59
C GLN B 266 -3.32 24.76 22.83
N ARG B 267 -4.63 24.64 23.01
CA ARG B 267 -5.17 23.96 24.19
C ARG B 267 -4.77 22.48 24.21
N LEU B 268 -4.90 21.81 23.07
CA LEU B 268 -4.62 20.38 22.99
C LEU B 268 -3.14 20.08 22.78
N ASN B 269 -2.30 21.10 22.72
CA ASN B 269 -0.85 20.94 22.60
C ASN B 269 -0.44 20.20 21.33
N ALA B 270 -1.04 20.59 20.21
CA ALA B 270 -0.70 20.03 18.91
C ALA B 270 0.24 20.99 18.18
N SER B 271 1.00 20.45 17.23
CA SER B 271 1.98 21.23 16.48
C SER B 271 1.78 20.99 14.98
N PHE B 272 1.47 22.05 14.25
CA PHE B 272 1.34 22.00 12.80
C PHE B 272 2.10 23.18 12.20
N THR B 273 2.31 23.12 10.89
CA THR B 273 2.84 24.25 10.13
C THR B 273 1.71 24.76 9.23
N TRP B 274 1.27 25.99 9.48
CA TRP B 274 0.09 26.54 8.85
C TRP B 274 0.42 27.26 7.56
N VAL B 275 -0.39 27.04 6.53
CA VAL B 275 -0.39 27.84 5.32
C VAL B 275 -1.83 28.31 5.10
N ALA B 276 -2.04 29.62 5.16
CA ALA B 276 -3.38 30.18 5.22
C ALA B 276 -3.61 31.17 4.09
N SER B 277 -4.88 31.42 3.79
CA SER B 277 -5.30 32.33 2.74
C SER B 277 -5.46 33.75 3.30
N ASP B 278 -6.11 34.62 2.51
CA ASP B 278 -6.25 36.02 2.87
C ASP B 278 -7.23 36.23 4.02
N GLY B 279 -7.99 35.20 4.39
CA GLY B 279 -8.85 35.32 5.56
C GLY B 279 -8.06 35.59 6.83
N TRP B 280 -7.00 34.81 7.05
CA TRP B 280 -6.06 35.12 8.12
C TRP B 280 -5.30 36.41 7.82
N GLY B 281 -4.73 36.50 6.62
CA GLY B 281 -4.06 37.73 6.23
C GLY B 281 -2.92 38.06 7.16
N ALA B 282 -2.93 39.30 7.65
CA ALA B 282 -1.92 39.78 8.59
C ALA B 282 -2.59 40.43 9.80
N LEU B 283 -3.68 39.82 10.27
CA LEU B 283 -4.40 40.34 11.43
C LEU B 283 -3.70 39.96 12.71
N GLU B 284 -3.70 40.88 13.67
CA GLU B 284 -3.15 40.59 15.00
C GLU B 284 -4.18 39.96 15.92
N SER B 285 -5.48 40.07 15.60
CA SER B 285 -6.53 39.51 16.44
C SER B 285 -6.64 38.00 16.32
N VAL B 286 -6.22 37.44 15.18
CA VAL B 286 -6.31 35.99 14.98
C VAL B 286 -5.36 35.27 15.92
N VAL B 287 -4.16 35.80 16.12
CA VAL B 287 -3.13 35.14 16.90
C VAL B 287 -2.99 35.73 18.30
N ALA B 288 -3.98 36.50 18.75
CA ALA B 288 -3.91 37.12 20.06
C ALA B 288 -4.19 36.08 21.13
N GLY B 289 -3.19 35.82 21.98
CA GLY B 289 -3.32 34.85 23.05
C GLY B 289 -2.90 33.44 22.69
N SER B 290 -2.63 33.15 21.42
CA SER B 290 -2.20 31.84 20.96
C SER B 290 -0.92 31.95 20.15
N GLU B 291 0.06 32.70 20.67
CA GLU B 291 1.28 32.97 19.91
C GLU B 291 2.09 31.69 19.68
N GLY B 292 2.17 30.81 20.67
CA GLY B 292 3.01 29.64 20.55
C GLY B 292 2.60 28.71 19.43
N ALA B 293 1.29 28.59 19.20
CA ALA B 293 0.79 27.72 18.15
C ALA B 293 1.02 28.29 16.76
N ALA B 294 0.91 29.61 16.61
CA ALA B 294 0.96 30.23 15.30
C ALA B 294 2.38 30.49 14.79
N GLU B 295 3.39 30.36 15.63
CA GLU B 295 4.75 30.67 15.21
C GLU B 295 5.18 29.78 14.04
N GLY B 296 5.81 30.38 13.06
CA GLY B 296 6.29 29.67 11.88
C GLY B 296 5.30 29.49 10.76
N ALA B 297 4.11 30.08 10.85
CA ALA B 297 3.12 29.95 9.80
C ALA B 297 3.47 30.84 8.61
N ILE B 298 2.88 30.53 7.47
CA ILE B 298 3.05 31.30 6.24
C ILE B 298 1.67 31.70 5.73
N THR B 299 1.50 32.99 5.44
CA THR B 299 0.21 33.51 5.02
C THR B 299 0.38 34.39 3.79
N ILE B 300 -0.71 34.54 3.04
CA ILE B 300 -0.74 35.34 1.82
C ILE B 300 -1.64 36.54 2.05
N GLU B 301 -1.26 37.68 1.48
CA GLU B 301 -2.05 38.89 1.55
C GLU B 301 -1.98 39.61 0.21
N LEU B 302 -2.96 40.46 -0.05
CA LEU B 302 -2.98 41.28 -1.25
C LEU B 302 -2.00 42.44 -1.12
N ALA B 303 -1.35 42.77 -2.23
CA ALA B 303 -0.31 43.79 -2.22
C ALA B 303 -0.91 45.19 -2.10
N SER B 304 -0.37 45.99 -1.19
CA SER B 304 -0.88 47.32 -0.95
C SER B 304 0.20 48.18 -0.30
N TYR B 305 -0.12 49.45 -0.12
CA TYR B 305 0.75 50.43 0.51
C TYR B 305 -0.07 51.26 1.48
N PRO B 306 0.55 51.85 2.49
CA PRO B 306 -0.18 52.70 3.43
C PRO B 306 -0.35 54.12 2.89
N ILE B 307 -1.43 54.75 3.32
CA ILE B 307 -1.75 56.13 2.95
C ILE B 307 -1.40 57.04 4.12
N SER B 308 -0.66 58.11 3.84
CA SER B 308 -0.18 58.97 4.92
C SER B 308 -1.26 59.89 5.48
N ASP B 309 -2.18 60.36 4.62
CA ASP B 309 -3.20 61.29 5.10
C ASP B 309 -4.21 60.61 6.02
N PHE B 310 -4.51 59.33 5.76
CA PHE B 310 -5.50 58.63 6.58
C PHE B 310 -5.01 58.46 8.02
N ALA B 311 -3.71 58.32 8.22
CA ALA B 311 -3.19 58.20 9.59
C ALA B 311 -3.45 59.49 10.37
N SER B 312 -3.10 60.63 9.78
CA SER B 312 -3.32 61.91 10.45
C SER B 312 -4.80 62.21 10.60
N TYR B 313 -5.64 61.69 9.70
CA TYR B 313 -7.08 61.89 9.85
C TYR B 313 -7.64 61.05 10.99
N PHE B 314 -7.23 59.78 11.08
CA PHE B 314 -7.80 58.86 12.05
C PHE B 314 -7.20 59.04 13.44
N GLN B 315 -6.05 59.71 13.55
CA GLN B 315 -5.45 59.95 14.86
C GLN B 315 -5.89 61.26 15.48
N SER B 316 -6.82 61.98 14.84
CA SER B 316 -7.35 63.23 15.37
C SER B 316 -8.81 63.13 15.75
N LEU B 317 -9.37 61.93 15.85
CA LEU B 317 -10.79 61.75 16.13
C LEU B 317 -11.01 61.48 17.61
N ASP B 318 -12.01 62.15 18.17
CA ASP B 318 -12.44 61.95 19.55
C ASP B 318 -13.96 61.92 19.58
N PRO B 319 -14.56 61.29 20.60
CA PRO B 319 -16.01 61.16 20.63
C PRO B 319 -16.76 62.48 20.76
N TRP B 320 -16.11 63.56 21.18
CA TRP B 320 -16.81 64.82 21.38
C TRP B 320 -16.88 65.68 20.12
N ASN B 321 -16.25 65.25 19.04
CA ASN B 321 -16.30 65.95 17.76
C ASN B 321 -16.80 65.08 16.63
N ASN B 322 -16.59 63.76 16.72
CA ASN B 322 -17.01 62.82 15.68
C ASN B 322 -18.42 62.32 15.98
N SER B 323 -19.36 63.26 15.90
CA SER B 323 -20.75 62.98 16.25
C SER B 323 -21.48 62.23 15.15
N ARG B 324 -21.04 62.36 13.90
CA ARG B 324 -21.77 61.78 12.78
C ARG B 324 -21.69 60.26 12.75
N ASN B 325 -20.63 59.68 13.30
CA ASN B 325 -20.52 58.22 13.35
C ASN B 325 -21.26 57.70 14.57
N PRO B 326 -22.31 56.90 14.42
CA PRO B 326 -23.05 56.44 15.59
C PRO B 326 -22.39 55.32 16.37
N TRP B 327 -21.46 54.60 15.76
CA TRP B 327 -20.81 53.45 16.40
C TRP B 327 -19.49 53.81 17.05
N PHE B 328 -19.14 55.10 17.15
CA PHE B 328 -17.81 55.48 17.61
C PHE B 328 -17.66 55.34 19.11
N ARG B 329 -18.72 55.64 19.88
CA ARG B 329 -18.61 55.61 21.33
C ARG B 329 -18.40 54.19 21.84
N GLU B 330 -19.08 53.21 21.24
CA GLU B 330 -18.87 51.81 21.60
C GLU B 330 -17.44 51.38 21.31
N PHE B 331 -16.90 51.80 20.16
CA PHE B 331 -15.51 51.49 19.83
C PHE B 331 -14.57 52.12 20.84
N TRP B 332 -14.84 53.37 21.24
CA TRP B 332 -14.00 54.03 22.23
C TRP B 332 -13.99 53.27 23.55
N GLU B 333 -15.17 52.83 24.01
CA GLU B 333 -15.26 52.10 25.27
C GLU B 333 -14.58 50.74 25.18
N GLN B 334 -14.75 50.02 24.07
CA GLN B 334 -14.07 48.74 23.91
C GLN B 334 -12.56 48.92 23.83
N ARG B 335 -12.09 49.96 23.15
CA ARG B 335 -10.66 50.14 22.95
C ARG B 335 -9.98 50.54 24.25
N PHE B 336 -10.41 51.66 24.84
CA PHE B 336 -9.72 52.20 26.00
C PHE B 336 -10.25 51.67 27.32
N ARG B 337 -11.18 50.70 27.29
CA ARG B 337 -11.67 50.05 28.50
C ARG B 337 -12.17 51.07 29.53
N CYS B 338 -13.08 51.93 29.10
CA CYS B 338 -13.65 52.94 29.97
C CYS B 338 -15.16 52.98 29.78
N SER B 339 -15.81 53.90 30.50
CA SER B 339 -17.26 54.07 30.40
C SER B 339 -17.63 55.54 30.54
N PHE B 340 -18.52 56.02 29.67
CA PHE B 340 -18.92 57.41 29.69
C PHE B 340 -19.74 57.77 30.93
N ARG B 341 -20.27 56.78 31.66
CA ARG B 341 -21.07 57.07 32.83
C ARG B 341 -20.20 57.58 33.98
N GLN B 342 -19.02 57.01 34.15
CA GLN B 342 -18.13 57.40 35.24
C GLN B 342 -17.36 58.69 34.94
N ARG B 343 -17.51 59.25 33.74
CA ARG B 343 -16.84 60.49 33.34
C ARG B 343 -15.32 60.38 33.46
N ASP B 344 -14.77 59.26 32.99
CA ASP B 344 -13.34 59.01 33.08
C ASP B 344 -12.67 58.77 31.73
N CYS B 345 -13.39 58.83 30.62
CA CYS B 345 -12.83 58.53 29.31
C CYS B 345 -12.17 59.74 28.64
N ALA B 346 -12.17 60.90 29.28
CA ALA B 346 -11.64 62.10 28.63
C ALA B 346 -10.12 62.05 28.47
N ALA B 347 -9.41 61.40 29.39
CA ALA B 347 -7.95 61.43 29.36
C ALA B 347 -7.39 60.72 28.13
N HIS B 348 -8.00 59.60 27.74
CA HIS B 348 -7.42 58.78 26.68
C HIS B 348 -7.43 59.51 25.33
N SER B 349 -6.44 59.17 24.50
CA SER B 349 -6.31 59.73 23.16
C SER B 349 -5.71 58.67 22.24
N LEU B 350 -6.01 58.78 20.95
CA LEU B 350 -5.51 57.81 19.97
C LEU B 350 -4.10 58.11 19.50
N ARG B 351 -3.54 59.28 19.84
CA ARG B 351 -2.19 59.60 19.41
C ARG B 351 -1.15 58.84 20.22
N ALA B 352 -1.34 58.74 21.54
CA ALA B 352 -0.36 58.08 22.39
C ALA B 352 -0.22 56.60 22.05
N VAL B 353 -1.33 55.94 21.74
CA VAL B 353 -1.30 54.51 21.38
C VAL B 353 -0.83 54.37 19.93
N PRO B 354 -0.12 53.30 19.59
CA PRO B 354 0.40 53.15 18.23
C PRO B 354 -0.71 52.86 17.23
N PHE B 355 -0.45 53.20 15.98
CA PHE B 355 -1.41 53.04 14.88
C PHE B 355 -0.88 52.03 13.87
N GLU B 356 -1.71 51.03 13.55
CA GLU B 356 -1.37 50.02 12.55
C GLU B 356 -2.47 50.03 11.48
N GLN B 357 -2.19 50.66 10.34
CA GLN B 357 -3.19 50.80 9.29
C GLN B 357 -3.55 49.47 8.66
N GLU B 358 -4.83 49.31 8.32
CA GLU B 358 -5.34 48.10 7.72
C GLU B 358 -4.97 48.02 6.24
N SER B 359 -4.94 46.79 5.72
CA SER B 359 -4.37 46.53 4.39
C SER B 359 -5.23 47.09 3.27
N LYS B 360 -6.54 46.84 3.30
CA LYS B 360 -7.44 47.09 2.17
C LYS B 360 -7.96 48.52 2.07
N ILE B 361 -7.44 49.43 2.89
CA ILE B 361 -7.91 50.80 2.90
C ILE B 361 -7.84 51.37 1.48
N MET B 362 -6.69 51.14 0.82
CA MET B 362 -6.52 51.60 -0.56
C MET B 362 -7.68 51.15 -1.42
N PHE B 363 -8.02 49.87 -1.35
CA PHE B 363 -9.09 49.32 -2.16
C PHE B 363 -10.39 50.09 -1.94
N VAL B 364 -10.71 50.36 -0.68
CA VAL B 364 -11.94 51.10 -0.38
C VAL B 364 -11.91 52.46 -1.06
N VAL B 365 -10.81 53.20 -0.87
CA VAL B 365 -10.66 54.52 -1.49
C VAL B 365 -10.83 54.41 -3.00
N ASN B 366 -10.11 53.47 -3.62
CA ASN B 366 -10.17 53.25 -5.06
C ASN B 366 -11.61 53.06 -5.52
N ALA B 367 -12.35 52.19 -4.84
CA ALA B 367 -13.74 51.93 -5.23
C ALA B 367 -14.54 53.22 -5.26
N VAL B 368 -14.46 54.00 -4.17
CA VAL B 368 -15.23 55.24 -4.09
C VAL B 368 -14.85 56.16 -5.24
N TYR B 369 -13.54 56.35 -5.45
CA TYR B 369 -13.06 57.23 -6.51
C TYR B 369 -13.53 56.76 -7.89
N ALA B 370 -13.47 55.45 -8.14
CA ALA B 370 -13.95 54.89 -9.39
C ALA B 370 -15.39 55.31 -9.66
N MET B 371 -16.27 55.08 -8.68
CA MET B 371 -17.67 55.47 -8.85
C MET B 371 -17.77 56.96 -9.15
N ALA B 372 -17.06 57.78 -8.37
CA ALA B 372 -17.06 59.23 -8.58
C ALA B 372 -16.72 59.56 -10.03
N HIS B 373 -15.61 59.00 -10.53
CA HIS B 373 -15.16 59.28 -11.90
C HIS B 373 -16.23 58.89 -12.90
N ALA B 374 -16.85 57.72 -12.71
CA ALA B 374 -17.92 57.27 -13.60
C ALA B 374 -19.01 58.34 -13.67
N LEU B 375 -19.49 58.77 -12.51
CA LEU B 375 -20.55 59.78 -12.48
C LEU B 375 -20.10 61.07 -13.17
N HIS B 376 -18.85 61.49 -12.93
CA HIS B 376 -18.31 62.68 -13.58
C HIS B 376 -18.39 62.58 -15.09
N ASN B 377 -17.94 61.45 -15.64
CA ASN B 377 -18.00 61.26 -17.09
C ASN B 377 -19.43 61.31 -17.58
N MET B 378 -20.35 60.66 -16.85
CA MET B 378 -21.76 60.73 -17.23
C MET B 378 -22.24 62.17 -17.27
N HIS B 379 -21.91 62.95 -16.24
CA HIS B 379 -22.38 64.34 -16.21
C HIS B 379 -21.72 65.18 -17.29
N ARG B 380 -20.53 64.80 -17.75
CA ARG B 380 -19.90 65.55 -18.83
C ARG B 380 -20.53 65.24 -20.18
N ALA B 381 -20.99 64.01 -20.37
CA ALA B 381 -21.52 63.59 -21.67
C ALA B 381 -23.01 63.89 -21.78
N LEU B 382 -23.76 63.52 -20.74
CA LEU B 382 -25.22 63.60 -20.75
C LEU B 382 -25.72 65.03 -20.90
N CYS B 383 -25.06 66.00 -20.26
CA CYS B 383 -25.50 67.39 -20.32
C CYS B 383 -24.30 68.30 -20.16
N PRO B 384 -23.72 68.79 -21.27
CA PRO B 384 -22.55 69.65 -21.18
C PRO B 384 -22.84 71.12 -20.92
N ASN B 385 -24.11 71.52 -20.82
CA ASN B 385 -24.41 72.95 -20.76
C ASN B 385 -24.04 73.54 -19.42
N THR B 386 -24.38 72.84 -18.33
CA THR B 386 -24.31 73.37 -16.98
C THR B 386 -23.39 72.49 -16.15
N THR B 387 -23.09 72.96 -14.93
CA THR B 387 -22.31 72.17 -14.01
C THR B 387 -23.18 71.44 -13.00
N ARG B 388 -24.32 72.00 -12.65
CA ARG B 388 -25.21 71.35 -11.69
C ARG B 388 -25.86 70.15 -12.36
N LEU B 389 -26.68 69.43 -11.60
CA LEU B 389 -27.42 68.31 -12.18
C LEU B 389 -28.44 68.81 -13.19
N CYS B 390 -28.88 67.91 -14.06
CA CYS B 390 -29.57 68.24 -15.29
C CYS B 390 -30.84 67.40 -15.33
N ASP B 391 -31.87 67.93 -15.99
CA ASP B 391 -33.15 67.24 -16.02
C ASP B 391 -33.08 65.89 -16.71
N ALA B 392 -32.17 65.72 -17.68
CA ALA B 392 -32.01 64.41 -18.29
C ALA B 392 -31.47 63.39 -17.28
N MET B 393 -30.59 63.83 -16.38
CA MET B 393 -29.86 62.94 -15.48
C MET B 393 -30.51 62.87 -14.09
N ARG B 394 -31.70 63.44 -13.91
CA ARG B 394 -32.41 63.33 -12.63
C ARG B 394 -32.52 61.86 -12.20
N PRO B 395 -33.29 60.97 -12.88
CA PRO B 395 -33.20 59.56 -12.48
C PRO B 395 -32.11 58.87 -13.29
N VAL B 396 -30.99 58.53 -12.66
CA VAL B 396 -29.86 57.98 -13.40
C VAL B 396 -30.19 56.58 -13.88
N ASN B 397 -29.89 56.32 -15.15
CA ASN B 397 -30.04 54.99 -15.73
C ASN B 397 -28.88 54.11 -15.29
N GLY B 398 -29.20 52.92 -14.76
CA GLY B 398 -28.13 52.09 -14.25
C GLY B 398 -27.50 51.16 -15.28
N ARG B 399 -28.26 50.82 -16.33
CA ARG B 399 -27.69 50.03 -17.41
C ARG B 399 -26.66 50.83 -18.20
N ARG B 400 -27.03 52.06 -18.60
CA ARG B 400 -26.08 52.90 -19.31
C ARG B 400 -24.86 53.17 -18.45
N LEU B 401 -25.08 53.55 -17.18
CA LEU B 401 -23.96 53.91 -16.32
C LEU B 401 -22.99 52.75 -16.14
N TYR B 402 -23.52 51.56 -15.85
CA TYR B 402 -22.60 50.45 -15.61
C TYR B 402 -21.93 50.00 -16.87
N LYS B 403 -22.71 49.82 -17.95
CA LYS B 403 -22.22 49.16 -19.14
C LYS B 403 -21.25 50.04 -19.91
N ASP B 404 -21.47 51.35 -19.89
CA ASP B 404 -20.64 52.23 -20.69
C ASP B 404 -19.54 52.85 -19.84
N PHE B 405 -19.88 53.40 -18.67
CA PHE B 405 -18.94 54.21 -17.92
C PHE B 405 -18.28 53.47 -16.76
N VAL B 406 -18.93 52.49 -16.13
CA VAL B 406 -18.28 51.87 -14.99
C VAL B 406 -17.07 51.05 -15.44
N LEU B 407 -17.23 50.29 -16.52
CA LEU B 407 -16.19 49.39 -16.99
C LEU B 407 -15.10 50.08 -17.79
N ASN B 408 -15.30 51.35 -18.17
CA ASN B 408 -14.35 52.06 -19.02
C ASN B 408 -13.59 53.16 -18.27
N VAL B 409 -13.52 53.07 -16.95
CA VAL B 409 -12.80 54.07 -16.16
C VAL B 409 -11.30 53.83 -16.29
N LYS B 410 -10.53 54.92 -16.25
CA LYS B 410 -9.08 54.83 -16.35
C LYS B 410 -8.49 56.09 -15.76
N PHE B 411 -7.79 55.95 -14.64
CA PHE B 411 -7.20 57.09 -13.94
C PHE B 411 -6.08 56.60 -13.04
N ASP B 412 -5.33 57.55 -12.48
CA ASP B 412 -4.21 57.22 -11.62
C ASP B 412 -4.71 57.08 -10.18
N ALA B 413 -4.10 56.17 -9.44
CA ALA B 413 -4.62 55.84 -8.13
C ALA B 413 -4.50 57.01 -7.16
N PRO B 414 -5.50 57.21 -6.30
CA PRO B 414 -5.50 58.38 -5.40
C PRO B 414 -4.50 58.25 -4.26
N PHE B 415 -3.81 59.36 -3.97
CA PHE B 415 -2.75 59.41 -2.97
C PHE B 415 -1.65 58.37 -3.20
N ARG B 416 -1.10 58.36 -4.39
CA ARG B 416 -0.20 57.26 -4.69
C ARG B 416 1.18 57.60 -4.13
N PRO B 417 1.94 56.61 -3.65
CA PRO B 417 3.24 56.92 -3.06
C PRO B 417 4.23 57.40 -4.10
N ALA B 418 5.19 58.20 -3.65
CA ALA B 418 6.13 58.80 -4.58
C ALA B 418 6.89 57.72 -5.32
N ASP B 419 7.18 57.97 -6.59
CA ASP B 419 8.00 57.09 -7.44
C ASP B 419 7.35 55.74 -7.71
N THR B 420 6.09 55.54 -7.34
CA THR B 420 5.38 54.32 -7.67
C THR B 420 4.25 54.64 -8.64
N HIS B 421 3.96 53.69 -9.54
CA HIS B 421 2.95 53.86 -10.56
C HIS B 421 1.89 52.77 -10.43
N ASN B 422 0.67 53.15 -10.11
CA ASN B 422 -0.42 52.18 -10.11
C ASN B 422 -1.53 52.71 -11.01
N GLU B 423 -2.57 51.90 -11.20
CA GLU B 423 -3.61 52.29 -12.13
C GLU B 423 -4.92 51.63 -11.68
N VAL B 424 -6.04 52.25 -12.05
CA VAL B 424 -7.36 51.71 -11.73
C VAL B 424 -8.05 51.27 -13.01
N ARG B 425 -8.27 49.96 -13.16
CA ARG B 425 -8.96 49.43 -14.33
C ARG B 425 -9.75 48.20 -13.97
N PHE B 426 -10.74 47.89 -14.81
CA PHE B 426 -11.57 46.70 -14.67
C PHE B 426 -11.40 45.87 -15.93
N ASP B 427 -11.42 44.55 -15.76
CA ASP B 427 -11.30 43.64 -16.89
C ASP B 427 -12.67 43.43 -17.54
N ARG B 428 -12.74 42.46 -18.45
CA ARG B 428 -14.01 42.14 -19.09
C ARG B 428 -15.03 41.67 -18.06
N PHE B 429 -14.57 40.97 -17.02
CA PHE B 429 -15.42 40.42 -15.98
C PHE B 429 -15.52 41.34 -14.77
N GLY B 430 -15.07 42.58 -14.89
CA GLY B 430 -15.07 43.51 -13.79
C GLY B 430 -14.25 43.07 -12.60
N ASP B 431 -13.01 42.65 -12.85
CA ASP B 431 -12.12 42.17 -11.81
C ASP B 431 -10.81 42.96 -11.85
N GLY B 432 -10.04 42.85 -10.78
CA GLY B 432 -8.77 43.53 -10.64
C GLY B 432 -7.61 42.72 -11.15
N ILE B 433 -6.40 43.10 -10.72
CA ILE B 433 -5.16 42.47 -11.16
C ILE B 433 -4.63 41.62 -10.01
N GLY B 434 -3.88 40.57 -10.36
CA GLY B 434 -3.41 39.61 -9.38
C GLY B 434 -1.98 39.80 -8.92
N ARG B 435 -1.80 40.36 -7.72
CA ARG B 435 -0.49 40.47 -7.11
C ARG B 435 -0.61 40.21 -5.62
N TYR B 436 0.27 39.38 -5.08
CA TYR B 436 0.19 38.96 -3.69
C TYR B 436 1.54 39.04 -3.01
N ASN B 437 1.49 39.12 -1.68
CA ASN B 437 2.66 39.19 -0.81
C ASN B 437 2.58 38.05 0.18
N ILE B 438 3.74 37.55 0.60
CA ILE B 438 3.83 36.35 1.42
C ILE B 438 4.52 36.70 2.74
N PHE B 439 3.90 36.32 3.86
CA PHE B 439 4.33 36.75 5.18
C PHE B 439 4.58 35.54 6.05
N THR B 440 5.50 35.66 6.99
CA THR B 440 5.77 34.64 7.99
C THR B 440 5.58 35.25 9.37
N TYR B 441 5.29 34.41 10.36
CA TYR B 441 5.15 34.89 11.73
C TYR B 441 6.42 34.49 12.47
N LEU B 442 7.11 35.47 13.06
CA LEU B 442 8.44 35.24 13.60
C LEU B 442 8.55 35.75 15.03
N ARG B 443 9.51 35.19 15.75
CA ARG B 443 9.75 35.52 17.16
C ARG B 443 10.99 36.39 17.23
N ALA B 444 10.82 37.62 17.70
CA ALA B 444 11.92 38.57 17.62
C ALA B 444 12.94 38.30 18.71
N GLY B 445 14.06 39.04 18.65
CA GLY B 445 15.05 39.00 19.71
C GLY B 445 14.79 40.00 20.82
N GLY B 447 11.53 40.52 23.32
CA GLY B 447 10.78 39.45 22.69
C GLY B 447 9.32 39.81 22.45
N ARG B 448 8.98 40.01 21.18
CA ARG B 448 7.60 40.22 20.77
C ARG B 448 7.46 39.69 19.35
N TYR B 449 6.21 39.43 18.94
CA TYR B 449 5.97 38.76 17.68
C TYR B 449 5.55 39.76 16.61
N ARG B 450 6.11 39.59 15.41
CA ARG B 450 5.91 40.52 14.32
C ARG B 450 5.75 39.75 13.01
N TYR B 451 5.30 40.44 11.98
CA TYR B 451 4.98 39.87 10.69
C TYR B 451 5.97 40.42 9.68
N GLN B 452 6.56 39.56 8.84
CA GLN B 452 7.54 40.02 7.86
C GLN B 452 7.26 39.51 6.46
N LYS B 453 7.57 40.36 5.48
CA LYS B 453 7.48 40.04 4.07
C LYS B 453 8.55 39.00 3.72
N VAL B 454 8.16 37.92 3.05
CA VAL B 454 9.12 36.91 2.64
C VAL B 454 9.08 36.69 1.11
N GLY B 455 8.89 37.76 0.35
CA GLY B 455 8.74 37.57 -1.08
C GLY B 455 7.35 37.84 -1.63
N TYR B 456 7.32 38.31 -2.89
CA TYR B 456 6.14 38.66 -3.68
C TYR B 456 5.62 37.46 -4.46
N TRP B 457 4.61 37.70 -5.28
CA TRP B 457 4.12 36.70 -6.23
C TRP B 457 3.27 37.45 -7.24
N ALA B 458 3.79 37.63 -8.44
CA ALA B 458 3.13 38.42 -9.47
C ALA B 458 2.84 37.55 -10.69
N GLU B 459 3.88 37.06 -11.36
CA GLU B 459 3.75 35.99 -12.34
C GLU B 459 4.86 34.98 -12.04
N GLY B 460 4.72 34.29 -10.91
CA GLY B 460 5.74 33.33 -10.44
C GLY B 460 6.22 33.72 -9.06
N LEU B 461 6.63 32.77 -8.23
CA LEU B 461 7.04 33.05 -6.83
C LEU B 461 8.38 33.78 -6.81
N THR B 462 8.75 34.39 -5.69
CA THR B 462 10.09 34.98 -5.54
C THR B 462 10.51 34.91 -4.07
N LEU B 463 10.27 33.80 -3.36
CA LEU B 463 10.60 33.72 -1.94
C LEU B 463 12.09 33.90 -1.68
N ASP B 464 12.41 34.58 -0.57
CA ASP B 464 13.77 34.79 -0.09
C ASP B 464 13.95 33.99 1.20
N THR B 465 14.57 32.81 1.09
CA THR B 465 14.62 31.87 2.21
C THR B 465 15.46 32.34 3.39
N SER B 466 16.22 33.43 3.26
CA SER B 466 17.05 33.88 4.37
C SER B 466 16.24 34.43 5.54
N LEU B 467 15.10 35.08 5.27
CA LEU B 467 14.34 35.70 6.35
C LEU B 467 13.56 34.70 7.20
N ILE B 468 13.23 33.53 6.66
CA ILE B 468 12.42 32.58 7.46
C ILE B 468 13.34 31.92 8.48
N PRO B 469 13.03 31.97 9.79
CA PRO B 469 13.81 31.27 10.79
C PRO B 469 13.84 29.75 10.65
N TRP B 470 12.71 29.12 10.36
CA TRP B 470 12.65 27.63 10.36
C TRP B 470 13.40 27.05 9.17
N ALA B 471 13.96 27.88 8.32
CA ALA B 471 14.53 27.40 7.08
C ALA B 471 15.98 27.85 6.88
N SER B 472 16.53 28.64 7.79
CA SER B 472 17.98 28.82 7.76
C SER B 472 18.62 27.55 8.32
N PRO B 473 19.74 27.09 7.76
CA PRO B 473 20.22 25.76 8.13
C PRO B 473 20.84 25.67 9.51
N SER B 474 21.07 26.78 10.23
CA SER B 474 21.55 26.65 11.59
C SER B 474 20.54 25.92 12.45
N ALA B 475 19.25 26.20 12.23
CA ALA B 475 18.18 25.66 13.08
C ALA B 475 18.09 24.14 12.95
N GLY B 476 17.95 23.66 11.73
CA GLY B 476 17.77 22.26 11.44
C GLY B 476 17.31 22.11 10.00
N PRO B 477 17.11 20.89 9.54
CA PRO B 477 16.56 20.72 8.19
C PRO B 477 15.08 21.06 8.11
N LEU B 478 14.63 21.34 6.88
CA LEU B 478 13.26 21.75 6.66
C LEU B 478 12.27 20.65 7.05
N PRO B 479 11.15 21.01 7.70
CA PRO B 479 10.10 20.03 8.00
C PRO B 479 9.75 19.13 6.82
N ALA B 480 9.17 17.97 7.07
CA ALA B 480 8.90 17.01 6.01
C ALA B 480 7.41 16.71 5.96
N SER B 481 6.89 16.55 4.75
CA SER B 481 5.50 16.18 4.53
C SER B 481 5.38 15.14 3.41
N ARG B 482 6.02 13.98 3.58
CA ARG B 482 5.88 12.91 2.60
C ARG B 482 5.23 11.69 3.22
N CYS B 483 4.56 10.91 2.38
CA CYS B 483 3.94 9.67 2.83
C CYS B 483 4.96 8.59 3.15
N SER B 484 5.93 8.38 2.27
CA SER B 484 6.91 7.31 2.42
C SER B 484 8.30 7.81 2.06
N GLU B 485 9.28 7.33 2.80
CA GLU B 485 10.65 7.78 2.66
C GLU B 485 11.28 7.15 1.42
N PRO B 486 12.37 7.74 0.91
CA PRO B 486 12.99 7.21 -0.32
C PRO B 486 13.70 5.88 -0.06
N CYS B 487 13.48 4.92 -0.96
CA CYS B 487 14.08 3.61 -0.80
C CYS B 487 15.57 3.69 -1.09
N LEU B 488 16.31 2.70 -0.58
CA LEU B 488 17.74 2.67 -0.79
C LEU B 488 18.09 2.22 -2.21
N GLN B 489 19.36 2.43 -2.57
CA GLN B 489 19.85 2.07 -3.90
C GLN B 489 19.70 0.57 -4.18
N ASN B 490 19.69 -0.26 -3.14
CA ASN B 490 19.51 -1.69 -3.31
C ASN B 490 18.06 -2.12 -3.18
N GLU B 491 17.14 -1.21 -2.90
CA GLU B 491 15.72 -1.53 -2.83
C GLU B 491 15.01 -1.10 -4.10
N VAL B 492 13.87 -1.73 -4.36
CA VAL B 492 13.06 -1.45 -5.53
C VAL B 492 11.67 -1.02 -5.08
N LYS B 493 10.97 -0.31 -5.97
CA LYS B 493 9.67 0.24 -5.67
C LYS B 493 8.59 -0.61 -6.34
N SER B 494 7.60 -1.02 -5.57
CA SER B 494 6.38 -1.63 -6.09
C SER B 494 5.20 -0.82 -5.57
N VAL B 495 4.52 -0.12 -6.47
CA VAL B 495 3.49 0.83 -6.04
C VAL B 495 2.26 0.05 -5.56
N GLN B 496 1.69 0.52 -4.46
CA GLN B 496 0.42 -0.01 -3.99
C GLN B 496 -0.73 0.60 -4.78
N PRO B 497 -1.64 -0.22 -5.31
CA PRO B 497 -2.74 0.34 -6.11
C PRO B 497 -3.62 1.26 -5.28
N GLY B 498 -4.08 2.34 -5.91
CA GLY B 498 -4.93 3.32 -5.28
C GLY B 498 -4.22 4.49 -4.63
N GLU B 499 -2.90 4.43 -4.48
CA GLU B 499 -2.13 5.52 -3.89
C GLU B 499 -0.83 5.68 -4.67
N VAL B 500 -0.62 6.87 -5.23
CA VAL B 500 0.64 7.15 -5.90
C VAL B 500 1.72 7.56 -4.90
N CYS B 501 1.39 8.47 -3.97
CA CYS B 501 2.40 9.01 -3.07
C CYS B 501 3.08 7.98 -2.19
N CYS B 502 2.50 6.80 -2.00
CA CYS B 502 3.08 5.87 -1.04
C CYS B 502 3.47 4.56 -1.70
N TRP B 503 4.74 4.19 -1.54
CA TRP B 503 5.34 3.03 -2.16
C TRP B 503 5.87 2.14 -1.04
N LEU B 504 6.06 0.86 -1.31
CA LEU B 504 6.64 -0.03 -0.33
C LEU B 504 8.01 -0.43 -0.85
N CYS B 505 9.03 -0.28 -0.01
CA CYS B 505 10.32 -0.77 -0.46
C CYS B 505 10.43 -2.28 -0.31
N ILE B 506 11.28 -2.87 -1.13
CA ILE B 506 11.51 -4.31 -1.16
C ILE B 506 12.99 -4.56 -1.36
N PRO B 507 13.50 -5.67 -0.85
CA PRO B 507 14.90 -5.94 -1.14
C PRO B 507 15.05 -7.01 -2.21
N CYS B 508 16.02 -6.80 -3.10
CA CYS B 508 16.24 -7.72 -4.20
C CYS B 508 17.10 -8.89 -3.73
N GLN B 509 17.11 -9.95 -4.52
CA GLN B 509 17.90 -11.11 -4.13
C GLN B 509 19.37 -10.70 -4.18
N PRO B 510 20.23 -11.27 -3.34
CA PRO B 510 21.60 -10.75 -3.28
C PRO B 510 22.35 -10.89 -4.59
N TYR B 511 21.93 -11.80 -5.47
CA TYR B 511 22.48 -11.91 -6.81
C TYR B 511 21.84 -10.95 -7.80
N GLU B 512 20.86 -10.15 -7.37
CA GLU B 512 20.11 -9.30 -8.28
C GLU B 512 20.58 -7.85 -8.25
N TYR B 513 20.54 -7.22 -9.43
CA TYR B 513 20.94 -5.83 -9.62
C TYR B 513 19.73 -5.02 -10.06
N ARG B 514 19.71 -3.74 -9.69
CA ARG B 514 18.54 -2.88 -9.88
C ARG B 514 18.70 -2.15 -11.22
N LEU B 515 18.04 -2.67 -12.27
CA LEU B 515 18.17 -2.04 -13.58
C LEU B 515 17.37 -0.75 -13.67
N ASP B 516 16.15 -0.71 -13.14
CA ASP B 516 15.36 0.51 -13.16
C ASP B 516 14.76 0.72 -11.77
N GLU B 517 14.12 1.89 -11.59
CA GLU B 517 13.67 2.28 -10.27
C GLU B 517 12.60 1.36 -9.72
N PHE B 518 11.71 0.83 -10.56
CA PHE B 518 10.62 0.00 -10.09
C PHE B 518 10.81 -1.49 -10.31
N THR B 519 11.94 -1.94 -10.85
CA THR B 519 12.14 -3.37 -10.99
C THR B 519 13.63 -3.69 -11.06
N CYS B 520 13.99 -4.86 -10.55
CA CYS B 520 15.37 -5.33 -10.56
C CYS B 520 15.42 -6.73 -11.14
N ALA B 521 16.55 -7.06 -11.76
CA ALA B 521 16.72 -8.34 -12.43
C ALA B 521 17.91 -9.06 -11.79
N ASP B 522 18.16 -10.29 -12.22
CA ASP B 522 19.35 -11.00 -11.77
C ASP B 522 20.34 -11.16 -12.92
N CYS B 523 21.61 -11.22 -12.57
CA CYS B 523 22.68 -11.33 -13.54
C CYS B 523 22.78 -12.75 -14.08
N GLY B 524 23.49 -12.89 -15.20
CA GLY B 524 23.77 -14.21 -15.70
C GLY B 524 24.74 -14.90 -14.76
N LEU B 525 24.64 -16.22 -14.65
CA LEU B 525 25.50 -16.88 -13.66
C LEU B 525 26.95 -16.66 -14.05
N GLY B 526 27.79 -16.46 -13.04
CA GLY B 526 29.22 -16.35 -13.21
C GLY B 526 29.72 -14.97 -12.84
N TYR B 527 28.80 -14.03 -12.63
CA TYR B 527 29.06 -12.63 -12.40
C TYR B 527 28.41 -12.18 -11.09
N TRP B 528 28.75 -10.98 -10.64
CA TRP B 528 28.26 -10.44 -9.38
C TRP B 528 27.87 -8.97 -9.53
N PRO B 529 26.82 -8.53 -8.83
CA PRO B 529 26.44 -7.11 -8.86
C PRO B 529 27.59 -6.17 -8.55
N ASN B 530 27.62 -5.04 -9.25
CA ASN B 530 28.58 -3.98 -9.00
C ASN B 530 28.27 -3.26 -7.70
N ALA B 531 29.26 -2.53 -7.18
CA ALA B 531 29.05 -1.74 -5.96
C ALA B 531 27.82 -0.84 -6.07
N SER B 532 27.68 -0.14 -7.20
CA SER B 532 26.52 0.73 -7.41
C SER B 532 25.24 -0.07 -7.61
N LEU B 533 25.37 -1.39 -7.75
CA LEU B 533 24.32 -2.35 -8.02
C LEU B 533 23.61 -2.10 -9.35
N THR B 534 24.21 -1.29 -10.23
CA THR B 534 23.69 -1.11 -11.58
C THR B 534 24.65 -1.72 -12.60
N GLY B 535 25.35 -2.77 -12.19
CA GLY B 535 26.40 -3.35 -13.02
C GLY B 535 26.54 -4.84 -12.77
N CYS B 536 27.18 -5.51 -13.71
CA CYS B 536 27.44 -6.93 -13.62
C CYS B 536 28.95 -7.06 -13.76
N PHE B 537 29.60 -7.79 -12.85
CA PHE B 537 31.04 -8.01 -12.97
C PHE B 537 31.46 -9.45 -12.72
N GLU B 538 32.21 -10.00 -13.68
CA GLU B 538 32.77 -11.35 -13.57
C GLU B 538 33.70 -11.42 -12.35
N LEU B 539 33.56 -12.48 -11.56
CA LEU B 539 34.25 -12.52 -10.29
C LEU B 539 35.64 -13.15 -10.37
N PRO B 540 36.34 -13.28 -9.23
CA PRO B 540 37.61 -14.02 -9.19
C PRO B 540 37.50 -15.52 -9.36
N GLN B 541 38.02 -16.04 -10.47
CA GLN B 541 38.12 -17.48 -10.64
C GLN B 541 39.09 -18.01 -9.59
N GLU B 542 38.68 -19.03 -8.84
CA GLU B 542 39.48 -19.50 -7.72
C GLU B 542 40.03 -20.88 -8.00
N TYR B 543 41.27 -21.11 -7.54
CA TYR B 543 41.93 -22.40 -7.64
C TYR B 543 43.01 -22.47 -6.56
N ILE B 544 43.50 -23.68 -6.33
CA ILE B 544 44.56 -23.87 -5.34
C ILE B 544 45.83 -23.22 -5.86
N ARG B 545 46.54 -22.53 -4.97
CA ARG B 545 47.75 -21.81 -5.36
C ARG B 545 48.97 -22.44 -4.70
N TRP B 546 50.14 -22.11 -5.26
CA TRP B 546 51.39 -22.69 -4.78
C TRP B 546 51.68 -22.27 -3.34
N GLY B 547 51.41 -21.00 -3.01
CA GLY B 547 51.82 -20.52 -1.70
C GLY B 547 50.95 -20.95 -0.55
N ASP B 548 49.81 -21.60 -0.82
CA ASP B 548 48.94 -22.05 0.25
C ASP B 548 49.61 -23.15 1.07
N ALA B 549 49.30 -23.19 2.36
CA ALA B 549 49.88 -24.22 3.21
C ALA B 549 49.41 -25.62 2.81
N TRP B 550 48.23 -25.70 2.19
CA TRP B 550 47.72 -27.00 1.78
C TRP B 550 48.47 -27.50 0.56
N ALA B 551 49.16 -26.62 -0.15
CA ALA B 551 49.94 -27.02 -1.29
C ALA B 551 51.38 -27.23 -0.87
N VAL B 552 51.78 -26.47 0.16
CA VAL B 552 53.15 -26.50 0.65
C VAL B 552 53.45 -27.83 1.30
N GLY B 553 52.52 -28.32 2.12
CA GLY B 553 52.71 -29.56 2.86
C GLY B 553 52.99 -30.75 1.94
N PRO B 554 52.02 -31.07 1.07
CA PRO B 554 52.22 -32.19 0.15
C PRO B 554 53.47 -32.02 -0.72
N VAL B 555 53.78 -30.79 -1.12
CA VAL B 555 54.98 -30.56 -1.92
C VAL B 555 56.20 -30.93 -1.12
N THR B 556 56.25 -30.54 0.16
CA THR B 556 57.37 -30.88 1.01
C THR B 556 57.49 -32.40 1.16
N ILE B 557 56.36 -33.08 1.36
CA ILE B 557 56.40 -34.53 1.51
C ILE B 557 56.91 -35.18 0.23
N ALA B 558 56.45 -34.70 -0.93
CA ALA B 558 56.90 -35.24 -2.20
C ALA B 558 58.39 -35.00 -2.40
N CYS B 559 58.88 -33.82 -2.04
CA CYS B 559 60.31 -33.53 -2.15
C CYS B 559 61.12 -34.46 -1.26
N LEU B 560 60.67 -34.68 -0.03
CA LEU B 560 61.38 -35.59 0.87
C LEU B 560 61.40 -37.00 0.30
N GLY B 561 60.27 -37.45 -0.27
CA GLY B 561 60.25 -38.77 -0.89
C GLY B 561 61.20 -38.87 -2.07
N ALA B 562 61.25 -37.82 -2.90
CA ALA B 562 62.16 -37.81 -4.04
C ALA B 562 63.61 -37.87 -3.58
N LEU B 563 63.95 -37.09 -2.56
CA LEU B 563 65.30 -37.11 -2.02
C LEU B 563 65.65 -38.50 -1.46
N ALA B 564 64.72 -39.12 -0.75
CA ALA B 564 64.97 -40.46 -0.22
C ALA B 564 65.17 -41.47 -1.35
N THR B 565 64.35 -41.39 -2.40
CA THR B 565 64.51 -42.28 -3.54
C THR B 565 65.87 -42.08 -4.20
N LEU B 566 66.28 -40.83 -4.38
CA LEU B 566 67.58 -40.56 -4.97
C LEU B 566 68.70 -41.11 -4.10
N PHE B 567 68.56 -40.97 -2.77
CA PHE B 567 69.57 -41.49 -1.86
C PHE B 567 69.67 -43.01 -1.95
N VAL B 568 68.52 -43.69 -2.02
CA VAL B 568 68.55 -45.15 -2.13
C VAL B 568 69.18 -45.57 -3.45
N LEU B 569 68.82 -44.90 -4.54
CA LEU B 569 69.41 -45.23 -5.83
C LEU B 569 70.92 -45.00 -5.83
N GLY B 570 71.37 -43.87 -5.26
CA GLY B 570 72.81 -43.62 -5.15
C GLY B 570 73.51 -44.65 -4.29
N VAL B 571 72.84 -45.16 -3.26
CA VAL B 571 73.48 -46.13 -2.38
C VAL B 571 73.66 -47.43 -3.13
N PHE B 572 72.59 -47.89 -3.80
CA PHE B 572 72.66 -49.15 -4.52
C PHE B 572 73.67 -49.07 -5.66
N VAL B 573 73.71 -47.94 -6.36
CA VAL B 573 74.68 -47.73 -7.43
C VAL B 573 76.10 -47.78 -6.87
N ARG B 574 76.38 -46.98 -5.83
CA ARG B 574 77.72 -46.93 -5.26
C ARG B 574 78.22 -48.31 -4.85
N HIS B 575 77.35 -49.13 -4.27
CA HIS B 575 77.70 -50.44 -3.75
C HIS B 575 77.16 -51.54 -4.66
N ASN B 576 77.23 -51.34 -5.97
CA ASN B 576 76.64 -52.26 -6.94
C ASN B 576 77.45 -53.53 -7.12
N ALA B 577 78.62 -53.65 -6.49
CA ALA B 577 79.47 -54.82 -6.66
C ALA B 577 79.41 -55.78 -5.48
N THR B 578 78.66 -55.45 -4.44
CA THR B 578 78.61 -56.30 -3.26
C THR B 578 77.74 -57.52 -3.54
N PRO B 579 78.04 -58.66 -2.91
CA PRO B 579 77.25 -59.87 -3.19
C PRO B 579 75.76 -59.69 -2.95
N VAL B 580 75.37 -58.96 -1.90
CA VAL B 580 73.96 -58.85 -1.59
C VAL B 580 73.20 -58.05 -2.64
N VAL B 581 73.86 -57.03 -3.22
CA VAL B 581 73.22 -56.27 -4.29
C VAL B 581 73.14 -57.09 -5.56
N LYS B 582 74.20 -57.84 -5.87
CA LYS B 582 74.20 -58.69 -7.06
C LYS B 582 73.17 -59.81 -6.96
N ALA B 583 72.86 -60.25 -5.74
CA ALA B 583 71.87 -61.32 -5.58
C ALA B 583 70.51 -60.91 -6.13
N SER B 584 70.17 -59.63 -6.04
CA SER B 584 68.93 -59.11 -6.60
C SER B 584 69.19 -58.49 -7.97
N GLY B 585 68.11 -58.37 -8.75
CA GLY B 585 68.21 -57.69 -10.02
C GLY B 585 68.55 -56.22 -9.85
N ARG B 586 69.42 -55.72 -10.73
CA ARG B 586 69.76 -54.30 -10.71
C ARG B 586 68.85 -53.49 -11.62
N GLU B 587 68.48 -54.04 -12.77
CA GLU B 587 67.63 -53.32 -13.71
C GLU B 587 66.24 -53.09 -13.13
N LEU B 588 65.71 -54.12 -12.45
CA LEU B 588 64.39 -53.97 -11.86
C LEU B 588 64.42 -53.05 -10.64
N CYS B 589 65.54 -53.01 -9.93
CA CYS B 589 65.67 -52.05 -8.84
C CYS B 589 65.62 -50.63 -9.39
N TYR B 590 66.31 -50.37 -10.49
CA TYR B 590 66.28 -49.04 -11.10
C TYR B 590 64.89 -48.66 -11.58
N ILE B 591 64.18 -49.59 -12.25
CA ILE B 591 62.84 -49.21 -12.71
C ILE B 591 61.93 -48.95 -11.52
N LEU B 592 62.02 -49.77 -10.48
CA LEU B 592 61.18 -49.56 -9.31
C LEU B 592 61.47 -48.22 -8.64
N LEU B 593 62.76 -47.85 -8.55
CA LEU B 593 63.09 -46.54 -7.97
C LEU B 593 62.54 -45.41 -8.83
N GLY B 594 62.61 -45.55 -10.16
CA GLY B 594 62.02 -44.56 -11.04
C GLY B 594 60.52 -44.45 -10.87
N GLY B 595 59.85 -45.59 -10.73
CA GLY B 595 58.42 -45.58 -10.48
C GLY B 595 58.06 -44.90 -9.18
N VAL B 596 58.85 -45.15 -8.12
CA VAL B 596 58.63 -44.47 -6.85
C VAL B 596 58.78 -42.96 -7.01
N PHE B 597 59.80 -42.54 -7.75
CA PHE B 597 59.99 -41.11 -7.99
C PHE B 597 58.80 -40.51 -8.73
N LEU B 598 58.30 -41.20 -9.76
CA LEU B 598 57.13 -40.69 -10.48
C LEU B 598 55.91 -40.66 -9.57
N CYS B 599 55.77 -41.65 -8.71
CA CYS B 599 54.67 -41.65 -7.76
C CYS B 599 54.70 -40.38 -6.93
N TYR B 600 55.88 -40.00 -6.46
CA TYR B 600 55.97 -38.74 -5.71
C TYR B 600 55.71 -37.52 -6.60
N CYS B 601 56.35 -37.43 -7.75
CA CYS B 601 56.20 -36.18 -8.54
C CYS B 601 54.75 -35.80 -8.81
N MET B 602 53.80 -36.74 -8.83
CA MET B 602 52.41 -36.42 -9.22
C MET B 602 51.79 -35.43 -8.23
N THR B 603 52.04 -35.56 -6.93
CA THR B 603 51.54 -34.52 -5.97
C THR B 603 51.80 -33.15 -6.59
N PHE B 604 52.96 -33.01 -7.17
CA PHE B 604 53.33 -31.69 -7.67
C PHE B 604 52.62 -31.43 -9.00
N ILE B 605 52.48 -32.47 -9.83
CA ILE B 605 51.72 -32.32 -11.06
C ILE B 605 50.27 -31.97 -10.76
N PHE B 606 49.66 -32.65 -9.78
CA PHE B 606 48.25 -32.48 -9.48
C PHE B 606 47.94 -31.18 -8.74
N ILE B 607 48.96 -30.47 -8.24
CA ILE B 607 48.73 -29.19 -7.59
C ILE B 607 49.01 -28.01 -8.52
N ALA B 608 49.62 -28.25 -9.68
CA ALA B 608 49.92 -27.20 -10.63
C ALA B 608 48.64 -26.63 -11.23
N LYS B 609 48.70 -25.35 -11.62
CA LYS B 609 47.55 -24.68 -12.21
C LYS B 609 47.15 -25.35 -13.53
N PRO B 610 45.86 -25.66 -13.72
CA PRO B 610 45.43 -26.36 -14.94
C PRO B 610 45.77 -25.59 -16.21
N SER B 611 46.17 -26.33 -17.24
CA SER B 611 46.51 -25.76 -18.53
C SER B 611 46.13 -26.78 -19.61
N THR B 612 46.60 -26.54 -20.84
CA THR B 612 46.36 -27.49 -21.92
C THR B 612 47.24 -28.74 -21.79
N ALA B 613 48.38 -28.62 -21.13
CA ALA B 613 49.30 -29.74 -20.95
C ALA B 613 49.18 -30.38 -19.58
N VAL B 614 48.90 -29.58 -18.56
CA VAL B 614 48.89 -30.10 -17.18
C VAL B 614 47.78 -31.11 -17.00
N CYS B 615 46.61 -30.88 -17.63
CA CYS B 615 45.51 -31.83 -17.51
C CYS B 615 45.87 -33.18 -18.11
N THR B 616 46.63 -33.16 -19.21
CA THR B 616 47.08 -34.42 -19.79
C THR B 616 47.98 -35.18 -18.85
N LEU B 617 48.91 -34.48 -18.21
CA LEU B 617 49.79 -35.12 -17.22
C LEU B 617 48.99 -35.64 -16.03
N ARG B 618 48.00 -34.87 -15.56
CA ARG B 618 47.16 -35.33 -14.47
C ARG B 618 46.44 -36.61 -14.84
N ARG B 619 46.00 -36.72 -16.09
CA ARG B 619 45.30 -37.93 -16.51
C ARG B 619 46.25 -39.10 -16.73
N LEU B 620 47.48 -38.80 -17.18
CA LEU B 620 48.46 -39.81 -17.56
C LEU B 620 49.22 -40.36 -16.38
N GLY B 621 49.88 -39.48 -15.62
CA GLY B 621 50.89 -39.93 -14.66
C GLY B 621 50.35 -40.87 -13.60
N LEU B 622 49.12 -40.68 -13.14
CA LEU B 622 48.59 -41.55 -12.10
C LEU B 622 48.64 -43.00 -12.55
N GLY B 623 48.14 -43.25 -13.76
CA GLY B 623 48.19 -44.59 -14.31
C GLY B 623 49.61 -44.98 -14.66
N THR B 624 50.42 -44.04 -15.14
CA THR B 624 51.75 -44.42 -15.57
C THR B 624 52.55 -44.91 -14.36
N ALA B 625 52.40 -44.22 -13.23
CA ALA B 625 53.10 -44.57 -12.00
C ALA B 625 52.65 -45.92 -11.49
N PHE B 626 51.32 -46.12 -11.43
CA PHE B 626 50.83 -47.43 -10.98
C PHE B 626 51.30 -48.53 -11.91
N SER B 627 51.25 -48.30 -13.23
CA SER B 627 51.67 -49.33 -14.16
C SER B 627 53.14 -49.66 -14.00
N VAL B 628 54.00 -48.65 -13.86
CA VAL B 628 55.44 -48.90 -13.70
C VAL B 628 55.70 -49.73 -12.45
N CYS B 629 55.18 -49.27 -11.30
CA CYS B 629 55.47 -49.96 -10.05
C CYS B 629 54.94 -51.40 -10.07
N TYR B 630 53.68 -51.56 -10.48
CA TYR B 630 53.06 -52.87 -10.41
C TYR B 630 53.64 -53.81 -11.46
N SER B 631 54.01 -53.28 -12.63
CA SER B 631 54.68 -54.10 -13.64
C SER B 631 56.02 -54.58 -13.13
N ALA B 632 56.79 -53.72 -12.46
CA ALA B 632 58.07 -54.14 -11.90
C ALA B 632 57.86 -55.28 -10.90
N LEU B 633 56.88 -55.11 -10.01
CA LEU B 633 56.59 -56.17 -9.04
C LEU B 633 56.20 -57.45 -9.76
N LEU B 634 55.37 -57.33 -10.79
CA LEU B 634 54.88 -58.49 -11.54
C LEU B 634 56.05 -59.26 -12.15
N THR B 635 56.97 -58.56 -12.82
CA THR B 635 58.08 -59.26 -13.44
C THR B 635 58.97 -59.91 -12.38
N LYS B 636 59.18 -59.22 -11.25
CA LYS B 636 60.04 -59.80 -10.22
C LYS B 636 59.44 -61.10 -9.70
N THR B 637 58.14 -61.11 -9.44
CA THR B 637 57.52 -62.33 -8.95
C THR B 637 57.47 -63.39 -10.04
N ASN B 638 57.29 -62.99 -11.30
CA ASN B 638 57.19 -63.97 -12.37
C ASN B 638 58.54 -64.67 -12.53
N ARG B 639 59.63 -63.90 -12.49
CA ARG B 639 60.94 -64.47 -12.70
C ARG B 639 61.34 -65.36 -11.53
N ILE B 640 60.97 -64.95 -10.31
CA ILE B 640 61.26 -65.80 -9.16
C ILE B 640 60.47 -67.10 -9.22
N ALA B 641 59.19 -67.03 -9.56
CA ALA B 641 58.37 -68.22 -9.70
C ALA B 641 58.93 -69.15 -10.77
N ARG B 642 59.32 -68.59 -11.92
CA ARG B 642 59.85 -69.43 -13.00
C ARG B 642 61.19 -70.05 -12.62
N ILE B 643 62.04 -69.31 -11.91
CA ILE B 643 63.33 -69.83 -11.49
C ILE B 643 63.15 -71.01 -10.53
N ARG B 655 62.31 -69.97 -18.48
CA ARG B 655 62.43 -69.53 -19.87
C ARG B 655 62.45 -67.99 -19.96
N PHE B 656 63.34 -67.47 -20.79
CA PHE B 656 63.48 -66.03 -21.00
C PHE B 656 63.75 -65.31 -19.68
N ILE B 657 64.76 -65.77 -18.95
CA ILE B 657 65.10 -65.21 -17.66
C ILE B 657 66.26 -64.21 -17.75
N SER B 658 66.62 -63.79 -18.97
CA SER B 658 67.69 -62.82 -19.14
C SER B 658 67.26 -61.43 -18.68
N PRO B 659 68.23 -60.57 -18.35
CA PRO B 659 67.88 -59.19 -17.96
C PRO B 659 67.25 -58.42 -19.10
N ALA B 660 67.28 -58.95 -20.31
CA ALA B 660 66.69 -58.22 -21.43
C ALA B 660 65.29 -58.74 -21.69
N SER B 661 65.07 -60.03 -21.47
CA SER B 661 63.71 -60.53 -21.55
C SER B 661 62.90 -59.87 -20.46
N GLN B 662 63.51 -59.70 -19.28
CA GLN B 662 62.85 -59.01 -18.18
C GLN B 662 62.55 -57.55 -18.51
N VAL B 663 63.52 -56.83 -19.11
CA VAL B 663 63.22 -55.44 -19.51
C VAL B 663 62.10 -55.41 -20.54
N ALA B 664 62.12 -56.31 -21.50
CA ALA B 664 61.06 -56.35 -22.51
C ALA B 664 59.70 -56.59 -21.89
N ILE B 665 59.62 -57.54 -20.95
CA ILE B 665 58.33 -57.85 -20.32
C ILE B 665 57.84 -56.64 -19.52
N CYS B 666 58.73 -56.01 -18.77
CA CYS B 666 58.33 -54.83 -18.00
C CYS B 666 57.85 -53.71 -18.91
N LEU B 667 58.56 -53.47 -20.02
CA LEU B 667 58.15 -52.42 -20.93
C LEU B 667 56.83 -52.73 -21.60
N ALA B 668 56.59 -54.00 -21.94
CA ALA B 668 55.29 -54.39 -22.49
C ALA B 668 54.17 -54.17 -21.49
N LEU B 669 54.40 -54.55 -20.23
CA LEU B 669 53.38 -54.36 -19.21
C LEU B 669 53.08 -52.88 -19.00
N ILE B 670 54.11 -52.03 -19.05
CA ILE B 670 53.86 -50.59 -18.94
C ILE B 670 53.11 -50.08 -20.17
N SER B 671 53.49 -50.55 -21.35
CA SER B 671 52.89 -50.07 -22.59
C SER B 671 51.41 -50.44 -22.69
N GLY B 672 51.02 -51.54 -22.04
CA GLY B 672 49.60 -51.90 -22.02
C GLY B 672 48.73 -50.82 -21.40
N GLN B 673 49.12 -50.31 -20.24
CA GLN B 673 48.36 -49.22 -19.63
C GLN B 673 48.37 -47.96 -20.49
N LEU B 674 49.52 -47.64 -21.08
CA LEU B 674 49.63 -46.47 -21.95
C LEU B 674 48.68 -46.57 -23.13
N LEU B 675 48.50 -47.77 -23.68
CA LEU B 675 47.55 -47.93 -24.79
C LEU B 675 46.20 -47.37 -24.41
N ILE B 676 45.72 -47.70 -23.21
CA ILE B 676 44.42 -47.24 -22.77
C ILE B 676 44.37 -45.72 -22.68
N VAL B 677 45.44 -45.12 -22.17
CA VAL B 677 45.48 -43.67 -22.04
C VAL B 677 45.43 -43.00 -23.41
N VAL B 678 46.15 -43.54 -24.37
CA VAL B 678 46.15 -42.96 -25.70
C VAL B 678 44.74 -43.04 -26.25
N ALA B 679 44.08 -44.17 -26.04
CA ALA B 679 42.73 -44.34 -26.54
C ALA B 679 41.78 -43.34 -25.89
N TRP B 680 41.92 -43.11 -24.59
CA TRP B 680 41.07 -42.14 -23.90
C TRP B 680 41.31 -40.74 -24.45
N LEU B 681 42.56 -40.42 -24.73
CA LEU B 681 42.87 -39.11 -25.27
C LEU B 681 42.21 -38.96 -26.62
N VAL B 682 42.24 -40.00 -27.45
CA VAL B 682 41.53 -39.96 -28.72
C VAL B 682 40.02 -39.89 -28.54
N VAL B 683 39.49 -40.69 -27.61
CA VAL B 683 38.04 -40.74 -27.40
C VAL B 683 37.50 -39.43 -26.84
N GLU B 684 37.94 -39.05 -25.65
CA GLU B 684 37.51 -37.76 -25.11
C GLU B 684 38.32 -36.60 -25.67
N ALA B 685 37.95 -35.39 -25.23
CA ALA B 685 38.51 -34.09 -25.58
C ALA B 685 39.37 -33.58 -24.44
N PRO B 686 40.61 -33.15 -24.69
CA PRO B 686 41.41 -32.58 -23.61
C PRO B 686 41.03 -31.12 -23.41
N GLY B 687 40.34 -30.85 -22.31
CA GLY B 687 39.79 -29.53 -22.04
C GLY B 687 39.42 -29.43 -20.58
N THR B 688 38.74 -28.33 -20.25
CA THR B 688 38.42 -28.03 -18.86
C THR B 688 37.05 -27.36 -18.82
N GLY B 689 36.58 -27.07 -17.62
CA GLY B 689 35.24 -26.53 -17.46
C GLY B 689 35.06 -25.71 -16.21
N LYS B 690 34.23 -24.67 -16.32
CA LYS B 690 33.91 -23.77 -15.24
C LYS B 690 32.44 -24.00 -14.93
N GLU B 691 32.10 -24.17 -13.66
CA GLU B 691 30.74 -24.56 -13.30
C GLU B 691 30.06 -23.56 -12.39
N THR B 692 28.89 -23.97 -11.88
CA THR B 692 28.06 -23.22 -10.97
C THR B 692 27.12 -24.20 -10.29
N ALA B 693 26.53 -23.77 -9.19
CA ALA B 693 25.69 -24.63 -8.38
C ALA B 693 24.51 -23.84 -7.83
N PRO B 694 23.40 -24.53 -7.41
CA PRO B 694 22.26 -23.81 -6.82
C PRO B 694 22.66 -22.65 -5.91
N GLU B 695 23.71 -22.83 -5.11
CA GLU B 695 24.22 -21.74 -4.28
C GLU B 695 25.04 -20.90 -5.24
N ARG B 696 24.40 -19.87 -5.80
CA ARG B 696 25.02 -19.05 -6.83
C ARG B 696 26.25 -18.30 -6.34
N ARG B 697 26.32 -17.95 -5.06
CA ARG B 697 27.51 -17.23 -4.59
C ARG B 697 28.78 -18.02 -4.90
N GLU B 698 28.68 -19.34 -4.97
CA GLU B 698 29.83 -20.22 -5.13
C GLU B 698 30.59 -19.79 -6.38
N VAL B 699 31.88 -19.47 -6.23
CA VAL B 699 32.59 -18.90 -7.36
C VAL B 699 32.72 -19.94 -8.48
N VAL B 700 32.89 -19.45 -9.70
CA VAL B 700 33.19 -20.31 -10.83
C VAL B 700 34.60 -20.87 -10.69
N THR B 701 34.68 -22.11 -10.22
CA THR B 701 35.93 -22.83 -10.14
C THR B 701 36.34 -23.33 -11.52
N LEU B 702 37.66 -23.43 -11.69
CA LEU B 702 38.21 -23.97 -12.94
C LEU B 702 38.59 -25.42 -12.63
N ARG B 703 38.02 -26.37 -13.37
CA ARG B 703 38.26 -27.78 -13.12
C ARG B 703 38.48 -28.46 -14.46
N CYS B 704 39.09 -29.65 -14.40
CA CYS B 704 39.24 -30.43 -15.62
C CYS B 704 37.93 -31.06 -16.03
N ASN B 705 37.91 -31.59 -17.24
CA ASN B 705 36.70 -32.13 -17.84
C ASN B 705 36.36 -33.48 -17.20
N HIS B 706 35.30 -34.10 -17.69
CA HIS B 706 34.83 -35.34 -17.09
C HIS B 706 35.90 -36.41 -17.20
N ARG B 707 36.28 -36.97 -16.06
CA ARG B 707 37.30 -38.02 -15.97
C ARG B 707 36.74 -39.30 -15.38
N ASP B 708 35.52 -39.70 -15.75
CA ASP B 708 34.99 -40.88 -15.08
C ASP B 708 35.49 -42.17 -15.72
N ALA B 709 35.22 -42.37 -17.00
CA ALA B 709 35.53 -43.63 -17.66
C ALA B 709 37.03 -43.96 -17.70
N SER B 710 37.88 -42.98 -18.05
CA SER B 710 39.30 -43.30 -18.21
C SER B 710 39.94 -43.72 -16.89
N MET B 711 39.73 -42.95 -15.82
CA MET B 711 40.38 -43.28 -14.55
C MET B 711 39.94 -44.66 -14.10
N LEU B 712 38.63 -44.88 -14.01
CA LEU B 712 38.12 -46.14 -13.49
C LEU B 712 38.58 -47.32 -14.35
N GLY B 713 38.61 -47.16 -15.67
CA GLY B 713 39.08 -48.25 -16.52
C GLY B 713 40.55 -48.57 -16.28
N SER B 714 41.34 -47.48 -16.21
CA SER B 714 42.78 -47.63 -15.93
C SER B 714 42.89 -48.26 -14.56
N LEU B 715 41.93 -47.96 -13.68
CA LEU B 715 41.98 -48.65 -12.37
C LEU B 715 42.13 -50.15 -12.65
N ALA B 716 41.36 -50.68 -13.60
CA ALA B 716 41.42 -52.12 -13.92
C ALA B 716 42.80 -52.46 -14.50
N TYR B 717 43.36 -51.54 -15.29
CA TYR B 717 44.68 -51.79 -15.94
C TYR B 717 45.68 -52.02 -14.81
N ASN B 718 45.31 -51.61 -13.59
CA ASN B 718 46.20 -51.80 -12.42
C ASN B 718 45.68 -52.80 -11.39
N VAL B 719 44.39 -52.81 -11.00
CA VAL B 719 43.95 -53.66 -9.90
C VAL B 719 44.01 -55.12 -10.30
N LEU B 720 43.64 -55.42 -11.55
CA LEU B 720 43.74 -56.78 -12.05
C LEU B 720 45.21 -57.23 -12.03
N LEU B 721 46.10 -56.34 -12.46
CA LEU B 721 47.53 -56.64 -12.43
C LEU B 721 47.99 -56.89 -10.99
N ILE B 722 47.50 -56.09 -10.05
CA ILE B 722 47.84 -56.26 -8.64
C ILE B 722 47.36 -57.62 -8.15
N ALA B 723 46.15 -58.02 -8.55
CA ALA B 723 45.62 -59.32 -8.15
C ALA B 723 46.49 -60.45 -8.69
N LEU B 724 46.92 -60.35 -9.94
CA LEU B 724 47.82 -61.38 -10.48
C LEU B 724 49.13 -61.41 -9.73
N CYS B 725 49.66 -60.24 -9.38
CA CYS B 725 50.89 -60.19 -8.58
C CYS B 725 50.71 -60.88 -7.24
N THR B 726 49.58 -60.61 -6.58
CA THR B 726 49.29 -61.25 -5.29
C THR B 726 49.18 -62.75 -5.45
N LEU B 727 48.50 -63.21 -6.51
CA LEU B 727 48.37 -64.64 -6.76
C LEU B 727 49.73 -65.29 -6.95
N TYR B 728 50.60 -64.65 -7.74
CA TYR B 728 51.91 -65.24 -8.00
C TYR B 728 52.82 -65.15 -6.77
N ALA B 729 52.58 -64.17 -5.90
CA ALA B 729 53.28 -64.15 -4.63
C ALA B 729 52.84 -65.31 -3.74
N PHE B 730 51.53 -65.60 -3.75
CA PHE B 730 51.07 -66.74 -2.97
C PHE B 730 51.64 -68.03 -3.53
N LYS B 731 52.02 -68.00 -4.87
CA LYS B 731 52.68 -69.15 -5.61
C LYS B 731 54.20 -68.95 -5.47
N THR B 732 54.70 -67.82 -4.96
CA THR B 732 56.19 -67.59 -4.93
C THR B 732 56.78 -67.95 -3.60
N ARG B 733 55.88 -68.48 -2.81
CA ARG B 733 56.30 -68.81 -1.51
C ARG B 733 57.36 -69.83 -1.72
N LYS B 734 57.36 -70.47 -2.89
CA LYS B 734 58.33 -71.56 -3.18
C LYS B 734 59.74 -71.16 -3.58
N CYS B 735 60.65 -72.15 -3.63
CA CYS B 735 62.05 -71.89 -4.00
C CYS B 735 62.61 -70.63 -3.39
N PRO B 736 62.95 -70.67 -2.09
CA PRO B 736 63.40 -69.42 -1.47
C PRO B 736 64.67 -68.86 -2.07
N GLU B 737 64.68 -67.57 -2.36
CA GLU B 737 65.88 -66.90 -2.87
C GLU B 737 66.62 -66.34 -1.68
N ASN B 738 67.65 -65.56 -1.93
CA ASN B 738 68.36 -64.92 -0.83
C ASN B 738 67.29 -64.36 0.05
N PHE B 739 66.20 -63.89 -0.57
CA PHE B 739 65.07 -63.42 0.21
C PHE B 739 63.75 -63.99 -0.29
N ASN B 740 63.17 -63.40 -1.33
CA ASN B 740 61.87 -63.83 -1.88
C ASN B 740 60.77 -63.72 -0.84
N GLU B 741 60.94 -62.81 0.11
CA GLU B 741 59.94 -62.61 1.16
C GLU B 741 58.83 -61.79 0.59
N ALA B 742 57.98 -62.43 -0.20
CA ALA B 742 56.89 -61.72 -0.82
C ALA B 742 55.81 -61.45 0.22
N LYS B 743 56.14 -61.69 1.48
CA LYS B 743 55.18 -61.41 2.54
C LYS B 743 55.13 -59.91 2.65
N PHE B 744 56.16 -59.26 2.17
CA PHE B 744 56.23 -57.80 2.23
C PHE B 744 55.44 -57.16 1.10
N ILE B 745 55.46 -57.73 -0.11
CA ILE B 745 54.68 -57.16 -1.21
C ILE B 745 53.19 -57.28 -0.91
N GLY B 746 52.75 -58.44 -0.40
CA GLY B 746 51.36 -58.59 -0.02
C GLY B 746 50.94 -57.57 1.01
N PHE B 747 51.80 -57.36 2.02
CA PHE B 747 51.50 -56.37 3.07
C PHE B 747 51.40 -54.99 2.48
N THR B 748 52.27 -54.67 1.52
CA THR B 748 52.21 -53.38 0.85
C THR B 748 50.88 -53.20 0.15
N MET B 749 50.46 -54.23 -0.60
CA MET B 749 49.20 -54.17 -1.32
C MET B 749 48.04 -53.99 -0.35
N TYR B 750 48.08 -54.73 0.76
CA TYR B 750 47.04 -54.64 1.78
C TYR B 750 46.96 -53.22 2.34
N THR B 751 48.10 -52.63 2.66
CA THR B 751 48.10 -51.30 3.24
C THR B 751 47.58 -50.28 2.23
N THR B 752 47.95 -50.44 0.97
CA THR B 752 47.46 -49.53 -0.08
C THR B 752 45.95 -49.62 -0.21
N CYS B 753 45.42 -50.84 -0.22
CA CYS B 753 43.98 -51.01 -0.30
C CYS B 753 43.28 -50.36 0.88
N ILE B 754 43.84 -50.54 2.08
CA ILE B 754 43.24 -49.92 3.27
C ILE B 754 43.27 -48.40 3.13
N ILE B 755 44.39 -47.86 2.65
CA ILE B 755 44.54 -46.41 2.50
C ILE B 755 43.47 -45.87 1.55
N TRP B 756 43.51 -46.33 0.36
CA TRP B 756 42.63 -45.69 -0.61
C TRP B 756 41.25 -46.07 -0.24
N LEU B 757 41.06 -47.30 0.02
CA LEU B 757 39.68 -47.58 0.28
C LEU B 757 39.22 -46.70 1.44
N ALA B 758 40.04 -46.08 2.28
CA ALA B 758 39.47 -45.20 3.36
C ALA B 758 39.34 -43.74 2.95
N PHE B 759 39.69 -43.41 1.71
CA PHE B 759 39.56 -42.01 1.19
C PHE B 759 38.16 -41.85 0.62
N LEU B 760 37.57 -42.97 0.18
CA LEU B 760 36.23 -42.90 -0.46
C LEU B 760 35.20 -42.33 0.51
N PRO B 761 35.14 -42.71 1.82
CA PRO B 761 34.21 -42.08 2.74
C PRO B 761 34.51 -40.59 2.89
N ILE B 762 35.78 -40.23 3.02
CA ILE B 762 36.12 -38.80 3.28
C ILE B 762 35.69 -37.93 2.10
N PHE B 763 35.78 -38.43 0.86
CA PHE B 763 35.48 -37.60 -0.32
C PHE B 763 34.04 -37.07 -0.29
N TYR B 764 33.05 -37.97 -0.32
CA TYR B 764 31.64 -37.52 -0.38
C TYR B 764 31.36 -36.58 0.78
N VAL B 765 31.93 -36.90 1.93
CA VAL B 765 31.73 -36.09 3.12
C VAL B 765 31.86 -34.61 2.77
N THR B 766 32.82 -34.28 1.89
CA THR B 766 33.09 -32.88 1.57
C THR B 766 33.22 -32.72 0.05
N SER B 767 32.13 -32.89 -0.69
CA SER B 767 32.25 -32.82 -2.14
C SER B 767 32.48 -31.39 -2.61
N SER B 768 32.23 -30.40 -1.75
CA SER B 768 32.45 -29.00 -2.02
C SER B 768 33.89 -28.64 -1.69
N ASP B 769 34.31 -27.42 -2.06
CA ASP B 769 35.71 -27.02 -1.91
C ASP B 769 36.64 -28.05 -2.54
N TYR B 770 36.57 -28.12 -3.88
CA TYR B 770 37.46 -29.01 -4.60
C TYR B 770 38.93 -28.76 -4.24
N ARG B 771 39.31 -27.50 -3.99
CA ARG B 771 40.69 -27.23 -3.60
C ARG B 771 41.14 -28.11 -2.43
N VAL B 772 40.29 -28.28 -1.41
CA VAL B 772 40.60 -29.21 -0.33
C VAL B 772 40.20 -30.64 -0.66
N GLN B 773 39.37 -30.83 -1.67
CA GLN B 773 39.03 -32.17 -2.14
C GLN B 773 40.25 -32.87 -2.69
N THR B 774 41.04 -32.15 -3.47
CA THR B 774 42.29 -32.68 -4.00
C THR B 774 43.44 -32.59 -3.00
N THR B 775 43.17 -32.96 -1.76
CA THR B 775 44.16 -33.00 -0.70
C THR B 775 44.11 -34.36 -0.02
N THR B 776 43.61 -35.34 -0.72
CA THR B 776 43.40 -36.73 -0.35
C THR B 776 43.94 -37.67 -1.42
N MET B 777 43.71 -37.36 -2.70
CA MET B 777 44.29 -38.13 -3.79
C MET B 777 45.80 -38.06 -3.74
N CYS B 778 46.34 -36.86 -3.55
CA CYS B 778 47.77 -36.70 -3.38
C CYS B 778 48.26 -37.51 -2.19
N VAL B 779 47.63 -37.32 -1.03
CA VAL B 779 48.20 -37.86 0.20
C VAL B 779 47.97 -39.36 0.29
N SER B 780 47.14 -39.91 -0.59
CA SER B 780 47.00 -41.36 -0.70
C SER B 780 48.00 -41.94 -1.69
N VAL B 781 48.19 -41.28 -2.83
CA VAL B 781 49.16 -41.76 -3.81
C VAL B 781 50.56 -41.73 -3.23
N SER B 782 50.91 -40.63 -2.56
CA SER B 782 52.22 -40.52 -1.95
C SER B 782 52.42 -41.59 -0.89
N LEU B 783 51.38 -41.87 -0.09
CA LEU B 783 51.50 -42.91 0.92
C LEU B 783 51.71 -44.28 0.29
N SER B 784 50.99 -44.58 -0.80
CA SER B 784 51.19 -45.85 -1.48
C SER B 784 52.62 -45.96 -2.02
N GLY B 785 53.11 -44.91 -2.66
CA GLY B 785 54.48 -44.91 -3.14
C GLY B 785 55.49 -45.10 -2.02
N SER B 786 55.29 -44.42 -0.90
CA SER B 786 56.21 -44.52 0.22
C SER B 786 56.18 -45.92 0.82
N VAL B 787 54.99 -46.52 0.89
CA VAL B 787 54.89 -47.89 1.38
C VAL B 787 55.67 -48.83 0.48
N VAL B 788 55.51 -48.69 -0.83
CA VAL B 788 56.23 -49.54 -1.78
C VAL B 788 57.74 -49.37 -1.61
N LEU B 789 58.21 -48.12 -1.56
CA LEU B 789 59.64 -47.86 -1.47
C LEU B 789 60.23 -48.43 -0.19
N GLY B 790 59.56 -48.21 0.94
CA GLY B 790 60.07 -48.69 2.21
C GLY B 790 60.07 -50.20 2.23
N CYS B 791 59.02 -50.79 1.66
CA CYS B 791 58.85 -52.23 1.69
C CYS B 791 59.94 -52.89 0.89
N LEU B 792 60.31 -52.30 -0.23
CA LEU B 792 61.19 -52.97 -1.16
C LEU B 792 62.64 -52.75 -0.76
N PHE B 793 62.95 -51.62 -0.13
CA PHE B 793 64.34 -51.24 0.09
C PHE B 793 64.84 -51.40 1.52
N ALA B 794 63.98 -51.43 2.54
CA ALA B 794 64.48 -51.46 3.91
C ALA B 794 65.32 -52.69 4.27
N PRO B 795 64.93 -53.94 3.94
CA PRO B 795 65.79 -55.08 4.30
C PRO B 795 67.18 -55.03 3.69
N LYS B 796 67.28 -54.60 2.43
CA LYS B 796 68.59 -54.51 1.80
C LYS B 796 69.46 -53.46 2.47
N LEU B 797 68.89 -52.31 2.82
CA LEU B 797 69.68 -51.30 3.54
C LEU B 797 70.09 -51.80 4.91
N HIS B 798 69.20 -52.55 5.57
CA HIS B 798 69.53 -53.12 6.86
C HIS B 798 70.72 -54.06 6.76
N ILE B 799 70.75 -54.89 5.71
CA ILE B 799 71.89 -55.79 5.55
C ILE B 799 73.14 -54.98 5.21
N ILE B 800 72.98 -53.96 4.36
CA ILE B 800 74.10 -53.16 3.87
C ILE B 800 74.81 -52.49 5.03
N LEU B 801 74.05 -51.99 5.99
CA LEU B 801 74.61 -51.21 7.08
C LEU B 801 75.05 -52.14 8.20
N PHE B 802 74.14 -52.98 8.71
CA PHE B 802 74.42 -53.70 9.94
C PHE B 802 75.37 -54.87 9.73
N GLN B 803 75.38 -55.52 8.56
CA GLN B 803 76.24 -56.69 8.42
C GLN B 803 77.14 -56.54 7.21
N PRO B 804 78.32 -57.17 7.23
CA PRO B 804 79.20 -57.10 6.05
C PRO B 804 78.63 -57.80 4.83
N GLN B 805 77.66 -58.70 5.00
CA GLN B 805 77.11 -59.45 3.88
C GLN B 805 76.33 -58.53 2.93
N GLU C . -36.15 16.82 -6.06
CA GLU C . -35.37 17.60 -7.02
C GLU C . -34.72 18.80 -6.29
O GLU C . -34.84 18.91 -5.06
CB GLU C . -36.26 18.06 -8.18
CG GLU C . -36.82 16.91 -8.95
CD GLU C . -38.24 17.14 -9.45
OE1 GLU C . -39.14 16.34 -9.10
OE2 GLU C . -38.43 18.13 -10.17
OXT GLU C . -34.09 19.61 -7.02
C1 NAG D . -21.48 -9.79 -0.31
C2 NAG D . -22.15 -11.06 -0.87
C3 NAG D . -22.70 -11.89 0.28
C4 NAG D . -21.58 -12.21 1.27
C5 NAG D . -20.94 -10.91 1.75
C6 NAG D . -19.75 -11.16 2.66
C7 NAG D . -23.69 -11.60 -2.70
C8 NAG D . -24.79 -11.08 -3.59
N2 NAG D . -23.21 -10.73 -1.81
O3 NAG D . -23.26 -13.10 -0.22
O4 NAG D . -22.10 -12.92 2.38
O5 NAG D . -20.45 -10.16 0.63
O6 NAG D . -19.20 -12.44 2.44
O7 NAG D . -23.26 -12.74 -2.80
N GLU E . -11.42 37.81 0.88
CA GLU E . -12.32 37.58 2.00
C GLU E . -13.57 36.84 1.49
O GLU E . -14.13 36.01 2.24
CB GLU E . -12.70 38.90 2.68
CG GLU E . -11.88 39.15 3.91
CD GLU E . -11.79 40.62 4.27
OE1 GLU E . -10.65 41.10 4.50
OE2 GLU E . -12.85 41.30 4.34
OXT GLU E . -13.95 37.13 0.33
C1 NAG F . 12.29 20.14 -3.79
C2 NAG F . 13.55 20.63 -3.07
C3 NAG F . 14.65 20.86 -4.10
C4 NAG F . 14.90 19.57 -4.87
C5 NAG F . 13.61 19.09 -5.53
C6 NAG F . 13.76 17.76 -6.23
C7 NAG F . 14.02 22.24 -1.27
C8 NAG F . 13.63 23.53 -0.62
N2 NAG F . 13.29 21.86 -2.34
O3 NAG F . 15.84 21.26 -3.44
O4 NAG F . 15.90 19.77 -5.86
O5 NAG F . 12.60 18.93 -4.51
O6 NAG F . 14.93 17.08 -5.80
O7 NAG F . 14.95 21.56 -0.86
N1 ZQY G . 42.49 -44.21 -8.02
N3 ZQY G . 43.62 -44.35 -10.17
C4 ZQY G . 40.57 -40.25 -9.82
C5 ZQY G . 40.08 -39.04 -9.79
C6 ZQY G . 39.30 -38.57 -8.58
C7 ZQY G . 40.93 -42.60 -8.73
C8 ZQY G . 42.29 -42.78 -8.05
C10 ZQY G . 44.02 -46.13 -8.49
C13 ZQY G . 43.54 -44.10 -12.94
C15 ZQY G . 43.97 -46.90 -7.32
C17 ZQY G . 43.77 -50.10 -6.30
C20 ZQY G . 40.33 -35.57 -9.35
C1 ZQY G . 39.10 -39.38 -7.56
O1 ZQY G . 44.70 -44.46 -12.25
S1 ZQY G . 45.60 -48.28 -8.77
C2 ZQY G . 39.69 -40.79 -7.60
N2 ZQY G . 45.09 -46.18 -10.65
O2 ZQY G . 38.79 -37.26 -8.56
C3 ZQY G . 40.34 -41.20 -8.66
N4 ZQY G . 40.51 -34.28 -9.34
N5 ZQY G . 41.06 -33.99 -10.56
N6 ZQY G . 41.18 -35.17 -11.25
N7 ZQY G . 40.69 -36.16 -10.45
C9 ZQY G . 43.41 -44.89 -8.91
C11 ZQY G . 44.88 -46.75 -9.42
C12 ZQY G . 44.45 -45.00 -10.98
C14 ZQY G . 44.72 -48.04 -7.28
C16 ZQY G . 44.78 -48.99 -6.08
C18 ZQY G . 43.90 -51.08 -5.15
C19 ZQY G . 39.72 -36.31 -8.15
#